data_8DZK
#
_entry.id   8DZK
#
_cell.length_a   73.272
_cell.length_b   143.341
_cell.length_c   214.006
_cell.angle_alpha   90.000
_cell.angle_beta   90.000
_cell.angle_gamma   90.000
#
_symmetry.space_group_name_H-M   'P 21 21 21'
#
loop_
_entity.id
_entity.type
_entity.pdbx_description
1 polymer 'RNA lariat debranching enzyme, putative'
2 polymer "RNA (5'-R(P*(G46)P*UP*GP*UP*U)-3')"
3 non-polymer 'FE (II) ION'
4 non-polymer 'ZINC ION'
5 non-polymer 'SULFATE ION'
6 water water
#
loop_
_entity_poly.entity_id
_entity_poly.type
_entity_poly.pdbx_seq_one_letter_code
_entity_poly.pdbx_strand_id
1 'polypeptide(L)'
;GAMATEQIQHIAIVGCVHGKYREMYRQLSEYEKSTGKEISFVICTGDMQTLRYEADLVYLKVPPKYKQMGDFHLYYEGKE
KAPYLTLFIGGNHESSNVLLHLYNGGFVCFNMYYLGVCSCININGLRIVGVSGIYKSFDEKKPYTYPPSPNDVVSLFHTR
NYVIQMLSNLSQSSQIDISLSHDWPQGIVMKGNYKQLYRFQPGFKKDGASLGSPINKVILNTLKPKYWISGHMHCEYHAE
EGPTHFIALGKIGYKNAISYLDLPLKQKTDLEYDKDWVCNLIMTWPAFSNKAQFPDLSYSISELLSKRTKELDKKIIELW
EKYIGLKIIYDSDTFDIQFTSRRFYIEKIYNELNIN
;
A,B,C,D,E
2 'polyribonucleotide' (G46)UGUU F,G,N,O,P
#
# COMPACT_ATOMS: atom_id res chain seq x y z
N GLN A 7 -4.35 -54.30 0.26
CA GLN A 7 -3.47 -53.22 -0.20
C GLN A 7 -2.14 -53.17 0.59
N ILE A 8 -1.02 -53.15 -0.12
CA ILE A 8 0.30 -53.40 0.47
C ILE A 8 1.29 -52.28 0.14
N GLN A 9 2.12 -51.92 1.11
CA GLN A 9 3.29 -51.08 0.87
C GLN A 9 4.54 -51.83 1.32
N HIS A 10 5.64 -51.62 0.61
CA HIS A 10 6.91 -52.27 0.90
C HIS A 10 7.90 -51.22 1.35
N ILE A 11 8.36 -51.36 2.58
CA ILE A 11 9.24 -50.40 3.22
C ILE A 11 10.59 -51.07 3.40
N ALA A 12 11.63 -50.45 2.85
CA ALA A 12 12.98 -50.96 3.06
C ALA A 12 13.48 -50.42 4.39
N ILE A 13 14.08 -51.30 5.19
CA ILE A 13 14.68 -50.93 6.47
C ILE A 13 16.16 -51.29 6.42
N VAL A 14 17.00 -50.33 6.77
CA VAL A 14 18.44 -50.43 6.59
C VAL A 14 19.11 -50.22 7.93
N GLY A 15 20.15 -50.97 8.19
CA GLY A 15 20.97 -50.76 9.36
C GLY A 15 21.92 -49.59 9.16
N CYS A 16 23.19 -49.82 9.42
CA CYS A 16 24.20 -48.78 9.28
C CYS A 16 24.55 -48.56 7.82
N VAL A 17 24.72 -47.30 7.42
CA VAL A 17 25.11 -46.96 6.06
C VAL A 17 26.59 -46.64 5.95
N HIS A 18 27.17 -45.99 6.97
CA HIS A 18 28.59 -45.63 7.01
C HIS A 18 29.08 -44.96 5.72
N GLY A 19 28.24 -44.10 5.17
CA GLY A 19 28.67 -43.30 4.02
C GLY A 19 28.58 -43.99 2.67
N LYS A 20 28.00 -45.19 2.60
CA LYS A 20 27.94 -45.96 1.36
C LYS A 20 26.57 -45.87 0.69
N TYR A 21 26.20 -44.65 0.30
CA TYR A 21 24.84 -44.42 -0.19
C TYR A 21 24.63 -45.04 -1.57
N ARG A 22 25.56 -44.82 -2.49
CA ARG A 22 25.44 -45.38 -3.84
C ARG A 22 25.23 -46.88 -3.79
N GLU A 23 26.00 -47.58 -2.94
CA GLU A 23 25.82 -49.02 -2.82
C GLU A 23 24.45 -49.36 -2.23
N MET A 24 23.98 -48.59 -1.24
CA MET A 24 22.67 -48.85 -0.66
C MET A 24 21.57 -48.71 -1.70
N TYR A 25 21.58 -47.62 -2.46
CA TYR A 25 20.53 -47.40 -3.45
C TYR A 25 20.63 -48.39 -4.60
N ARG A 26 21.87 -48.79 -4.94
CA ARG A 26 22.06 -49.86 -5.91
C ARG A 26 21.38 -51.14 -5.44
N GLN A 27 21.76 -51.61 -4.24
CA GLN A 27 21.07 -52.73 -3.62
C GLN A 27 19.55 -52.58 -3.65
N LEU A 28 19.04 -51.40 -3.34
CA LEU A 28 17.59 -51.21 -3.29
C LEU A 28 16.97 -51.23 -4.68
N SER A 29 17.64 -50.65 -5.67
CA SER A 29 17.08 -50.69 -7.02
C SER A 29 17.10 -52.10 -7.58
N GLU A 30 18.11 -52.90 -7.20
CA GLU A 30 18.11 -54.32 -7.58
C GLU A 30 16.85 -55.01 -7.10
N TYR A 31 16.53 -54.89 -5.80
CA TYR A 31 15.37 -55.58 -5.25
C TYR A 31 14.10 -55.16 -5.97
N GLU A 32 13.99 -53.87 -6.32
CA GLU A 32 12.83 -53.42 -7.08
C GLU A 32 12.76 -54.10 -8.46
N LYS A 33 13.90 -54.21 -9.14
CA LYS A 33 13.91 -54.87 -10.44
C LYS A 33 13.73 -56.38 -10.30
N SER A 34 14.47 -57.00 -9.39
CA SER A 34 14.44 -58.45 -9.26
C SER A 34 13.04 -58.96 -8.91
N THR A 35 12.44 -58.43 -7.85
CA THR A 35 11.17 -58.94 -7.36
C THR A 35 9.96 -58.25 -7.95
N GLY A 36 10.15 -57.17 -8.70
CA GLY A 36 9.02 -56.43 -9.26
C GLY A 36 8.19 -55.65 -8.27
N LYS A 37 8.58 -55.61 -6.99
CA LYS A 37 7.83 -54.87 -5.98
C LYS A 37 8.35 -53.44 -5.91
N GLU A 38 7.47 -52.52 -5.54
CA GLU A 38 7.84 -51.12 -5.41
C GLU A 38 8.09 -50.74 -3.95
N ILE A 39 9.24 -50.12 -3.71
CA ILE A 39 9.61 -49.59 -2.40
C ILE A 39 8.86 -48.28 -2.18
N SER A 40 8.02 -48.23 -1.15
CA SER A 40 7.37 -46.97 -0.77
C SER A 40 8.38 -45.95 -0.26
N PHE A 41 9.23 -46.36 0.67
CA PHE A 41 10.25 -45.46 1.20
C PHE A 41 11.24 -46.29 1.98
N VAL A 42 12.28 -45.62 2.44
CA VAL A 42 13.43 -46.22 3.10
C VAL A 42 13.54 -45.65 4.50
N ILE A 43 13.83 -46.52 5.45
CA ILE A 43 14.13 -46.13 6.82
C ILE A 43 15.53 -46.62 7.14
N CYS A 44 16.39 -45.73 7.63
CA CYS A 44 17.74 -46.09 8.03
C CYS A 44 17.91 -45.82 9.52
N THR A 45 18.53 -46.76 10.22
CA THR A 45 18.66 -46.64 11.67
C THR A 45 19.95 -45.95 12.11
N GLY A 46 20.70 -45.28 11.22
CA GLY A 46 21.72 -44.40 11.74
C GLY A 46 23.10 -44.69 11.18
N ASP A 47 24.08 -43.98 11.73
CA ASP A 47 25.47 -44.00 11.24
C ASP A 47 25.51 -43.58 9.77
N MET A 48 24.79 -42.47 9.49
CA MET A 48 24.61 -41.96 8.12
C MET A 48 25.78 -41.16 7.56
N GLN A 49 26.63 -40.58 8.42
CA GLN A 49 27.79 -39.80 7.99
C GLN A 49 27.45 -38.79 6.88
N THR A 50 26.55 -37.84 7.19
CA THR A 50 26.13 -36.84 6.20
C THR A 50 27.11 -35.66 6.15
N LEU A 51 28.34 -35.97 5.76
CA LEU A 51 29.39 -34.97 5.68
C LEU A 51 29.28 -34.16 4.38
N ARG A 52 29.02 -32.86 4.51
CA ARG A 52 28.76 -32.02 3.34
C ARG A 52 30.04 -31.79 2.54
N TYR A 53 31.16 -31.56 3.24
CA TYR A 53 32.44 -31.30 2.62
C TYR A 53 33.52 -31.61 3.66
N GLU A 54 34.79 -31.41 3.25
CA GLU A 54 35.95 -31.85 4.03
C GLU A 54 35.91 -31.32 5.46
N ALA A 55 35.54 -30.05 5.62
CA ALA A 55 35.57 -29.44 6.95
C ALA A 55 34.69 -30.19 7.96
N ASP A 56 33.67 -30.91 7.50
CA ASP A 56 32.78 -31.61 8.43
C ASP A 56 33.43 -32.84 9.06
N LEU A 57 34.60 -33.25 8.56
CA LEU A 57 35.27 -34.42 9.10
C LEU A 57 35.64 -34.24 10.57
N VAL A 58 35.83 -33.00 11.03
CA VAL A 58 36.17 -32.78 12.43
C VAL A 58 35.04 -33.23 13.35
N TYR A 59 33.81 -33.32 12.87
CA TYR A 59 32.67 -33.70 13.70
C TYR A 59 32.33 -35.18 13.63
N LEU A 60 33.10 -35.95 12.89
CA LEU A 60 32.87 -37.38 12.75
C LEU A 60 33.76 -38.09 13.76
N LYS A 61 33.16 -38.65 14.81
CA LYS A 61 33.88 -39.40 15.82
C LYS A 61 34.02 -40.83 15.31
N VAL A 62 35.19 -41.15 14.77
CA VAL A 62 35.52 -42.50 14.27
C VAL A 62 36.98 -42.78 14.58
N PRO A 63 37.38 -44.05 14.56
CA PRO A 63 38.82 -44.34 14.57
C PRO A 63 39.47 -43.83 13.30
N PRO A 64 40.76 -43.48 13.35
CA PRO A 64 41.37 -42.76 12.21
C PRO A 64 41.19 -43.44 10.86
N LYS A 65 41.24 -44.77 10.80
CA LYS A 65 41.05 -45.47 9.53
C LYS A 65 39.68 -45.22 8.92
N TYR A 66 38.73 -44.70 9.69
CA TYR A 66 37.40 -44.44 9.15
C TYR A 66 37.10 -42.95 8.97
N LYS A 67 38.11 -42.09 9.08
CA LYS A 67 37.96 -40.66 8.78
C LYS A 67 37.93 -40.48 7.27
N GLN A 68 36.78 -40.78 6.66
CA GLN A 68 36.58 -40.72 5.23
C GLN A 68 35.29 -39.96 4.95
N MET A 69 35.21 -39.36 3.77
CA MET A 69 34.04 -38.55 3.43
C MET A 69 32.81 -39.41 3.13
N GLY A 70 33.00 -40.59 2.54
CA GLY A 70 31.85 -41.32 2.08
C GLY A 70 31.26 -40.68 0.83
N ASP A 71 30.01 -41.06 0.56
CA ASP A 71 29.26 -40.72 -0.65
C ASP A 71 28.30 -39.55 -0.48
N PHE A 72 27.96 -39.19 0.76
CA PHE A 72 26.86 -38.25 0.97
C PHE A 72 27.09 -36.94 0.23
N HIS A 73 28.33 -36.45 0.20
CA HIS A 73 28.56 -35.17 -0.46
C HIS A 73 28.13 -35.18 -1.92
N LEU A 74 28.09 -36.35 -2.56
CA LEU A 74 27.60 -36.42 -3.93
C LEU A 74 26.12 -36.06 -3.98
N TYR A 75 25.36 -36.53 -2.99
CA TYR A 75 23.93 -36.24 -2.98
C TYR A 75 23.69 -34.81 -2.55
N TYR A 76 24.49 -34.32 -1.60
CA TYR A 76 24.40 -32.94 -1.16
C TYR A 76 24.67 -31.98 -2.30
N GLU A 77 25.65 -32.29 -3.16
CA GLU A 77 26.00 -31.46 -4.31
C GLU A 77 25.04 -31.61 -5.49
N GLY A 78 24.15 -32.60 -5.47
CA GLY A 78 23.28 -32.85 -6.60
C GLY A 78 23.88 -33.69 -7.70
N LYS A 79 25.13 -34.16 -7.53
CA LYS A 79 25.71 -35.12 -8.48
C LYS A 79 24.88 -36.39 -8.57
N GLU A 80 24.43 -36.90 -7.43
CA GLU A 80 23.52 -38.04 -7.34
C GLU A 80 22.17 -37.58 -6.80
N LYS A 81 21.14 -38.36 -7.10
CA LYS A 81 19.79 -38.07 -6.61
C LYS A 81 19.27 -39.33 -5.95
N ALA A 82 18.85 -39.21 -4.70
CA ALA A 82 18.39 -40.39 -3.96
C ALA A 82 17.09 -40.86 -4.59
N PRO A 83 17.00 -42.11 -5.04
CA PRO A 83 15.80 -42.54 -5.78
C PRO A 83 14.56 -42.73 -4.90
N TYR A 84 14.69 -42.92 -3.59
CA TYR A 84 13.54 -43.10 -2.72
C TYR A 84 13.61 -42.16 -1.54
N LEU A 85 12.44 -41.79 -1.01
CA LEU A 85 12.40 -41.02 0.21
C LEU A 85 13.05 -41.84 1.33
N THR A 86 14.07 -41.28 1.97
CA THR A 86 14.85 -41.98 2.98
C THR A 86 14.70 -41.22 4.30
N LEU A 87 14.10 -41.87 5.30
CA LEU A 87 13.97 -41.32 6.65
C LEU A 87 15.05 -41.93 7.53
N PHE A 88 15.70 -41.11 8.35
CA PHE A 88 16.78 -41.68 9.15
C PHE A 88 16.92 -40.97 10.49
N ILE A 89 17.54 -41.67 11.43
CA ILE A 89 17.95 -41.08 12.69
C ILE A 89 19.47 -41.00 12.69
N GLY A 90 20.02 -40.33 13.69
CA GLY A 90 21.46 -40.30 13.86
C GLY A 90 21.96 -41.45 14.71
N GLY A 91 23.21 -41.86 14.45
CA GLY A 91 23.85 -42.93 15.19
C GLY A 91 25.02 -42.37 15.96
N ASN A 92 26.09 -43.14 16.12
CA ASN A 92 27.30 -42.62 16.76
C ASN A 92 28.35 -42.17 15.74
N HIS A 93 28.15 -42.40 14.45
CA HIS A 93 29.05 -41.97 13.38
C HIS A 93 28.30 -40.97 12.50
N GLU A 94 28.35 -39.68 12.86
CA GLU A 94 27.56 -38.69 12.16
C GLU A 94 28.38 -37.42 11.97
N SER A 95 27.96 -36.61 11.01
CA SER A 95 28.37 -35.20 10.97
C SER A 95 27.55 -34.50 12.04
N SER A 96 28.00 -34.57 13.28
CA SER A 96 27.13 -34.20 14.39
C SER A 96 26.72 -32.73 14.38
N ASN A 97 27.54 -31.86 13.76
CA ASN A 97 27.19 -30.45 13.64
C ASN A 97 25.95 -30.26 12.77
N VAL A 98 25.89 -30.96 11.64
CA VAL A 98 24.72 -30.89 10.77
C VAL A 98 23.47 -31.33 11.51
N LEU A 99 23.56 -32.45 12.25
CA LEU A 99 22.37 -32.96 12.94
C LEU A 99 21.91 -32.03 14.05
N LEU A 100 22.85 -31.35 14.75
CA LEU A 100 22.44 -30.40 15.79
C LEU A 100 21.71 -29.20 15.19
N HIS A 101 22.17 -28.67 14.05
CA HIS A 101 21.40 -27.64 13.37
C HIS A 101 19.99 -28.13 13.08
N LEU A 102 19.87 -29.42 12.77
CA LEU A 102 18.60 -30.02 12.42
C LEU A 102 18.01 -30.85 13.57
N TYR A 103 18.26 -30.43 14.82
CA TYR A 103 17.78 -31.24 15.95
C TYR A 103 16.27 -31.37 15.96
N ASN A 104 15.57 -30.40 15.39
CA ASN A 104 14.14 -30.48 15.15
C ASN A 104 13.80 -31.13 13.81
N GLY A 105 14.72 -31.85 13.21
CA GLY A 105 14.44 -32.54 11.96
C GLY A 105 14.64 -31.65 10.74
N GLY A 106 14.78 -32.30 9.59
CA GLY A 106 14.85 -31.60 8.32
C GLY A 106 15.52 -32.45 7.26
N PHE A 107 15.41 -31.97 6.02
CA PHE A 107 16.07 -32.60 4.88
C PHE A 107 17.53 -32.20 4.85
N VAL A 108 18.43 -33.20 4.77
CA VAL A 108 19.83 -32.88 4.57
C VAL A 108 20.14 -32.72 3.09
N CYS A 109 19.29 -33.23 2.22
CA CYS A 109 19.32 -33.07 0.77
C CYS A 109 18.03 -33.70 0.27
N PHE A 110 17.84 -33.64 -1.05
CA PHE A 110 16.61 -34.15 -1.64
C PHE A 110 16.38 -35.60 -1.24
N ASN A 111 15.14 -35.90 -0.84
CA ASN A 111 14.67 -37.26 -0.53
C ASN A 111 15.34 -37.88 0.70
N MET A 112 16.09 -37.11 1.48
CA MET A 112 16.79 -37.61 2.66
C MET A 112 16.39 -36.76 3.87
N TYR A 113 15.48 -37.29 4.71
CA TYR A 113 14.89 -36.55 5.81
C TYR A 113 15.41 -37.08 7.16
N TYR A 114 16.00 -36.19 7.95
CA TYR A 114 16.50 -36.51 9.28
C TYR A 114 15.38 -36.28 10.28
N LEU A 115 15.09 -37.28 11.12
CA LEU A 115 13.98 -37.12 12.06
C LEU A 115 14.31 -36.20 13.23
N GLY A 116 15.58 -35.82 13.43
CA GLY A 116 15.95 -34.99 14.56
C GLY A 116 16.43 -35.82 15.73
N VAL A 117 16.70 -35.12 16.84
CA VAL A 117 17.10 -35.79 18.08
C VAL A 117 16.06 -36.84 18.44
N CYS A 118 14.79 -36.47 18.37
CA CYS A 118 13.69 -37.42 18.43
C CYS A 118 12.48 -36.73 17.81
N SER A 119 11.54 -37.51 17.31
CA SER A 119 10.29 -36.96 16.80
C SER A 119 9.36 -38.07 16.35
N CYS A 120 8.17 -37.69 15.91
CA CYS A 120 7.26 -38.62 15.28
C CYS A 120 6.81 -37.99 13.98
N ILE A 121 6.75 -38.79 12.91
CA ILE A 121 6.24 -38.32 11.63
C ILE A 121 5.11 -39.24 11.17
N ASN A 122 4.39 -38.77 10.15
CA ASN A 122 3.31 -39.51 9.51
C ASN A 122 3.65 -39.75 8.06
N ILE A 123 3.45 -41.00 7.61
CA ILE A 123 3.60 -41.31 6.20
C ILE A 123 2.77 -42.54 5.85
N ASN A 124 1.99 -42.47 4.75
CA ASN A 124 1.18 -43.58 4.28
C ASN A 124 0.34 -44.18 5.39
N GLY A 125 -0.22 -43.34 6.25
CA GLY A 125 -1.03 -43.81 7.35
C GLY A 125 -0.27 -44.32 8.57
N LEU A 126 1.05 -44.27 8.54
CA LEU A 126 1.89 -44.82 9.60
C LEU A 126 2.44 -43.70 10.46
N ARG A 127 2.57 -43.97 11.76
CA ARG A 127 3.23 -43.07 12.70
C ARG A 127 4.58 -43.68 13.04
N ILE A 128 5.65 -42.92 12.84
CA ILE A 128 7.00 -43.44 12.97
C ILE A 128 7.77 -42.56 13.96
N VAL A 129 8.34 -43.18 14.98
CA VAL A 129 9.04 -42.48 16.04
C VAL A 129 10.53 -42.79 15.90
N GLY A 130 11.36 -41.79 16.06
CA GLY A 130 12.80 -41.99 15.98
C GLY A 130 13.48 -41.46 17.22
N VAL A 131 14.49 -42.18 17.69
CA VAL A 131 15.33 -41.77 18.81
C VAL A 131 16.77 -41.84 18.31
N SER A 132 17.45 -40.69 18.26
CA SER A 132 18.80 -40.66 17.69
C SER A 132 19.84 -40.96 18.76
N GLY A 133 21.02 -41.40 18.31
CA GLY A 133 22.21 -41.47 19.14
C GLY A 133 22.38 -42.81 19.83
N ILE A 134 23.42 -42.88 20.66
CA ILE A 134 23.66 -44.06 21.48
C ILE A 134 23.81 -43.64 22.94
N TYR A 135 23.59 -44.59 23.83
CA TYR A 135 23.47 -44.27 25.24
C TYR A 135 24.85 -44.28 25.90
N LYS A 136 25.16 -43.21 26.63
CA LYS A 136 26.25 -43.20 27.60
C LYS A 136 25.72 -42.52 28.87
N SER A 137 25.72 -43.26 29.98
CA SER A 137 25.18 -42.73 31.24
C SER A 137 25.75 -41.36 31.58
N PHE A 138 27.05 -41.16 31.35
CA PHE A 138 27.68 -39.94 31.85
C PHE A 138 27.30 -38.70 31.04
N ASP A 139 26.58 -38.85 29.92
CA ASP A 139 26.16 -37.70 29.11
C ASP A 139 24.65 -37.53 29.06
N GLU A 140 23.88 -38.44 29.64
CA GLU A 140 22.44 -38.43 29.40
C GLU A 140 21.73 -37.24 30.04
N LYS A 141 22.41 -36.47 30.88
CA LYS A 141 21.84 -35.28 31.49
C LYS A 141 22.43 -34.00 30.94
N LYS A 142 23.36 -34.09 30.01
CA LYS A 142 24.00 -32.91 29.49
C LYS A 142 23.09 -32.17 28.51
N PRO A 143 23.10 -30.85 28.54
CA PRO A 143 22.36 -30.08 27.54
C PRO A 143 23.11 -30.11 26.22
N TYR A 144 22.42 -29.66 25.18
CA TYR A 144 23.09 -29.32 23.93
C TYR A 144 23.55 -27.87 23.99
N THR A 145 24.76 -27.61 23.52
CA THR A 145 25.26 -26.26 23.40
C THR A 145 25.37 -25.91 21.92
N TYR A 146 24.92 -24.70 21.56
CA TYR A 146 24.80 -24.24 20.19
C TYR A 146 25.37 -22.83 20.06
N PRO A 147 26.13 -22.54 18.99
CA PRO A 147 26.44 -23.36 17.79
C PRO A 147 27.36 -24.54 18.10
N PRO A 148 27.45 -25.55 17.23
CA PRO A 148 28.34 -26.67 17.55
C PRO A 148 29.80 -26.25 17.46
N SER A 149 30.59 -26.73 18.41
CA SER A 149 32.03 -26.51 18.42
C SER A 149 32.75 -27.86 18.34
N PRO A 150 33.97 -27.88 17.78
CA PRO A 150 34.67 -29.16 17.57
C PRO A 150 34.86 -30.01 18.82
N ASN A 151 35.00 -29.41 20.00
CA ASN A 151 35.20 -30.19 21.21
C ASN A 151 34.04 -31.14 21.47
N ASP A 152 32.80 -30.72 21.19
CA ASP A 152 31.65 -31.61 21.47
C ASP A 152 31.55 -32.77 20.53
N VAL A 153 32.53 -33.00 19.66
CA VAL A 153 32.47 -34.13 18.73
C VAL A 153 32.24 -35.43 19.50
N VAL A 154 32.77 -35.53 20.71
CA VAL A 154 32.71 -36.77 21.47
C VAL A 154 31.37 -36.98 22.18
N SER A 155 30.56 -35.94 22.35
CA SER A 155 29.34 -36.04 23.16
C SER A 155 28.05 -35.74 22.41
N LEU A 156 28.14 -35.07 21.25
CA LEU A 156 26.94 -34.61 20.54
C LEU A 156 25.98 -35.74 20.21
N PHE A 157 26.47 -36.95 19.98
CA PHE A 157 25.64 -38.07 19.53
C PHE A 157 25.17 -38.99 20.67
N HIS A 158 25.36 -38.62 21.93
CA HIS A 158 24.90 -39.43 23.05
C HIS A 158 23.45 -39.08 23.38
N THR A 159 22.61 -40.10 23.50
CA THR A 159 21.19 -39.87 23.71
C THR A 159 20.96 -39.26 25.09
N ARG A 160 20.10 -38.24 25.15
CA ARG A 160 19.78 -37.57 26.40
C ARG A 160 18.51 -38.16 26.97
N ASN A 161 18.47 -38.25 28.30
CA ASN A 161 17.34 -38.83 28.99
C ASN A 161 16.04 -38.08 28.69
N TYR A 162 16.12 -36.76 28.41
CA TYR A 162 14.89 -35.99 28.23
C TYR A 162 14.04 -36.47 27.05
N VAL A 163 14.59 -37.22 26.08
CA VAL A 163 13.71 -37.67 25.01
C VAL A 163 12.62 -38.61 25.54
N ILE A 164 12.86 -39.24 26.70
CA ILE A 164 11.85 -40.14 27.27
C ILE A 164 10.58 -39.36 27.58
N GLN A 165 10.73 -38.17 28.19
CA GLN A 165 9.58 -37.34 28.52
C GLN A 165 8.96 -36.68 27.29
N MET A 166 9.76 -36.33 26.27
CA MET A 166 9.18 -35.79 25.04
C MET A 166 8.31 -36.80 24.32
N LEU A 167 8.66 -38.08 24.41
CA LEU A 167 8.01 -39.05 23.55
C LEU A 167 6.93 -39.85 24.26
N SER A 168 6.87 -39.79 25.59
CA SER A 168 6.12 -40.81 26.34
C SER A 168 4.61 -40.71 26.14
N ASN A 169 4.07 -39.54 25.86
CA ASN A 169 2.63 -39.42 25.64
C ASN A 169 2.18 -39.76 24.21
N LEU A 170 3.08 -40.23 23.34
CA LEU A 170 2.74 -40.21 21.91
C LEU A 170 1.79 -41.32 21.48
N SER A 171 1.55 -42.34 22.30
CA SER A 171 0.60 -43.38 21.93
C SER A 171 -0.76 -43.22 22.64
N GLN A 172 -1.05 -42.04 23.18
CA GLN A 172 -2.37 -41.79 23.77
C GLN A 172 -3.47 -41.87 22.72
N SER A 173 -3.34 -41.11 21.63
CA SER A 173 -4.41 -41.03 20.63
C SER A 173 -4.48 -42.29 19.77
N SER A 174 -3.32 -42.85 19.43
CA SER A 174 -3.27 -43.98 18.52
C SER A 174 -1.91 -44.63 18.64
N GLN A 175 -1.80 -45.79 18.03
CA GLN A 175 -0.59 -46.59 18.16
C GLN A 175 0.56 -46.00 17.32
N ILE A 176 1.76 -46.38 17.71
CA ILE A 176 2.98 -46.12 16.95
C ILE A 176 3.23 -47.36 16.10
N ASP A 177 3.32 -47.18 14.79
CA ASP A 177 3.56 -48.30 13.90
C ASP A 177 5.01 -48.76 13.94
N ILE A 178 5.94 -47.83 13.86
CA ILE A 178 7.37 -48.14 13.75
C ILE A 178 8.13 -47.21 14.68
N SER A 179 9.05 -47.77 15.46
CA SER A 179 9.98 -46.96 16.23
C SER A 179 11.40 -47.36 15.81
N LEU A 180 12.29 -46.37 15.72
CA LEU A 180 13.66 -46.59 15.30
C LEU A 180 14.62 -46.12 16.37
N SER A 181 15.73 -46.84 16.49
CA SER A 181 16.80 -46.36 17.34
C SER A 181 18.09 -46.91 16.77
N HIS A 182 19.20 -46.27 17.14
CA HIS A 182 20.44 -46.80 16.63
C HIS A 182 20.92 -47.98 17.49
N ASP A 183 21.17 -47.74 18.78
CA ASP A 183 21.54 -48.90 19.58
C ASP A 183 20.28 -49.64 20.06
N TRP A 184 20.46 -50.92 20.41
CA TRP A 184 19.31 -51.76 20.75
C TRP A 184 18.69 -51.32 22.08
N PRO A 185 17.38 -51.48 22.24
CA PRO A 185 16.77 -51.33 23.57
C PRO A 185 17.35 -52.35 24.56
N GLN A 186 17.71 -51.88 25.75
CA GLN A 186 18.41 -52.75 26.70
C GLN A 186 17.56 -53.96 27.08
N GLY A 187 18.20 -55.13 27.10
CA GLY A 187 17.55 -56.35 27.54
C GLY A 187 16.82 -57.10 26.45
N ILE A 188 16.55 -56.47 25.31
CA ILE A 188 15.84 -57.18 24.26
C ILE A 188 16.68 -58.28 23.65
N VAL A 189 17.99 -58.27 23.87
CA VAL A 189 18.81 -59.38 23.39
C VAL A 189 18.31 -60.70 23.97
N MET A 190 17.80 -60.68 25.21
CA MET A 190 17.33 -61.92 25.81
C MET A 190 16.00 -62.41 25.24
N LYS A 191 15.30 -61.63 24.42
CA LYS A 191 13.96 -62.02 24.00
C LYS A 191 13.92 -62.68 22.63
N GLY A 192 15.06 -63.03 22.08
CA GLY A 192 15.09 -63.82 20.85
C GLY A 192 16.02 -64.98 21.03
N ASN A 193 16.51 -65.55 19.93
CA ASN A 193 17.40 -66.71 19.97
C ASN A 193 18.81 -66.23 20.25
N TYR A 194 19.05 -65.85 21.52
CA TYR A 194 20.35 -65.29 21.88
C TYR A 194 21.45 -66.33 21.84
N LYS A 195 21.12 -67.59 22.10
CA LYS A 195 22.09 -68.67 21.98
C LYS A 195 22.69 -68.73 20.56
N GLN A 196 21.83 -68.67 19.54
CA GLN A 196 22.32 -68.58 18.17
C GLN A 196 23.10 -67.28 17.95
N LEU A 197 22.60 -66.17 18.52
CA LEU A 197 23.28 -64.89 18.34
C LEU A 197 24.67 -64.92 18.96
N TYR A 198 24.81 -65.56 20.13
CA TYR A 198 26.12 -65.62 20.77
C TYR A 198 27.11 -66.48 19.99
N ARG A 199 26.61 -67.40 19.16
CA ARG A 199 27.51 -68.19 18.32
C ARG A 199 28.11 -67.35 17.19
N PHE A 200 27.36 -66.36 16.68
CA PHE A 200 27.86 -65.47 15.64
C PHE A 200 28.57 -64.24 16.20
N GLN A 201 28.21 -63.80 17.41
CA GLN A 201 28.84 -62.64 18.06
C GLN A 201 29.17 -63.00 19.50
N PRO A 202 30.20 -63.83 19.71
CA PRO A 202 30.53 -64.24 21.08
C PRO A 202 30.89 -63.08 22.00
N GLY A 203 31.23 -61.91 21.44
CA GLY A 203 31.53 -60.75 22.25
C GLY A 203 30.34 -60.16 22.98
N PHE A 204 29.11 -60.49 22.54
CA PHE A 204 27.90 -59.97 23.18
C PHE A 204 27.60 -60.70 24.49
N LYS A 205 27.99 -61.96 24.60
CA LYS A 205 27.52 -62.79 25.71
C LYS A 205 27.85 -62.17 27.05
N LYS A 206 29.07 -61.63 27.18
CA LYS A 206 29.51 -61.06 28.45
C LYS A 206 28.63 -59.91 28.92
N ASP A 207 27.97 -59.21 27.99
CA ASP A 207 27.13 -58.10 28.42
C ASP A 207 25.82 -58.58 29.02
N GLY A 208 25.38 -59.80 28.69
CA GLY A 208 24.14 -60.31 29.24
C GLY A 208 22.96 -59.43 28.86
N ALA A 209 21.96 -59.41 29.76
CA ALA A 209 20.77 -58.62 29.53
C ALA A 209 21.02 -57.12 29.60
N SER A 210 22.20 -56.68 30.05
CA SER A 210 22.48 -55.26 30.09
C SER A 210 22.82 -54.66 28.72
N LEU A 211 22.93 -55.48 27.68
CA LEU A 211 23.31 -54.98 26.36
C LEU A 211 22.21 -54.06 25.81
N GLY A 212 22.61 -52.90 25.31
CA GLY A 212 21.66 -51.97 24.72
C GLY A 212 21.40 -50.77 25.61
N SER A 213 20.46 -49.93 25.17
CA SER A 213 20.30 -48.61 25.78
C SER A 213 19.12 -48.62 26.72
N PRO A 214 19.29 -48.24 27.98
CA PRO A 214 18.13 -48.17 28.89
C PRO A 214 17.10 -47.13 28.50
N ILE A 215 17.52 -46.03 27.87
CA ILE A 215 16.55 -45.05 27.37
C ILE A 215 15.60 -45.70 26.37
N ASN A 216 16.16 -46.47 25.43
CA ASN A 216 15.33 -47.11 24.41
C ASN A 216 14.45 -48.20 25.01
N LYS A 217 14.96 -48.91 26.02
CA LYS A 217 14.14 -49.88 26.75
C LYS A 217 12.89 -49.22 27.30
N VAL A 218 13.05 -48.09 27.98
CA VAL A 218 11.90 -47.40 28.55
C VAL A 218 10.94 -46.98 27.45
N ILE A 219 11.46 -46.38 26.37
CA ILE A 219 10.58 -45.89 25.31
C ILE A 219 9.82 -47.05 24.68
N LEU A 220 10.50 -48.18 24.45
CA LEU A 220 9.83 -49.37 23.94
C LEU A 220 8.69 -49.81 24.84
N ASN A 221 8.95 -49.87 26.16
CA ASN A 221 7.94 -50.35 27.09
C ASN A 221 6.76 -49.38 27.18
N THR A 222 7.01 -48.08 27.08
CA THR A 222 5.93 -47.10 27.20
C THR A 222 5.05 -47.04 25.96
N LEU A 223 5.65 -47.05 24.76
CA LEU A 223 4.88 -46.87 23.53
C LEU A 223 4.42 -48.18 22.91
N LYS A 224 5.12 -49.27 23.16
CA LYS A 224 4.82 -50.58 22.58
C LYS A 224 4.50 -50.53 21.08
N PRO A 225 5.42 -50.03 20.26
CA PRO A 225 5.13 -49.95 18.81
C PRO A 225 4.98 -51.33 18.20
N LYS A 226 4.28 -51.39 17.07
CA LYS A 226 4.20 -52.64 16.33
C LYS A 226 5.60 -53.16 15.99
N TYR A 227 6.49 -52.26 15.55
CA TYR A 227 7.86 -52.62 15.23
C TYR A 227 8.87 -51.70 15.91
N TRP A 228 9.98 -52.30 16.36
CA TRP A 228 11.14 -51.54 16.78
C TRP A 228 12.32 -52.00 15.95
N ILE A 229 12.99 -51.06 15.30
CA ILE A 229 14.12 -51.35 14.42
C ILE A 229 15.36 -50.69 15.00
N SER A 230 16.49 -51.41 14.99
CA SER A 230 17.75 -50.84 15.42
C SER A 230 18.88 -51.35 14.52
N GLY A 231 20.05 -50.71 14.66
CA GLY A 231 21.27 -51.09 13.95
C GLY A 231 22.40 -51.29 14.94
N HIS A 232 23.56 -50.74 14.60
CA HIS A 232 24.72 -50.51 15.47
C HIS A 232 25.53 -51.75 15.85
N MET A 233 24.96 -52.93 15.72
CA MET A 233 25.61 -54.14 16.22
C MET A 233 26.16 -54.97 15.08
N HIS A 234 25.92 -54.53 13.84
CA HIS A 234 26.44 -55.15 12.62
C HIS A 234 26.07 -56.64 12.55
N CYS A 235 24.78 -56.92 12.73
CA CYS A 235 24.29 -58.28 12.70
C CYS A 235 22.77 -58.26 12.61
N GLU A 236 22.21 -59.32 12.01
CA GLU A 236 20.76 -59.50 12.01
C GLU A 236 20.27 -60.09 13.33
N TYR A 237 19.10 -59.63 13.77
CA TYR A 237 18.49 -60.24 14.94
C TYR A 237 17.00 -59.94 14.92
N HIS A 238 16.23 -60.84 15.50
CA HIS A 238 14.80 -60.67 15.67
C HIS A 238 14.45 -61.05 17.11
N ALA A 239 13.43 -60.41 17.65
CA ALA A 239 12.94 -60.73 18.97
C ALA A 239 11.56 -60.15 19.12
N GLU A 240 10.86 -60.57 20.17
CA GLU A 240 9.51 -60.11 20.44
C GLU A 240 9.43 -59.71 21.90
N GLU A 241 9.08 -58.46 22.15
CA GLU A 241 8.84 -57.95 23.49
C GLU A 241 7.36 -57.61 23.57
N GLY A 242 6.57 -58.50 24.18
CA GLY A 242 5.14 -58.34 24.17
C GLY A 242 4.64 -58.22 22.76
N PRO A 243 3.82 -57.20 22.49
CA PRO A 243 3.28 -57.00 21.14
C PRO A 243 4.26 -56.42 20.13
N THR A 244 5.53 -56.18 20.47
CA THR A 244 6.46 -55.46 19.61
C THR A 244 7.41 -56.43 18.92
N HIS A 245 7.48 -56.35 17.59
CA HIS A 245 8.48 -57.09 16.82
C HIS A 245 9.75 -56.25 16.73
N PHE A 246 10.86 -56.79 17.23
CA PHE A 246 12.14 -56.12 17.20
C PHE A 246 12.96 -56.68 16.05
N ILE A 247 13.57 -55.79 15.26
CA ILE A 247 14.41 -56.17 14.15
C ILE A 247 15.69 -55.36 14.22
N ALA A 248 16.82 -56.04 14.33
CA ALA A 248 18.13 -55.42 14.24
C ALA A 248 18.76 -55.74 12.89
N LEU A 249 19.50 -54.78 12.33
CA LEU A 249 20.05 -54.86 10.97
C LEU A 249 21.56 -54.62 10.97
N GLY A 250 22.22 -55.10 9.92
CA GLY A 250 23.66 -54.99 9.76
C GLY A 250 24.07 -53.71 9.05
N LYS A 251 25.32 -53.67 8.60
CA LYS A 251 25.86 -52.50 7.92
C LYS A 251 25.95 -52.75 6.41
N ILE A 252 25.67 -51.69 5.65
CA ILE A 252 25.67 -51.79 4.19
C ILE A 252 26.99 -52.37 3.71
N GLY A 253 26.91 -53.26 2.74
CA GLY A 253 28.04 -54.05 2.30
C GLY A 253 27.92 -55.52 2.63
N TYR A 254 27.10 -55.87 3.62
CA TYR A 254 26.90 -57.26 4.01
C TYR A 254 25.44 -57.65 3.81
N LYS A 255 25.21 -58.96 3.86
CA LYS A 255 23.89 -59.51 3.54
C LYS A 255 22.82 -58.97 4.49
N ASN A 256 23.16 -58.84 5.78
CA ASN A 256 22.20 -58.62 6.83
C ASN A 256 21.83 -57.14 7.03
N ALA A 257 22.14 -56.29 6.04
CA ALA A 257 22.02 -54.85 6.22
C ALA A 257 20.67 -54.29 5.83
N ILE A 258 19.94 -54.95 4.95
CA ILE A 258 18.66 -54.45 4.46
C ILE A 258 17.62 -55.54 4.61
N SER A 259 16.42 -55.15 5.04
CA SER A 259 15.28 -56.03 5.01
C SER A 259 14.09 -55.22 4.53
N TYR A 260 12.92 -55.84 4.50
CA TYR A 260 11.73 -55.17 3.97
C TYR A 260 10.55 -55.52 4.84
N LEU A 261 9.71 -54.52 5.09
CA LEU A 261 8.46 -54.70 5.81
C LEU A 261 7.35 -54.52 4.79
N ASP A 262 6.51 -55.54 4.65
CA ASP A 262 5.36 -55.44 3.75
C ASP A 262 4.16 -55.27 4.66
N LEU A 263 3.69 -54.03 4.79
CA LEU A 263 2.63 -53.66 5.71
C LEU A 263 1.39 -53.23 4.96
N PRO A 264 0.21 -53.36 5.59
CA PRO A 264 -1.01 -52.85 4.97
C PRO A 264 -0.87 -51.37 4.67
N LEU A 265 -1.36 -50.98 3.50
CA LEU A 265 -1.38 -49.58 3.07
C LEU A 265 -2.83 -49.13 3.17
N LYS A 266 -3.14 -48.37 4.21
CA LYS A 266 -4.50 -47.89 4.43
C LYS A 266 -4.87 -46.81 3.42
N GLN A 267 -3.91 -45.92 3.09
CA GLN A 267 -4.02 -44.85 2.09
C GLN A 267 -2.64 -44.26 1.83
N LYS A 268 -2.34 -43.90 0.58
CA LYS A 268 -1.07 -43.27 0.24
C LYS A 268 -1.13 -41.80 0.62
N THR A 269 -0.12 -41.34 1.38
CA THR A 269 -0.14 -39.97 1.89
C THR A 269 1.30 -39.49 2.07
N ASP A 270 1.56 -38.26 1.64
CA ASP A 270 2.90 -37.71 1.69
C ASP A 270 3.38 -37.59 3.15
N LEU A 271 4.71 -37.54 3.29
CA LEU A 271 5.36 -37.28 4.56
C LEU A 271 4.78 -36.05 5.26
N GLU A 272 4.27 -36.25 6.47
CA GLU A 272 3.64 -35.20 7.25
C GLU A 272 4.20 -35.13 8.66
N TYR A 273 4.11 -33.95 9.26
CA TYR A 273 4.34 -33.80 10.68
C TYR A 273 3.24 -34.49 11.47
N ASP A 274 3.62 -35.06 12.61
CA ASP A 274 2.66 -35.72 13.50
C ASP A 274 2.04 -34.69 14.43
N LYS A 275 0.70 -34.62 14.45
CA LYS A 275 0.02 -33.61 15.26
C LYS A 275 0.45 -33.68 16.72
N ASP A 276 0.53 -34.88 17.29
CA ASP A 276 0.83 -34.98 18.72
C ASP A 276 2.25 -34.54 19.01
N TRP A 277 3.17 -34.87 18.10
CA TRP A 277 4.54 -34.38 18.24
C TRP A 277 4.58 -32.87 18.15
N VAL A 278 3.85 -32.28 17.21
CA VAL A 278 3.88 -30.83 17.04
C VAL A 278 3.43 -30.12 18.32
N CYS A 279 2.35 -30.61 18.94
CA CYS A 279 1.91 -30.05 20.21
C CYS A 279 2.97 -30.20 21.28
N ASN A 280 3.60 -31.38 21.38
CA ASN A 280 4.70 -31.55 22.32
C ASN A 280 5.80 -30.53 22.09
N LEU A 281 6.13 -30.30 20.82
CA LEU A 281 7.19 -29.36 20.46
C LEU A 281 6.85 -27.94 20.86
N ILE A 282 5.60 -27.51 20.61
CA ILE A 282 5.19 -26.15 20.99
C ILE A 282 5.08 -26.02 22.50
N MET A 283 4.46 -27.00 23.16
CA MET A 283 4.22 -26.84 24.59
C MET A 283 5.51 -26.86 25.41
N THR A 284 6.56 -27.57 24.95
CA THR A 284 7.84 -27.55 25.67
C THR A 284 8.74 -26.40 25.25
N TRP A 285 8.25 -25.44 24.47
CA TRP A 285 9.13 -24.36 24.03
C TRP A 285 9.87 -23.66 25.16
N PRO A 286 9.28 -23.40 26.35
CA PRO A 286 10.05 -22.73 27.40
C PRO A 286 11.33 -23.44 27.78
N ALA A 287 11.35 -24.76 27.79
CA ALA A 287 12.58 -25.48 28.12
C ALA A 287 13.66 -25.35 27.05
N PHE A 288 13.28 -24.99 25.82
CA PHE A 288 14.20 -24.91 24.69
C PHE A 288 14.50 -23.47 24.28
N SER A 289 14.03 -22.48 25.03
CA SER A 289 14.05 -21.11 24.56
C SER A 289 15.43 -20.48 24.56
N ASN A 290 16.40 -21.03 25.29
CA ASN A 290 17.75 -20.48 25.27
C ASN A 290 18.57 -21.18 24.18
N LYS A 291 18.74 -20.50 23.04
CA LYS A 291 19.36 -21.13 21.87
C LYS A 291 20.82 -21.42 22.05
N ALA A 292 21.46 -20.91 23.10
CA ALA A 292 22.84 -21.28 23.38
C ALA A 292 22.96 -22.57 24.18
N GLN A 293 21.88 -23.00 24.83
CA GLN A 293 21.94 -24.18 25.69
C GLN A 293 20.54 -24.70 25.92
N PHE A 294 20.28 -25.94 25.51
CA PHE A 294 18.94 -26.49 25.61
C PHE A 294 19.04 -28.00 25.69
N PRO A 295 18.07 -28.68 26.34
CA PRO A 295 16.92 -28.11 27.04
C PRO A 295 17.29 -27.60 28.44
N ASP A 296 16.57 -26.60 28.93
CA ASP A 296 16.75 -26.09 30.29
C ASP A 296 15.97 -27.01 31.23
N LEU A 297 16.68 -27.92 31.89
CA LEU A 297 16.01 -28.95 32.67
C LEU A 297 15.61 -28.47 34.06
N SER A 298 15.84 -27.19 34.37
CA SER A 298 15.15 -26.58 35.50
C SER A 298 13.63 -26.62 35.31
N TYR A 299 13.17 -26.58 34.05
CA TYR A 299 11.78 -26.92 33.75
C TYR A 299 11.58 -28.43 33.84
N SER A 300 10.33 -28.82 34.10
CA SER A 300 9.91 -30.21 33.96
C SER A 300 9.24 -30.39 32.60
N ILE A 301 9.84 -31.22 31.74
CA ILE A 301 9.20 -31.49 30.44
C ILE A 301 7.80 -32.05 30.67
N SER A 302 7.68 -32.99 31.61
CA SER A 302 6.38 -33.60 31.91
C SER A 302 5.38 -32.55 32.41
N GLU A 303 5.82 -31.64 33.29
CA GLU A 303 4.93 -30.57 33.72
C GLU A 303 4.51 -29.70 32.54
N LEU A 304 5.45 -29.37 31.66
CA LEU A 304 5.09 -28.57 30.49
C LEU A 304 4.07 -29.28 29.63
N LEU A 305 4.27 -30.57 29.36
CA LEU A 305 3.34 -31.32 28.53
C LEU A 305 2.03 -31.60 29.23
N SER A 306 1.99 -31.57 30.57
CA SER A 306 0.74 -31.77 31.27
C SER A 306 -0.26 -30.64 30.99
N LYS A 307 0.21 -29.50 30.52
CA LYS A 307 -0.66 -28.39 30.21
C LYS A 307 -1.32 -28.52 28.83
N ARG A 308 -1.04 -29.61 28.09
CA ARG A 308 -1.73 -29.84 26.83
C ARG A 308 -3.22 -30.04 27.10
N THR A 309 -4.05 -29.43 26.27
CA THR A 309 -5.49 -29.61 26.30
C THR A 309 -5.98 -29.71 24.86
N LYS A 310 -7.20 -30.23 24.72
CA LYS A 310 -7.76 -30.51 23.41
C LYS A 310 -8.01 -29.22 22.62
N GLU A 311 -8.34 -28.12 23.32
CA GLU A 311 -8.54 -26.84 22.66
C GLU A 311 -7.20 -26.20 22.29
N LEU A 312 -6.18 -26.33 23.14
CA LEU A 312 -4.86 -25.84 22.77
C LEU A 312 -4.29 -26.65 21.61
N ASP A 313 -4.45 -27.98 21.63
CA ASP A 313 -3.94 -28.81 20.55
C ASP A 313 -4.51 -28.35 19.22
N LYS A 314 -5.81 -28.07 19.20
CA LYS A 314 -6.46 -27.63 17.97
C LYS A 314 -5.91 -26.29 17.49
N LYS A 315 -5.68 -25.33 18.42
CA LYS A 315 -5.12 -24.05 18.02
C LYS A 315 -3.66 -24.18 17.59
N ILE A 316 -2.90 -25.09 18.22
CA ILE A 316 -1.50 -25.27 17.83
C ILE A 316 -1.41 -25.76 16.39
N ILE A 317 -2.21 -26.77 16.06
CA ILE A 317 -2.14 -27.36 14.73
C ILE A 317 -2.68 -26.40 13.68
N GLU A 318 -3.57 -25.50 14.07
CA GLU A 318 -4.03 -24.46 13.13
C GLU A 318 -2.89 -23.50 12.81
N LEU A 319 -2.19 -23.01 13.81
CA LEU A 319 -1.08 -22.10 13.59
C LEU A 319 0.12 -22.79 12.94
N TRP A 320 0.34 -24.09 13.20
CA TRP A 320 1.42 -24.79 12.53
C TRP A 320 1.15 -24.91 11.03
N GLU A 321 -0.09 -25.24 10.66
CA GLU A 321 -0.43 -25.32 9.26
C GLU A 321 -0.30 -23.97 8.57
N LYS A 322 -0.53 -22.88 9.33
CA LYS A 322 -0.46 -21.54 8.76
C LYS A 322 0.97 -21.16 8.42
N TYR A 323 1.88 -21.25 9.40
CA TYR A 323 3.25 -20.77 9.23
C TYR A 323 4.19 -21.78 8.59
N ILE A 324 3.93 -23.09 8.72
CA ILE A 324 4.90 -24.11 8.33
C ILE A 324 4.24 -25.10 7.37
N GLY A 325 3.03 -25.49 7.67
CA GLY A 325 2.28 -26.43 6.87
C GLY A 325 2.38 -27.83 7.43
N LEU A 326 1.38 -28.64 7.13
CA LEU A 326 1.32 -29.99 7.67
C LEU A 326 2.28 -30.92 6.92
N LYS A 327 2.48 -30.69 5.62
CA LYS A 327 3.44 -31.50 4.87
C LYS A 327 4.87 -31.06 5.15
N ILE A 328 5.74 -32.04 5.26
CA ILE A 328 7.16 -31.82 5.41
C ILE A 328 7.74 -31.69 4.00
N ILE A 329 8.36 -30.55 3.71
CA ILE A 329 8.68 -30.19 2.34
C ILE A 329 10.13 -29.75 2.26
N TYR A 330 10.75 -30.02 1.11
CA TYR A 330 12.18 -29.76 0.98
C TYR A 330 12.47 -28.27 1.01
N ASP A 331 13.47 -27.88 1.79
CA ASP A 331 13.91 -26.51 1.96
C ASP A 331 15.43 -26.52 1.77
N SER A 332 15.95 -25.65 0.91
CA SER A 332 17.37 -25.69 0.61
C SER A 332 18.12 -24.51 1.22
N ASP A 333 17.53 -23.82 2.20
CA ASP A 333 18.30 -22.91 3.01
C ASP A 333 19.37 -23.68 3.78
N THR A 334 20.43 -22.98 4.18
CA THR A 334 21.49 -23.63 4.92
C THR A 334 21.01 -24.04 6.30
N PHE A 335 21.76 -24.95 6.94
CA PHE A 335 21.22 -25.63 8.10
C PHE A 335 21.13 -24.69 9.30
N ASP A 336 22.11 -23.81 9.47
CA ASP A 336 22.01 -22.83 10.56
C ASP A 336 20.80 -21.91 10.41
N ILE A 337 20.42 -21.57 9.18
CA ILE A 337 19.20 -20.79 8.97
C ILE A 337 17.96 -21.63 9.27
N GLN A 338 17.99 -22.92 8.93
CA GLN A 338 16.85 -23.79 9.23
C GLN A 338 16.67 -23.97 10.73
N PHE A 339 17.79 -24.06 11.47
CA PHE A 339 17.74 -24.05 12.94
C PHE A 339 17.00 -22.83 13.45
N THR A 340 17.36 -21.64 12.95
CA THR A 340 16.78 -20.42 13.48
C THR A 340 15.32 -20.28 13.07
N SER A 341 15.03 -20.61 11.81
CA SER A 341 13.68 -20.47 11.26
C SER A 341 12.66 -21.37 11.98
N ARG A 342 12.99 -22.64 12.18
CA ARG A 342 12.03 -23.54 12.84
C ARG A 342 11.80 -23.10 14.30
N ARG A 343 12.86 -22.68 14.98
CA ARG A 343 12.70 -22.16 16.33
C ARG A 343 11.93 -20.85 16.35
N PHE A 344 12.06 -20.03 15.30
CA PHE A 344 11.29 -18.78 15.22
C PHE A 344 9.80 -19.05 15.22
N TYR A 345 9.34 -20.03 14.44
CA TYR A 345 7.93 -20.37 14.40
C TYR A 345 7.44 -21.14 15.62
N ILE A 346 8.31 -21.90 16.28
CA ILE A 346 7.86 -22.55 17.51
C ILE A 346 7.62 -21.50 18.59
N GLU A 347 8.55 -20.56 18.73
CA GLU A 347 8.41 -19.46 19.68
C GLU A 347 7.16 -18.64 19.36
N LYS A 348 6.99 -18.25 18.10
CA LYS A 348 5.84 -17.46 17.72
C LYS A 348 4.52 -18.19 18.00
N ILE A 349 4.45 -19.47 17.67
CA ILE A 349 3.19 -20.21 17.87
C ILE A 349 2.89 -20.31 19.35
N TYR A 350 3.90 -20.65 20.17
CA TYR A 350 3.70 -20.74 21.60
C TYR A 350 3.17 -19.44 22.19
N ASN A 351 3.83 -18.31 21.86
CA ASN A 351 3.47 -17.02 22.43
C ASN A 351 2.07 -16.60 22.02
N GLU A 352 1.64 -16.97 20.81
CA GLU A 352 0.27 -16.74 20.38
C GLU A 352 -0.75 -17.52 21.20
N LEU A 353 -0.31 -18.49 22.00
CA LEU A 353 -1.25 -19.23 22.82
C LEU A 353 -1.59 -18.50 24.11
N ASN A 354 -0.67 -17.66 24.61
CA ASN A 354 -0.83 -16.90 25.85
C ASN A 354 -1.05 -17.84 27.04
N ILE A 355 -0.08 -18.73 27.24
CA ILE A 355 -0.14 -19.71 28.32
C ILE A 355 0.92 -19.40 29.36
N GLN B 7 15.21 20.52 -12.85
CA GLN B 7 14.27 19.95 -11.90
C GLN B 7 13.84 18.54 -12.33
N ILE B 8 14.43 17.52 -11.69
CA ILE B 8 14.24 16.14 -12.14
C ILE B 8 14.19 15.22 -10.93
N GLN B 9 13.69 14.01 -11.16
CA GLN B 9 13.61 12.98 -10.15
C GLN B 9 14.43 11.79 -10.62
N HIS B 10 15.10 11.11 -9.69
CA HIS B 10 15.91 9.95 -10.00
C HIS B 10 15.16 8.69 -9.56
N ILE B 11 14.89 7.81 -10.52
CA ILE B 11 14.11 6.61 -10.30
C ILE B 11 15.01 5.40 -10.52
N ALA B 12 15.13 4.57 -9.49
CA ALA B 12 15.85 3.30 -9.59
C ALA B 12 14.94 2.27 -10.22
N ILE B 13 15.41 1.62 -11.27
CA ILE B 13 14.70 0.55 -11.92
C ILE B 13 15.52 -0.72 -11.75
N VAL B 14 14.87 -1.78 -11.28
CA VAL B 14 15.53 -3.01 -10.90
C VAL B 14 14.93 -4.16 -11.70
N GLY B 15 15.78 -5.05 -12.19
CA GLY B 15 15.29 -6.27 -12.79
C GLY B 15 14.91 -7.28 -11.72
N CYS B 16 15.38 -8.51 -11.84
CA CYS B 16 14.99 -9.57 -10.92
C CYS B 16 15.62 -9.40 -9.55
N VAL B 17 14.81 -9.47 -8.51
CA VAL B 17 15.33 -9.41 -7.14
C VAL B 17 15.64 -10.79 -6.57
N HIS B 18 14.78 -11.79 -6.83
CA HIS B 18 14.98 -13.17 -6.35
C HIS B 18 15.26 -13.23 -4.85
N GLY B 19 14.50 -12.47 -4.07
CA GLY B 19 14.64 -12.53 -2.64
C GLY B 19 15.89 -11.89 -2.05
N LYS B 20 16.67 -11.16 -2.83
CA LYS B 20 17.89 -10.48 -2.34
C LYS B 20 17.62 -9.00 -2.03
N TYR B 21 16.74 -8.78 -1.06
CA TYR B 21 16.32 -7.42 -0.74
C TYR B 21 17.43 -6.63 -0.07
N ARG B 22 18.13 -7.22 0.91
CA ARG B 22 19.15 -6.48 1.63
C ARG B 22 20.27 -6.03 0.69
N GLU B 23 20.70 -6.93 -0.21
CA GLU B 23 21.68 -6.58 -1.22
C GLU B 23 21.15 -5.45 -2.12
N MET B 24 19.90 -5.56 -2.58
CA MET B 24 19.31 -4.46 -3.36
C MET B 24 19.39 -3.12 -2.63
N TYR B 25 18.91 -3.07 -1.39
CA TYR B 25 18.82 -1.77 -0.72
C TYR B 25 20.20 -1.26 -0.32
N ARG B 26 21.20 -2.15 -0.18
CA ARG B 26 22.56 -1.69 0.05
C ARG B 26 23.14 -1.01 -1.19
N GLN B 27 22.96 -1.62 -2.36
CA GLN B 27 23.45 -1.02 -3.60
C GLN B 27 22.81 0.34 -3.87
N LEU B 28 21.53 0.48 -3.53
CA LEU B 28 20.86 1.76 -3.76
C LEU B 28 21.34 2.83 -2.80
N SER B 29 21.49 2.49 -1.52
CA SER B 29 22.10 3.42 -0.57
C SER B 29 23.50 3.76 -1.02
N GLU B 30 24.21 2.81 -1.62
CA GLU B 30 25.53 3.07 -2.15
C GLU B 30 25.48 4.10 -3.28
N TYR B 31 24.46 4.01 -4.14
CA TYR B 31 24.33 5.01 -5.20
C TYR B 31 24.01 6.39 -4.64
N GLU B 32 23.28 6.45 -3.53
CA GLU B 32 23.05 7.76 -2.90
C GLU B 32 24.34 8.29 -2.27
N LYS B 33 25.09 7.42 -1.61
CA LYS B 33 26.38 7.78 -1.01
C LYS B 33 27.33 8.36 -2.04
N SER B 34 27.62 7.57 -3.09
CA SER B 34 28.66 7.95 -4.03
C SER B 34 28.26 9.15 -4.87
N THR B 35 27.05 9.14 -5.45
CA THR B 35 26.64 10.20 -6.37
C THR B 35 26.07 11.44 -5.69
N GLY B 36 25.79 11.38 -4.39
CA GLY B 36 25.10 12.50 -3.77
C GLY B 36 23.72 12.76 -4.33
N LYS B 37 23.12 11.78 -5.02
CA LYS B 37 21.80 11.95 -5.57
C LYS B 37 20.74 11.28 -4.69
N GLU B 38 19.54 11.82 -4.76
CA GLU B 38 18.37 11.34 -4.04
C GLU B 38 17.57 10.42 -4.94
N ILE B 39 17.27 9.21 -4.47
CA ILE B 39 16.38 8.31 -5.19
C ILE B 39 14.95 8.63 -4.77
N SER B 40 14.09 8.94 -5.74
CA SER B 40 12.70 9.23 -5.39
C SER B 40 11.95 7.96 -5.01
N PHE B 41 12.02 6.93 -5.84
CA PHE B 41 11.40 5.64 -5.53
C PHE B 41 12.05 4.58 -6.39
N VAL B 42 11.71 3.34 -6.11
CA VAL B 42 12.27 2.17 -6.77
C VAL B 42 11.14 1.45 -7.50
N ILE B 43 11.47 0.92 -8.66
CA ILE B 43 10.53 0.16 -9.46
C ILE B 43 11.19 -1.17 -9.79
N CYS B 44 10.52 -2.28 -9.46
N CYS B 44 10.52 -2.27 -9.46
CA CYS B 44 11.07 -3.59 -9.76
CA CYS B 44 11.07 -3.58 -9.76
C CYS B 44 10.27 -4.37 -10.79
C CYS B 44 10.26 -4.36 -10.79
N THR B 45 10.95 -5.15 -11.61
CA THR B 45 10.26 -5.90 -12.67
C THR B 45 9.80 -7.30 -12.34
N GLY B 46 9.97 -7.75 -11.11
CA GLY B 46 9.37 -9.01 -10.72
C GLY B 46 10.37 -10.03 -10.21
N ASP B 47 9.88 -11.25 -10.01
CA ASP B 47 10.59 -12.31 -9.29
C ASP B 47 10.95 -11.86 -7.87
N MET B 48 9.97 -11.31 -7.17
CA MET B 48 10.17 -10.72 -5.86
C MET B 48 10.15 -11.71 -4.71
N GLN B 49 9.45 -12.85 -4.86
CA GLN B 49 9.48 -13.91 -3.85
C GLN B 49 9.07 -13.37 -2.47
N THR B 50 7.83 -12.85 -2.39
CA THR B 50 7.35 -12.23 -1.15
C THR B 50 6.74 -13.30 -0.25
N LEU B 51 7.63 -14.18 0.21
CA LEU B 51 7.26 -15.35 0.98
C LEU B 51 7.12 -14.90 2.44
N ARG B 52 5.91 -14.90 2.99
CA ARG B 52 5.71 -14.42 4.36
C ARG B 52 6.35 -15.37 5.37
N TYR B 53 6.23 -16.66 5.13
CA TYR B 53 6.69 -17.65 6.09
C TYR B 53 6.78 -19.00 5.39
N GLU B 54 7.26 -19.99 6.13
CA GLU B 54 7.72 -21.24 5.54
C GLU B 54 6.63 -21.87 4.67
N ALA B 55 5.39 -21.86 5.14
CA ALA B 55 4.33 -22.54 4.42
C ALA B 55 4.12 -21.96 3.01
N ASP B 56 4.53 -20.70 2.78
CA ASP B 56 4.33 -20.09 1.46
C ASP B 56 5.23 -20.72 0.38
N LEU B 57 6.26 -21.46 0.79
CA LEU B 57 7.17 -22.07 -0.18
C LEU B 57 6.45 -22.96 -1.18
N VAL B 58 5.35 -23.58 -0.76
CA VAL B 58 4.51 -24.37 -1.64
C VAL B 58 4.08 -23.60 -2.88
N TYR B 59 3.93 -22.29 -2.78
CA TYR B 59 3.48 -21.51 -3.94
C TYR B 59 4.61 -20.95 -4.79
N LEU B 60 5.87 -21.20 -4.44
CA LEU B 60 7.01 -20.67 -5.20
C LEU B 60 7.45 -21.72 -6.22
N LYS B 61 7.32 -21.41 -7.51
CA LYS B 61 7.64 -22.37 -8.56
C LYS B 61 9.12 -22.23 -8.92
N VAL B 62 9.96 -23.07 -8.31
CA VAL B 62 11.40 -23.07 -8.53
C VAL B 62 11.90 -24.51 -8.46
N PRO B 63 13.09 -24.77 -9.00
CA PRO B 63 13.75 -26.05 -8.74
C PRO B 63 14.16 -26.17 -7.28
N PRO B 64 14.28 -27.41 -6.78
CA PRO B 64 14.64 -27.62 -5.36
C PRO B 64 15.76 -26.74 -4.84
N LYS B 65 16.79 -26.50 -5.63
CA LYS B 65 17.94 -25.76 -5.11
C LYS B 65 17.59 -24.32 -4.77
N TYR B 66 16.46 -23.82 -5.28
CA TYR B 66 16.01 -22.49 -4.95
C TYR B 66 14.79 -22.46 -4.04
N LYS B 67 14.40 -23.59 -3.46
CA LYS B 67 13.33 -23.57 -2.45
C LYS B 67 13.93 -22.96 -1.18
N GLN B 68 14.00 -21.63 -1.18
CA GLN B 68 14.50 -20.86 -0.05
C GLN B 68 13.58 -19.68 0.18
N MET B 69 13.63 -19.18 1.42
CA MET B 69 12.83 -18.03 1.84
C MET B 69 13.33 -16.74 1.18
N GLY B 70 14.64 -16.57 1.06
CA GLY B 70 15.11 -15.26 0.68
C GLY B 70 14.87 -14.29 1.83
N ASP B 71 14.95 -13.00 1.50
CA ASP B 71 14.98 -11.95 2.51
C ASP B 71 13.60 -11.40 2.88
N PHE B 72 12.55 -11.67 2.09
CA PHE B 72 11.33 -10.86 2.25
C PHE B 72 10.78 -10.91 3.67
N HIS B 73 10.78 -12.09 4.29
CA HIS B 73 10.16 -12.24 5.61
C HIS B 73 10.80 -11.32 6.66
N LEU B 74 12.06 -10.94 6.49
CA LEU B 74 12.67 -9.97 7.42
C LEU B 74 11.91 -8.65 7.40
N TYR B 75 11.52 -8.17 6.22
CA TYR B 75 10.73 -6.95 6.12
C TYR B 75 9.28 -7.18 6.56
N TYR B 76 8.72 -8.34 6.21
CA TYR B 76 7.34 -8.63 6.59
C TYR B 76 7.18 -8.67 8.11
N GLU B 77 8.13 -9.28 8.82
CA GLU B 77 8.10 -9.36 10.28
C GLU B 77 8.50 -8.06 10.95
N GLY B 78 9.08 -7.11 10.23
CA GLY B 78 9.51 -5.86 10.82
C GLY B 78 10.96 -5.82 11.26
N LYS B 79 11.69 -6.94 11.17
CA LYS B 79 13.10 -6.94 11.50
C LYS B 79 13.92 -6.06 10.57
N GLU B 80 13.40 -5.74 9.39
CA GLU B 80 14.04 -4.82 8.45
C GLU B 80 12.98 -3.90 7.86
N LYS B 81 13.41 -2.70 7.47
CA LYS B 81 12.50 -1.67 6.98
C LYS B 81 13.03 -1.18 5.64
N ALA B 82 12.25 -1.38 4.59
CA ALA B 82 12.67 -0.94 3.26
C ALA B 82 12.85 0.58 3.27
N PRO B 83 14.01 1.11 2.89
CA PRO B 83 14.23 2.56 3.04
C PRO B 83 13.68 3.40 1.91
N TYR B 84 13.19 2.78 0.82
CA TYR B 84 12.64 3.51 -0.32
C TYR B 84 11.30 2.89 -0.70
N LEU B 85 10.36 3.74 -1.10
CA LEU B 85 9.11 3.25 -1.67
C LEU B 85 9.44 2.41 -2.89
N THR B 86 8.99 1.15 -2.87
CA THR B 86 9.33 0.20 -3.90
C THR B 86 8.04 -0.31 -4.54
N LEU B 87 7.92 -0.12 -5.85
CA LEU B 87 6.76 -0.56 -6.61
C LEU B 87 7.16 -1.77 -7.45
N PHE B 88 6.35 -2.80 -7.42
CA PHE B 88 6.73 -3.99 -8.18
C PHE B 88 5.53 -4.66 -8.82
N ILE B 89 5.83 -5.43 -9.86
CA ILE B 89 4.90 -6.39 -10.43
C ILE B 89 5.41 -7.79 -10.11
N GLY B 90 4.60 -8.79 -10.43
CA GLY B 90 5.00 -10.17 -10.21
C GLY B 90 5.67 -10.76 -11.44
N GLY B 91 6.60 -11.67 -11.20
CA GLY B 91 7.26 -12.40 -12.26
C GLY B 91 6.83 -13.85 -12.26
N ASN B 92 7.77 -14.77 -12.50
CA ASN B 92 7.49 -16.20 -12.45
C ASN B 92 8.04 -16.88 -11.20
N HIS B 93 8.76 -16.17 -10.35
CA HIS B 93 9.21 -16.73 -9.06
C HIS B 93 8.60 -15.87 -7.97
N GLU B 94 7.38 -16.23 -7.55
CA GLU B 94 6.58 -15.41 -6.66
C GLU B 94 5.90 -16.30 -5.62
N SER B 95 5.57 -15.71 -4.48
CA SER B 95 4.61 -16.33 -3.57
C SER B 95 3.23 -16.11 -4.17
N SER B 96 2.91 -16.92 -5.19
CA SER B 96 1.77 -16.61 -6.05
C SER B 96 0.47 -16.48 -5.28
N ASN B 97 0.33 -17.18 -4.15
CA ASN B 97 -0.87 -17.05 -3.34
C ASN B 97 -1.02 -15.64 -2.79
N VAL B 98 0.08 -15.07 -2.30
CA VAL B 98 0.04 -13.70 -1.79
C VAL B 98 -0.37 -12.73 -2.90
N LEU B 99 0.20 -12.90 -4.09
CA LEU B 99 -0.12 -11.97 -5.17
C LEU B 99 -1.59 -12.09 -5.60
N LEU B 100 -2.15 -13.29 -5.60
CA LEU B 100 -3.56 -13.47 -5.94
C LEU B 100 -4.49 -12.81 -4.90
N HIS B 101 -4.17 -12.91 -3.60
CA HIS B 101 -4.93 -12.14 -2.61
C HIS B 101 -4.95 -10.66 -2.97
N LEU B 102 -3.82 -10.16 -3.45
CA LEU B 102 -3.64 -8.75 -3.77
C LEU B 102 -3.73 -8.48 -5.27
N TYR B 103 -4.57 -9.24 -6.00
CA TYR B 103 -4.64 -9.06 -7.45
C TYR B 103 -5.08 -7.65 -7.82
N ASN B 104 -5.75 -6.92 -6.91
CA ASN B 104 -6.02 -5.50 -7.12
C ASN B 104 -4.96 -4.58 -6.50
N GLY B 105 -3.75 -5.06 -6.25
CA GLY B 105 -2.74 -4.18 -5.71
C GLY B 105 -2.77 -4.15 -4.19
N GLY B 106 -1.64 -3.75 -3.62
CA GLY B 106 -1.59 -3.58 -2.19
C GLY B 106 -0.17 -3.67 -1.67
N PHE B 107 0.03 -3.11 -0.49
CA PHE B 107 1.32 -3.19 0.16
C PHE B 107 1.53 -4.58 0.72
N VAL B 108 2.66 -5.21 0.37
CA VAL B 108 2.98 -6.49 1.01
C VAL B 108 3.65 -6.27 2.35
N CYS B 109 4.19 -5.08 2.60
CA CYS B 109 4.78 -4.63 3.85
C CYS B 109 5.12 -3.17 3.61
N PHE B 110 5.65 -2.52 4.64
CA PHE B 110 5.94 -1.08 4.57
C PHE B 110 6.82 -0.76 3.36
N ASN B 111 6.43 0.24 2.58
CA ASN B 111 7.20 0.72 1.44
C ASN B 111 7.35 -0.28 0.29
N MET B 112 6.57 -1.35 0.28
CA MET B 112 6.64 -2.34 -0.79
C MET B 112 5.22 -2.53 -1.35
N TYR B 113 4.93 -1.90 -2.49
CA TYR B 113 3.59 -1.90 -3.08
C TYR B 113 3.57 -2.77 -4.34
N TYR B 114 2.70 -3.77 -4.34
CA TYR B 114 2.46 -4.64 -5.48
C TYR B 114 1.41 -3.99 -6.36
N LEU B 115 1.69 -3.88 -7.65
CA LEU B 115 0.75 -3.22 -8.54
C LEU B 115 -0.45 -4.10 -8.86
N GLY B 116 -0.42 -5.37 -8.51
CA GLY B 116 -1.53 -6.24 -8.86
C GLY B 116 -1.32 -6.97 -10.19
N VAL B 117 -2.36 -7.70 -10.59
CA VAL B 117 -2.36 -8.39 -11.86
C VAL B 117 -2.00 -7.44 -12.99
N CYS B 118 -2.64 -6.29 -12.99
CA CYS B 118 -2.22 -5.17 -13.82
C CYS B 118 -2.87 -3.99 -13.16
N SER B 119 -2.32 -2.81 -13.40
CA SER B 119 -2.96 -1.59 -12.93
C SER B 119 -2.12 -0.41 -13.39
N CYS B 120 -2.61 0.79 -13.09
CA CYS B 120 -1.91 2.05 -13.33
C CYS B 120 -1.94 2.84 -12.04
N ILE B 121 -0.81 3.46 -11.68
CA ILE B 121 -0.74 4.32 -10.50
C ILE B 121 -0.16 5.66 -10.92
N ASN B 122 -0.28 6.64 -10.02
CA ASN B 122 0.30 7.97 -10.19
C ASN B 122 1.33 8.23 -9.09
N ILE B 123 2.46 8.80 -9.48
CA ILE B 123 3.41 9.25 -8.47
C ILE B 123 4.27 10.34 -9.09
N ASN B 124 4.47 11.44 -8.37
CA ASN B 124 5.33 12.52 -8.83
C ASN B 124 4.96 12.99 -10.24
N GLY B 125 3.66 13.02 -10.54
CA GLY B 125 3.23 13.44 -11.85
C GLY B 125 3.39 12.42 -12.94
N LEU B 126 3.86 11.21 -12.63
CA LEU B 126 4.02 10.16 -13.61
C LEU B 126 2.86 9.17 -13.54
N ARG B 127 2.51 8.63 -14.69
CA ARG B 127 1.53 7.56 -14.77
C ARG B 127 2.30 6.30 -15.12
N ILE B 128 2.11 5.24 -14.33
CA ILE B 128 2.90 4.01 -14.41
C ILE B 128 1.97 2.80 -14.46
N VAL B 129 2.15 1.97 -15.49
CA VAL B 129 1.35 0.76 -15.73
C VAL B 129 2.21 -0.46 -15.44
N GLY B 130 1.62 -1.48 -14.83
CA GLY B 130 2.32 -2.75 -14.63
C GLY B 130 1.51 -3.90 -15.18
N VAL B 131 2.21 -4.88 -15.75
CA VAL B 131 1.63 -6.14 -16.21
C VAL B 131 2.43 -7.25 -15.57
N SER B 132 1.79 -8.05 -14.70
CA SER B 132 2.46 -9.11 -13.96
C SER B 132 2.51 -10.39 -14.78
N GLY B 133 3.47 -11.26 -14.43
CA GLY B 133 3.53 -12.61 -14.93
C GLY B 133 4.36 -12.79 -16.19
N ILE B 134 4.42 -14.04 -16.64
CA ILE B 134 5.04 -14.36 -17.93
C ILE B 134 4.01 -15.10 -18.78
N TYR B 135 4.20 -15.01 -20.11
CA TYR B 135 3.23 -15.50 -21.06
C TYR B 135 3.37 -17.00 -21.29
N LYS B 136 2.24 -17.70 -21.27
CA LYS B 136 2.16 -19.08 -21.73
C LYS B 136 0.80 -19.25 -22.40
N SER B 137 0.82 -19.69 -23.66
CA SER B 137 -0.38 -19.65 -24.48
C SER B 137 -1.50 -20.48 -23.89
N PHE B 138 -1.18 -21.65 -23.33
CA PHE B 138 -2.23 -22.53 -22.86
C PHE B 138 -2.99 -21.99 -21.64
N ASP B 139 -2.42 -21.03 -20.89
CA ASP B 139 -3.10 -20.51 -19.71
C ASP B 139 -3.71 -19.13 -19.94
N GLU B 140 -3.46 -18.53 -21.09
CA GLU B 140 -3.79 -17.13 -21.32
C GLU B 140 -5.30 -16.83 -21.23
N LYS B 141 -6.15 -17.83 -21.42
CA LYS B 141 -7.60 -17.64 -21.36
C LYS B 141 -8.20 -18.17 -20.07
N LYS B 142 -7.40 -18.67 -19.17
CA LYS B 142 -7.96 -19.23 -17.97
C LYS B 142 -8.41 -18.12 -17.03
N PRO B 143 -9.47 -18.35 -16.26
CA PRO B 143 -9.77 -17.44 -15.14
C PRO B 143 -8.83 -17.76 -13.98
N TYR B 144 -8.88 -16.91 -12.95
CA TYR B 144 -8.27 -17.27 -11.68
C TYR B 144 -9.33 -17.95 -10.82
N THR B 145 -8.92 -19.01 -10.12
CA THR B 145 -9.76 -19.61 -9.10
C THR B 145 -9.26 -19.17 -7.73
N TYR B 146 -10.18 -18.65 -6.91
CA TYR B 146 -9.92 -18.19 -5.56
C TYR B 146 -10.75 -18.98 -4.56
N PRO B 147 -10.23 -19.29 -3.36
CA PRO B 147 -8.89 -18.94 -2.82
C PRO B 147 -7.80 -19.77 -3.48
N PRO B 148 -6.54 -19.35 -3.44
CA PRO B 148 -5.50 -20.11 -4.15
C PRO B 148 -5.33 -21.51 -3.58
N SER B 149 -4.93 -22.42 -4.45
CA SER B 149 -4.63 -23.80 -4.14
C SER B 149 -3.20 -24.14 -4.51
N PRO B 150 -2.54 -25.00 -3.75
CA PRO B 150 -1.17 -25.41 -4.13
C PRO B 150 -1.09 -26.11 -5.49
N ASN B 151 -2.17 -26.72 -5.98
CA ASN B 151 -2.15 -27.23 -7.35
C ASN B 151 -1.98 -26.10 -8.37
N ASP B 152 -2.33 -24.87 -7.99
CA ASP B 152 -2.30 -23.73 -8.90
C ASP B 152 -0.91 -23.11 -9.03
N VAL B 153 0.09 -23.59 -8.29
CA VAL B 153 1.42 -22.98 -8.30
C VAL B 153 1.96 -22.83 -9.71
N VAL B 154 1.58 -23.73 -10.62
CA VAL B 154 2.21 -23.75 -11.93
C VAL B 154 1.55 -22.80 -12.92
N SER B 155 0.35 -22.29 -12.62
CA SER B 155 -0.39 -21.47 -13.56
C SER B 155 -0.73 -20.09 -13.03
N LEU B 156 -0.54 -19.86 -11.74
CA LEU B 156 -0.97 -18.62 -11.10
C LEU B 156 -0.21 -17.41 -11.65
N PHE B 157 1.05 -17.59 -12.03
CA PHE B 157 1.87 -16.47 -12.48
C PHE B 157 1.86 -16.29 -13.99
N HIS B 158 0.98 -16.99 -14.73
CA HIS B 158 0.90 -16.82 -16.18
C HIS B 158 -0.03 -15.67 -16.55
N THR B 159 0.46 -14.74 -17.36
CA THR B 159 -0.31 -13.57 -17.72
C THR B 159 -1.58 -13.96 -18.49
N ARG B 160 -2.70 -13.34 -18.15
CA ARG B 160 -3.95 -13.61 -18.85
C ARG B 160 -4.23 -12.56 -19.91
N ASN B 161 -4.85 -13.03 -21.00
CA ASN B 161 -5.08 -12.16 -22.15
C ASN B 161 -5.93 -10.96 -21.81
N TYR B 162 -6.87 -11.11 -20.87
CA TYR B 162 -7.83 -10.04 -20.59
C TYR B 162 -7.18 -8.74 -20.13
N VAL B 163 -5.95 -8.80 -19.58
CA VAL B 163 -5.32 -7.57 -19.15
C VAL B 163 -5.16 -6.60 -20.32
N ILE B 164 -5.10 -7.10 -21.55
CA ILE B 164 -5.04 -6.19 -22.69
C ILE B 164 -6.23 -5.23 -22.67
N GLN B 165 -7.46 -5.77 -22.54
CA GLN B 165 -8.53 -4.76 -22.57
C GLN B 165 -8.63 -3.92 -21.29
N MET B 166 -8.15 -4.42 -20.14
CA MET B 166 -8.18 -3.59 -18.94
C MET B 166 -7.30 -2.36 -19.11
N LEU B 167 -6.20 -2.50 -19.85
CA LEU B 167 -5.22 -1.43 -19.94
C LEU B 167 -5.33 -0.56 -21.19
N SER B 168 -6.06 -1.02 -22.24
CA SER B 168 -5.92 -0.44 -23.59
C SER B 168 -6.29 1.05 -23.66
N ASN B 169 -7.27 1.48 -22.88
CA ASN B 169 -7.70 2.87 -23.04
C ASN B 169 -6.89 3.85 -22.23
N LEU B 170 -5.84 3.41 -21.52
CA LEU B 170 -5.27 4.25 -20.47
C LEU B 170 -4.45 5.41 -21.01
N SER B 171 -4.05 5.37 -22.28
CA SER B 171 -3.27 6.49 -22.83
C SER B 171 -4.13 7.57 -23.50
N GLN B 172 -5.46 7.48 -23.44
CA GLN B 172 -6.29 8.45 -24.17
C GLN B 172 -6.30 9.83 -23.50
N SER B 173 -6.33 9.89 -22.17
CA SER B 173 -6.39 11.19 -21.53
C SER B 173 -5.02 11.85 -21.44
N SER B 174 -3.97 11.04 -21.38
CA SER B 174 -2.59 11.51 -21.32
C SER B 174 -1.69 10.29 -21.51
N GLN B 175 -0.40 10.55 -21.70
CA GLN B 175 0.50 9.46 -22.04
C GLN B 175 0.89 8.66 -20.81
N ILE B 176 1.12 7.37 -21.01
CA ILE B 176 1.73 6.54 -19.99
C ILE B 176 3.22 6.85 -19.98
N ASP B 177 3.73 7.25 -18.81
CA ASP B 177 5.15 7.53 -18.68
C ASP B 177 5.97 6.25 -18.67
N ILE B 178 5.66 5.33 -17.77
CA ILE B 178 6.42 4.09 -17.64
C ILE B 178 5.46 2.92 -17.61
N SER B 179 5.80 1.89 -18.36
CA SER B 179 5.11 0.62 -18.29
C SER B 179 6.11 -0.46 -17.90
N LEU B 180 5.70 -1.37 -17.01
CA LEU B 180 6.55 -2.45 -16.55
C LEU B 180 5.95 -3.79 -16.91
N SER B 181 6.83 -4.75 -17.23
CA SER B 181 6.42 -6.13 -17.40
C SER B 181 7.58 -7.01 -16.99
N HIS B 182 7.28 -8.28 -16.74
CA HIS B 182 8.38 -9.14 -16.34
C HIS B 182 9.10 -9.71 -17.57
N ASP B 183 8.40 -10.48 -18.39
CA ASP B 183 9.04 -10.92 -19.62
C ASP B 183 8.95 -9.82 -20.67
N TRP B 184 9.80 -9.92 -21.68
CA TRP B 184 9.93 -8.89 -22.69
C TRP B 184 8.69 -8.84 -23.59
N PRO B 185 8.31 -7.66 -24.09
CA PRO B 185 7.32 -7.61 -25.17
C PRO B 185 7.81 -8.41 -26.37
N GLN B 186 6.95 -9.28 -26.88
CA GLN B 186 7.30 -10.10 -28.04
C GLN B 186 7.77 -9.23 -29.19
N GLY B 187 8.88 -9.63 -29.81
CA GLY B 187 9.41 -8.95 -30.96
C GLY B 187 10.31 -7.77 -30.67
N ILE B 188 10.30 -7.22 -29.44
CA ILE B 188 11.06 -6.01 -29.15
C ILE B 188 12.54 -6.24 -29.37
N VAL B 189 13.01 -7.49 -29.29
CA VAL B 189 14.42 -7.78 -29.44
C VAL B 189 14.93 -7.32 -30.82
N MET B 190 14.11 -7.44 -31.86
CA MET B 190 14.45 -7.02 -33.22
C MET B 190 14.55 -5.51 -33.37
N LYS B 191 14.11 -4.74 -32.38
CA LYS B 191 14.11 -3.29 -32.48
C LYS B 191 15.33 -2.67 -31.83
N GLY B 192 16.24 -3.48 -31.31
CA GLY B 192 17.48 -2.95 -30.81
C GLY B 192 18.66 -3.53 -31.58
N ASN B 193 19.83 -3.51 -30.96
CA ASN B 193 21.05 -4.04 -31.57
C ASN B 193 21.16 -5.52 -31.25
N TYR B 194 20.29 -6.30 -31.91
CA TYR B 194 20.15 -7.72 -31.56
C TYR B 194 21.33 -8.55 -32.04
N LYS B 195 22.01 -8.13 -33.11
CA LYS B 195 23.21 -8.84 -33.52
C LYS B 195 24.27 -8.78 -32.42
N GLN B 196 24.50 -7.60 -31.88
CA GLN B 196 25.42 -7.50 -30.76
C GLN B 196 24.88 -8.31 -29.60
N LEU B 197 23.57 -8.28 -29.38
CA LEU B 197 22.98 -8.98 -28.24
C LEU B 197 23.11 -10.50 -28.30
N TYR B 198 22.64 -11.09 -29.39
CA TYR B 198 22.69 -12.55 -29.53
C TYR B 198 24.12 -12.95 -29.38
N ARG B 199 25.00 -12.01 -29.65
CA ARG B 199 26.42 -12.27 -29.56
C ARG B 199 26.89 -12.45 -28.13
N PHE B 200 26.41 -11.63 -27.20
CA PHE B 200 26.75 -11.86 -25.79
C PHE B 200 25.81 -12.89 -25.20
N GLN B 201 24.63 -13.04 -25.81
CA GLN B 201 23.66 -14.01 -25.33
C GLN B 201 23.23 -14.90 -26.48
N PRO B 202 24.09 -15.86 -26.84
CA PRO B 202 23.77 -16.69 -28.01
C PRO B 202 22.51 -17.53 -27.85
N GLY B 203 22.08 -17.79 -26.61
CA GLY B 203 20.87 -18.55 -26.39
C GLY B 203 19.58 -17.84 -26.79
N PHE B 204 19.64 -16.52 -27.05
CA PHE B 204 18.45 -15.81 -27.50
C PHE B 204 18.22 -15.95 -28.99
N LYS B 205 19.23 -16.39 -29.76
CA LYS B 205 19.07 -16.49 -31.20
C LYS B 205 17.93 -17.41 -31.57
N LYS B 206 17.87 -18.56 -30.91
CA LYS B 206 16.91 -19.61 -31.21
C LYS B 206 15.49 -19.10 -31.44
N ASP B 207 15.05 -18.05 -30.74
CA ASP B 207 13.66 -17.63 -30.88
C ASP B 207 13.44 -16.46 -31.83
N GLY B 208 14.49 -15.76 -32.27
CA GLY B 208 14.26 -14.68 -33.20
C GLY B 208 13.26 -13.68 -32.64
N ALA B 209 12.42 -13.14 -33.54
CA ALA B 209 11.46 -12.14 -33.11
C ALA B 209 10.37 -12.71 -32.23
N SER B 210 10.31 -14.04 -32.07
CA SER B 210 9.24 -14.67 -31.30
C SER B 210 9.43 -14.52 -29.79
N LEU B 211 10.59 -14.06 -29.32
CA LEU B 211 10.88 -14.07 -27.89
C LEU B 211 10.09 -13.00 -27.16
N GLY B 212 9.57 -13.37 -25.99
CA GLY B 212 8.76 -12.48 -25.18
C GLY B 212 7.28 -12.78 -25.26
N SER B 213 6.49 -11.83 -24.76
CA SER B 213 5.07 -12.03 -24.54
C SER B 213 4.25 -11.28 -25.57
N PRO B 214 3.39 -11.96 -26.32
CA PRO B 214 2.49 -11.22 -27.23
C PRO B 214 1.55 -10.33 -26.49
N ILE B 215 1.22 -10.64 -25.24
CA ILE B 215 0.36 -9.77 -24.47
C ILE B 215 1.05 -8.44 -24.20
N ASN B 216 2.31 -8.48 -23.84
CA ASN B 216 3.02 -7.26 -23.58
C ASN B 216 3.23 -6.44 -24.84
N LYS B 217 3.41 -7.10 -25.96
CA LYS B 217 3.55 -6.40 -27.23
C LYS B 217 2.30 -5.61 -27.59
N VAL B 218 1.16 -6.22 -27.46
CA VAL B 218 -0.08 -5.54 -27.75
C VAL B 218 -0.23 -4.32 -26.86
N ILE B 219 0.04 -4.50 -25.57
CA ILE B 219 -0.09 -3.36 -24.66
C ILE B 219 0.91 -2.30 -25.02
N LEU B 220 2.14 -2.70 -25.31
CA LEU B 220 3.15 -1.73 -25.75
C LEU B 220 2.67 -0.97 -26.99
N ASN B 221 2.14 -1.68 -27.97
CA ASN B 221 1.73 -1.02 -29.20
C ASN B 221 0.52 -0.11 -29.01
N THR B 222 -0.25 -0.33 -27.95
CA THR B 222 -1.46 0.46 -27.75
C THR B 222 -1.20 1.67 -26.88
N LEU B 223 -0.56 1.45 -25.74
CA LEU B 223 -0.29 2.56 -24.82
C LEU B 223 0.83 3.44 -25.34
N LYS B 224 1.78 2.86 -26.08
CA LYS B 224 2.97 3.57 -26.56
C LYS B 224 3.58 4.43 -25.44
N PRO B 225 3.92 3.81 -24.30
CA PRO B 225 4.47 4.60 -23.18
C PRO B 225 5.84 5.18 -23.52
N LYS B 226 6.22 6.23 -22.79
CA LYS B 226 7.55 6.78 -22.98
C LYS B 226 8.63 5.76 -22.61
N TYR B 227 8.38 4.90 -21.61
CA TYR B 227 9.30 3.82 -21.28
C TYR B 227 8.58 2.49 -21.09
N TRP B 228 9.23 1.42 -21.51
CA TRP B 228 8.82 0.07 -21.17
C TRP B 228 10.03 -0.61 -20.54
N ILE B 229 9.86 -1.10 -19.32
CA ILE B 229 10.94 -1.71 -18.55
C ILE B 229 10.59 -3.17 -18.27
N SER B 230 11.54 -4.07 -18.56
CA SER B 230 11.33 -5.50 -18.35
C SER B 230 12.57 -6.13 -17.72
N GLY B 231 12.38 -7.32 -17.17
CA GLY B 231 13.46 -8.08 -16.57
C GLY B 231 13.52 -9.45 -17.21
N HIS B 232 13.66 -10.45 -16.34
CA HIS B 232 13.44 -11.88 -16.57
C HIS B 232 14.49 -12.54 -17.46
N MET B 233 15.22 -11.77 -18.26
CA MET B 233 16.17 -12.33 -19.20
C MET B 233 17.60 -12.28 -18.68
N HIS B 234 17.82 -11.61 -17.54
CA HIS B 234 19.10 -11.59 -16.84
C HIS B 234 20.20 -10.94 -17.69
N CYS B 235 19.84 -9.93 -18.48
CA CYS B 235 20.81 -9.15 -19.24
C CYS B 235 20.25 -7.76 -19.51
N GLU B 236 21.15 -6.82 -19.76
CA GLU B 236 20.78 -5.46 -20.16
C GLU B 236 20.52 -5.38 -21.65
N TYR B 237 19.56 -4.58 -22.06
CA TYR B 237 19.27 -4.39 -23.47
C TYR B 237 18.44 -3.16 -23.63
N HIS B 238 18.56 -2.49 -24.77
N HIS B 238 18.59 -2.48 -24.76
CA HIS B 238 17.81 -1.28 -25.02
CA HIS B 238 17.77 -1.33 -25.02
C HIS B 238 17.29 -1.34 -26.43
C HIS B 238 17.29 -1.34 -26.45
N ALA B 239 16.08 -0.85 -26.64
CA ALA B 239 15.53 -0.81 -27.97
C ALA B 239 14.55 0.33 -28.06
N GLU B 240 14.21 0.71 -29.27
CA GLU B 240 13.25 1.77 -29.47
C GLU B 240 12.15 1.27 -30.39
N GLU B 241 10.90 1.53 -30.00
CA GLU B 241 9.73 1.26 -30.83
C GLU B 241 8.89 2.52 -30.85
N GLY B 242 8.95 3.27 -31.95
CA GLY B 242 8.23 4.52 -32.03
C GLY B 242 8.67 5.42 -30.89
N PRO B 243 7.71 5.97 -30.14
CA PRO B 243 8.06 6.82 -29.01
C PRO B 243 8.50 6.06 -27.76
N THR B 244 8.58 4.73 -27.77
CA THR B 244 8.85 3.96 -26.57
C THR B 244 10.32 3.55 -26.50
N HIS B 245 10.98 3.93 -25.41
CA HIS B 245 12.28 3.39 -25.06
C HIS B 245 12.09 2.11 -24.27
N PHE B 246 12.52 0.99 -24.83
CA PHE B 246 12.55 -0.27 -24.10
C PHE B 246 13.87 -0.39 -23.35
N ILE B 247 13.79 -0.83 -22.09
CA ILE B 247 14.96 -1.11 -21.25
C ILE B 247 14.75 -2.45 -20.58
N ALA B 248 15.66 -3.39 -20.82
CA ALA B 248 15.70 -4.65 -20.08
C ALA B 248 16.80 -4.60 -19.03
N LEU B 249 16.53 -5.22 -17.88
CA LEU B 249 17.44 -5.19 -16.73
C LEU B 249 17.82 -6.61 -16.31
N GLY B 250 18.99 -6.74 -15.66
CA GLY B 250 19.45 -8.02 -15.12
C GLY B 250 18.95 -8.30 -13.71
N LYS B 251 19.60 -9.25 -13.04
CA LYS B 251 19.17 -9.66 -11.70
C LYS B 251 20.13 -9.14 -10.63
N ILE B 252 19.56 -8.88 -9.44
CA ILE B 252 20.34 -8.37 -8.31
C ILE B 252 21.49 -9.33 -8.04
N GLY B 253 22.68 -8.77 -7.79
CA GLY B 253 23.90 -9.53 -7.62
C GLY B 253 24.87 -9.34 -8.76
N TYR B 254 24.39 -8.78 -9.87
CA TYR B 254 25.18 -8.43 -11.03
C TYR B 254 24.95 -6.94 -11.29
N LYS B 255 25.87 -6.31 -12.01
CA LYS B 255 25.76 -4.85 -12.12
C LYS B 255 24.90 -4.39 -13.27
N ASN B 256 24.33 -5.30 -14.06
CA ASN B 256 23.37 -4.93 -15.07
C ASN B 256 21.95 -4.91 -14.50
N ALA B 257 21.82 -5.04 -13.17
CA ALA B 257 20.52 -5.23 -12.52
C ALA B 257 19.83 -3.92 -12.19
N ILE B 258 20.60 -2.90 -11.82
CA ILE B 258 20.03 -1.65 -11.35
C ILE B 258 20.46 -0.57 -12.32
N SER B 259 19.49 0.12 -12.89
CA SER B 259 19.74 1.30 -13.65
C SER B 259 18.93 2.43 -13.04
N TYR B 260 19.09 3.62 -13.58
CA TYR B 260 18.45 4.81 -13.05
C TYR B 260 17.84 5.60 -14.20
N LEU B 261 16.63 6.09 -13.99
CA LEU B 261 15.98 6.99 -14.93
C LEU B 261 15.98 8.39 -14.35
N ASP B 262 16.40 9.37 -15.16
CA ASP B 262 16.39 10.76 -14.77
C ASP B 262 15.23 11.43 -15.49
N LEU B 263 14.13 11.67 -14.79
CA LEU B 263 12.91 12.13 -15.41
C LEU B 263 12.51 13.48 -14.85
N PRO B 264 11.89 14.33 -15.66
CA PRO B 264 11.51 15.67 -15.17
C PRO B 264 10.58 15.57 -13.96
N LEU B 265 10.75 16.47 -12.99
CA LEU B 265 9.96 16.42 -11.75
C LEU B 265 9.02 17.62 -11.74
N LYS B 266 7.82 17.42 -12.28
CA LYS B 266 6.75 18.41 -12.28
C LYS B 266 6.41 18.87 -10.88
N GLN B 267 6.01 17.91 -10.04
CA GLN B 267 5.67 18.21 -8.65
C GLN B 267 5.75 16.92 -7.85
N LYS B 268 6.36 17.01 -6.69
CA LYS B 268 6.43 15.88 -5.78
C LYS B 268 5.02 15.56 -5.29
N THR B 269 4.54 14.34 -5.57
CA THR B 269 3.21 13.91 -5.18
C THR B 269 3.25 12.48 -4.66
N ASP B 270 2.45 12.20 -3.64
CA ASP B 270 2.43 10.88 -3.05
C ASP B 270 1.85 9.84 -4.02
N LEU B 271 2.11 8.58 -3.73
CA LEU B 271 1.55 7.49 -4.52
C LEU B 271 0.02 7.57 -4.50
N GLU B 272 -0.60 7.64 -5.69
CA GLU B 272 -2.05 7.72 -5.80
C GLU B 272 -2.56 6.71 -6.81
N TYR B 273 -3.82 6.32 -6.63
CA TYR B 273 -4.51 5.52 -7.64
C TYR B 273 -4.74 6.35 -8.89
N ASP B 274 -4.62 5.73 -10.06
CA ASP B 274 -4.85 6.48 -11.29
C ASP B 274 -6.35 6.58 -11.57
N LYS B 275 -6.86 7.78 -11.84
CA LYS B 275 -8.30 7.95 -12.02
C LYS B 275 -8.85 7.07 -13.16
N ASP B 276 -8.16 7.04 -14.30
CA ASP B 276 -8.65 6.23 -15.43
C ASP B 276 -8.66 4.76 -15.08
N TRP B 277 -7.63 4.29 -14.37
CA TRP B 277 -7.63 2.90 -13.95
C TRP B 277 -8.76 2.62 -12.97
N VAL B 278 -9.02 3.55 -12.04
CA VAL B 278 -10.10 3.33 -11.09
C VAL B 278 -11.44 3.21 -11.81
N CYS B 279 -11.66 4.09 -12.78
CA CYS B 279 -12.89 3.98 -13.56
C CYS B 279 -13.00 2.62 -14.23
N ASN B 280 -11.89 2.14 -14.83
CA ASN B 280 -11.92 0.85 -15.49
C ASN B 280 -12.20 -0.26 -14.50
N LEU B 281 -11.68 -0.12 -13.29
CA LEU B 281 -11.85 -1.16 -12.29
C LEU B 281 -13.32 -1.26 -11.86
N ILE B 282 -13.97 -0.13 -11.63
CA ILE B 282 -15.37 -0.14 -11.26
C ILE B 282 -16.22 -0.65 -12.42
N MET B 283 -15.97 -0.11 -13.62
CA MET B 283 -16.85 -0.36 -14.75
C MET B 283 -16.81 -1.83 -15.16
N THR B 284 -15.76 -2.57 -14.81
CA THR B 284 -15.69 -3.99 -15.14
C THR B 284 -16.07 -4.89 -13.98
N TRP B 285 -16.59 -4.34 -12.89
CA TRP B 285 -16.99 -5.17 -11.75
C TRP B 285 -17.87 -6.35 -12.14
N PRO B 286 -18.86 -6.22 -13.03
CA PRO B 286 -19.70 -7.39 -13.36
C PRO B 286 -18.88 -8.59 -13.82
N ALA B 287 -17.77 -8.35 -14.54
CA ALA B 287 -16.91 -9.47 -14.92
C ALA B 287 -16.20 -10.09 -13.73
N PHE B 288 -16.01 -9.34 -12.65
CA PHE B 288 -15.24 -9.84 -11.50
C PHE B 288 -16.11 -10.17 -10.30
N SER B 289 -17.43 -10.03 -10.42
CA SER B 289 -18.31 -10.12 -9.27
C SER B 289 -18.33 -11.51 -8.63
N ASN B 290 -17.80 -12.54 -9.28
CA ASN B 290 -17.80 -13.88 -8.70
C ASN B 290 -16.45 -14.13 -8.02
N LYS B 291 -16.43 -14.09 -6.68
CA LYS B 291 -15.17 -14.14 -5.96
C LYS B 291 -14.46 -15.48 -6.08
N ALA B 292 -15.12 -16.51 -6.60
CA ALA B 292 -14.47 -17.82 -6.72
C ALA B 292 -13.85 -18.06 -8.09
N GLN B 293 -14.17 -17.23 -9.08
CA GLN B 293 -13.64 -17.43 -10.42
C GLN B 293 -13.81 -16.13 -11.19
N PHE B 294 -12.70 -15.50 -11.54
CA PHE B 294 -12.75 -14.22 -12.22
C PHE B 294 -11.57 -14.12 -13.16
N PRO B 295 -11.68 -13.33 -14.22
CA PRO B 295 -12.90 -12.60 -14.62
C PRO B 295 -13.86 -13.60 -15.29
N ASP B 296 -15.12 -13.19 -15.44
CA ASP B 296 -16.07 -14.02 -16.16
C ASP B 296 -16.09 -13.48 -17.56
N LEU B 297 -15.43 -14.16 -18.49
CA LEU B 297 -15.32 -13.65 -19.85
C LEU B 297 -16.65 -13.61 -20.58
N SER B 298 -17.68 -14.23 -20.02
N SER B 298 -17.74 -14.19 -19.96
CA SER B 298 -19.00 -14.14 -20.64
CA SER B 298 -19.03 -14.14 -20.62
C SER B 298 -19.25 -12.69 -20.99
C SER B 298 -19.26 -12.69 -20.98
N TYR B 299 -18.62 -11.79 -20.25
CA TYR B 299 -18.76 -10.36 -20.54
C TYR B 299 -17.58 -9.85 -21.31
N SER B 300 -17.84 -9.15 -22.41
CA SER B 300 -16.75 -8.50 -23.12
C SER B 300 -16.26 -7.35 -22.24
N ILE B 301 -15.02 -7.45 -21.79
CA ILE B 301 -14.44 -6.36 -21.02
C ILE B 301 -14.48 -5.07 -21.84
N SER B 302 -14.20 -5.16 -23.14
CA SER B 302 -14.30 -3.99 -24.02
C SER B 302 -15.71 -3.41 -23.98
N GLU B 303 -16.72 -4.27 -24.02
CA GLU B 303 -18.11 -3.81 -23.90
C GLU B 303 -18.34 -3.08 -22.59
N LEU B 304 -17.91 -3.66 -21.47
CA LEU B 304 -18.12 -3.01 -20.18
C LEU B 304 -17.46 -1.64 -20.14
N LEU B 305 -16.24 -1.54 -20.66
CA LEU B 305 -15.52 -0.27 -20.61
C LEU B 305 -16.09 0.78 -21.56
N SER B 306 -16.76 0.37 -22.63
CA SER B 306 -17.29 1.35 -23.57
C SER B 306 -18.43 2.16 -22.94
N LYS B 307 -18.96 1.70 -21.80
CA LYS B 307 -19.98 2.40 -21.02
C LYS B 307 -19.44 3.59 -20.25
N ARG B 308 -18.13 3.82 -20.24
CA ARG B 308 -17.61 4.94 -19.47
C ARG B 308 -18.09 6.26 -20.07
N THR B 309 -18.32 7.22 -19.18
CA THR B 309 -18.75 8.57 -19.50
C THR B 309 -17.99 9.50 -18.55
N LYS B 310 -17.77 10.74 -18.97
CA LYS B 310 -17.18 11.66 -18.01
C LYS B 310 -18.06 11.93 -16.80
N GLU B 311 -19.38 11.89 -16.95
CA GLU B 311 -20.23 12.10 -15.79
C GLU B 311 -20.15 10.91 -14.83
N LEU B 312 -20.20 9.69 -15.36
CA LEU B 312 -19.99 8.52 -14.52
C LEU B 312 -18.59 8.51 -13.93
N ASP B 313 -17.57 8.80 -14.74
CA ASP B 313 -16.20 8.87 -14.24
C ASP B 313 -16.11 9.79 -13.02
N LYS B 314 -16.71 10.98 -13.13
CA LYS B 314 -16.71 11.93 -12.02
C LYS B 314 -17.35 11.31 -10.79
N LYS B 315 -18.50 10.66 -10.96
CA LYS B 315 -19.14 9.99 -9.84
C LYS B 315 -18.25 8.91 -9.25
N ILE B 316 -17.66 8.07 -10.10
CA ILE B 316 -16.81 6.98 -9.63
C ILE B 316 -15.69 7.53 -8.78
N ILE B 317 -15.04 8.60 -9.24
CA ILE B 317 -13.86 9.12 -8.57
C ILE B 317 -14.24 9.72 -7.21
N GLU B 318 -15.39 10.38 -7.11
CA GLU B 318 -15.75 10.89 -5.78
C GLU B 318 -16.22 9.78 -4.83
N LEU B 319 -16.88 8.73 -5.32
CA LEU B 319 -17.17 7.62 -4.43
C LEU B 319 -15.88 6.89 -4.01
N TRP B 320 -14.93 6.72 -4.94
CA TRP B 320 -13.66 6.12 -4.59
C TRP B 320 -12.94 6.95 -3.54
N GLU B 321 -12.92 8.27 -3.71
CA GLU B 321 -12.29 9.16 -2.74
C GLU B 321 -12.96 9.06 -1.37
N LYS B 322 -14.28 8.82 -1.33
CA LYS B 322 -14.99 8.72 -0.07
C LYS B 322 -14.67 7.42 0.67
N TYR B 323 -14.68 6.30 -0.05
CA TYR B 323 -14.60 5.00 0.61
C TYR B 323 -13.17 4.48 0.76
N ILE B 324 -12.28 4.86 -0.15
CA ILE B 324 -10.94 4.30 -0.21
C ILE B 324 -9.89 5.38 -0.05
N GLY B 325 -10.10 6.51 -0.68
CA GLY B 325 -9.13 7.59 -0.75
C GLY B 325 -8.32 7.52 -2.04
N LEU B 326 -7.88 8.68 -2.50
CA LEU B 326 -7.04 8.78 -3.68
C LEU B 326 -5.63 8.30 -3.40
N LYS B 327 -5.11 8.58 -2.22
CA LYS B 327 -3.76 8.15 -1.88
C LYS B 327 -3.73 6.67 -1.54
N ILE B 328 -2.72 5.98 -2.06
CA ILE B 328 -2.47 4.57 -1.73
C ILE B 328 -1.75 4.54 -0.40
N ILE B 329 -2.38 3.95 0.63
CA ILE B 329 -1.87 4.07 2.00
C ILE B 329 -1.62 2.68 2.57
N TYR B 330 -0.63 2.59 3.47
CA TYR B 330 -0.32 1.28 4.06
C TYR B 330 -1.49 0.79 4.92
N ASP B 331 -1.79 -0.50 4.79
CA ASP B 331 -2.78 -1.23 5.56
C ASP B 331 -2.14 -2.53 6.01
N SER B 332 -2.34 -2.92 7.28
CA SER B 332 -1.71 -4.13 7.80
C SER B 332 -2.67 -5.29 7.99
N ASP B 333 -3.93 -5.20 7.55
CA ASP B 333 -4.81 -6.36 7.59
C ASP B 333 -4.19 -7.50 6.79
N THR B 334 -4.55 -8.74 7.16
CA THR B 334 -4.06 -9.88 6.40
C THR B 334 -4.53 -9.79 4.95
N PHE B 335 -3.82 -10.49 4.07
CA PHE B 335 -4.06 -10.30 2.64
C PHE B 335 -5.42 -10.84 2.23
N ASP B 336 -5.83 -11.99 2.78
CA ASP B 336 -7.16 -12.51 2.47
C ASP B 336 -8.25 -11.52 2.84
N ILE B 337 -8.04 -10.74 3.91
CA ILE B 337 -8.99 -9.69 4.27
C ILE B 337 -8.90 -8.49 3.33
N GLN B 338 -7.72 -8.16 2.84
CA GLN B 338 -7.64 -7.02 1.93
C GLN B 338 -8.31 -7.35 0.60
N PHE B 339 -8.23 -8.62 0.17
CA PHE B 339 -8.96 -9.10 -1.00
C PHE B 339 -10.45 -8.77 -0.88
N THR B 340 -11.04 -9.18 0.24
CA THR B 340 -12.47 -9.01 0.46
C THR B 340 -12.84 -7.55 0.56
N SER B 341 -12.08 -6.81 1.36
CA SER B 341 -12.39 -5.40 1.58
C SER B 341 -12.31 -4.59 0.28
N ARG B 342 -11.27 -4.80 -0.55
CA ARG B 342 -11.17 -3.99 -1.77
C ARG B 342 -12.31 -4.33 -2.74
N ARG B 343 -12.63 -5.61 -2.86
CA ARG B 343 -13.76 -6.00 -3.72
C ARG B 343 -15.08 -5.48 -3.16
N PHE B 344 -15.21 -5.44 -1.83
CA PHE B 344 -16.42 -4.86 -1.24
C PHE B 344 -16.66 -3.46 -1.73
N TYR B 345 -15.63 -2.62 -1.72
CA TYR B 345 -15.86 -1.23 -2.12
C TYR B 345 -16.03 -1.08 -3.63
N ILE B 346 -15.40 -1.93 -4.44
CA ILE B 346 -15.60 -1.85 -5.88
C ILE B 346 -17.07 -2.16 -6.21
N GLU B 347 -17.57 -3.27 -5.67
CA GLU B 347 -18.97 -3.64 -5.83
C GLU B 347 -19.90 -2.53 -5.36
N LYS B 348 -19.57 -1.91 -4.22
CA LYS B 348 -20.43 -0.87 -3.67
C LYS B 348 -20.43 0.38 -4.54
N ILE B 349 -19.27 0.77 -5.06
CA ILE B 349 -19.24 1.93 -5.96
C ILE B 349 -19.99 1.63 -7.25
N TYR B 350 -19.81 0.43 -7.81
CA TYR B 350 -20.52 0.08 -9.03
C TYR B 350 -22.04 0.14 -8.82
N ASN B 351 -22.53 -0.51 -7.76
CA ASN B 351 -23.97 -0.50 -7.49
C ASN B 351 -24.48 0.90 -7.17
N GLU B 352 -23.65 1.76 -6.61
CA GLU B 352 -24.13 3.08 -6.26
C GLU B 352 -24.29 4.00 -7.46
N LEU B 353 -23.94 3.54 -8.65
CA LEU B 353 -24.04 4.35 -9.85
C LEU B 353 -25.36 4.13 -10.57
N ASN B 354 -26.05 3.04 -10.25
CA ASN B 354 -27.33 2.71 -10.87
C ASN B 354 -27.16 2.53 -12.37
N ILE B 355 -26.04 1.94 -12.77
CA ILE B 355 -25.81 1.68 -14.17
C ILE B 355 -26.59 0.43 -14.58
N GLN C 7 0.51 19.57 -54.61
CA GLN C 7 -0.34 18.56 -55.24
C GLN C 7 -1.47 18.12 -54.28
N ILE C 8 -2.72 18.35 -54.71
CA ILE C 8 -3.90 18.30 -53.85
C ILE C 8 -4.95 17.40 -54.48
N GLN C 9 -5.61 16.59 -53.67
CA GLN C 9 -6.82 15.89 -54.09
C GLN C 9 -8.06 16.52 -53.46
N HIS C 10 -9.14 16.59 -54.23
CA HIS C 10 -10.40 17.17 -53.79
C HIS C 10 -11.41 16.05 -53.60
N ILE C 11 -11.89 15.90 -52.38
CA ILE C 11 -12.75 14.79 -52.01
C ILE C 11 -14.11 15.38 -51.66
N ALA C 12 -15.15 14.92 -52.35
CA ALA C 12 -16.51 15.29 -51.97
C ALA C 12 -16.95 14.44 -50.78
N ILE C 13 -17.47 15.10 -49.76
CA ILE C 13 -18.06 14.42 -48.62
C ILE C 13 -19.55 14.76 -48.59
N VAL C 14 -20.38 13.75 -48.48
CA VAL C 14 -21.81 13.89 -48.63
C VAL C 14 -22.49 13.34 -47.39
N GLY C 15 -23.50 14.07 -46.89
CA GLY C 15 -24.31 13.54 -45.81
C GLY C 15 -25.34 12.56 -46.33
N CYS C 16 -26.58 12.68 -45.87
CA CYS C 16 -27.63 11.75 -46.25
C CYS C 16 -28.02 11.90 -47.72
N VAL C 17 -28.16 10.76 -48.41
CA VAL C 17 -28.54 10.77 -49.81
C VAL C 17 -30.04 10.53 -49.99
N HIS C 18 -30.63 9.64 -49.19
CA HIS C 18 -32.05 9.30 -49.24
C HIS C 18 -32.53 9.01 -50.67
N GLY C 19 -31.75 8.26 -51.41
CA GLY C 19 -32.15 7.83 -52.73
C GLY C 19 -31.98 8.86 -53.83
N LYS C 20 -31.55 10.07 -53.50
CA LYS C 20 -31.52 11.16 -54.48
C LYS C 20 -30.18 11.18 -55.23
N TYR C 21 -29.87 10.06 -55.90
CA TYR C 21 -28.54 9.92 -56.51
C TYR C 21 -28.35 10.86 -57.69
N ARG C 22 -29.37 11.00 -58.55
CA ARG C 22 -29.21 11.84 -59.72
C ARG C 22 -28.94 13.28 -59.31
N GLU C 23 -29.67 13.76 -58.31
CA GLU C 23 -29.43 15.09 -57.77
C GLU C 23 -28.02 15.22 -57.21
N MET C 24 -27.57 14.24 -56.42
CA MET C 24 -26.21 14.32 -55.88
C MET C 24 -25.19 14.39 -57.01
N TYR C 25 -25.31 13.50 -58.00
CA TYR C 25 -24.28 13.49 -59.05
C TYR C 25 -24.36 14.74 -59.92
N ARG C 26 -25.57 15.26 -60.16
CA ARG C 26 -25.71 16.54 -60.83
C ARG C 26 -25.00 17.64 -60.06
N GLN C 27 -25.23 17.71 -58.75
CA GLN C 27 -24.56 18.70 -57.91
C GLN C 27 -23.04 18.59 -57.97
N LEU C 28 -22.54 17.35 -57.86
CA LEU C 28 -21.09 17.14 -57.91
C LEU C 28 -20.51 17.56 -59.26
N SER C 29 -21.17 17.18 -60.36
CA SER C 29 -20.70 17.59 -61.67
C SER C 29 -20.71 19.11 -61.81
N GLU C 30 -21.77 19.77 -61.34
CA GLU C 30 -21.85 21.22 -61.40
C GLU C 30 -20.65 21.86 -60.70
N TYR C 31 -20.28 21.36 -59.51
CA TYR C 31 -19.12 21.90 -58.80
C TYR C 31 -17.84 21.75 -59.61
N GLU C 32 -17.66 20.58 -60.25
CA GLU C 32 -16.48 20.39 -61.10
C GLU C 32 -16.48 21.36 -62.28
N LYS C 33 -17.64 21.51 -62.93
CA LYS C 33 -17.76 22.40 -64.07
C LYS C 33 -17.48 23.85 -63.67
N SER C 34 -17.99 24.26 -62.51
CA SER C 34 -17.93 25.67 -62.12
C SER C 34 -16.58 26.06 -61.51
N THR C 35 -15.90 25.13 -60.83
CA THR C 35 -14.63 25.45 -60.19
C THR C 35 -13.42 25.02 -61.00
N GLY C 36 -13.60 24.14 -61.99
CA GLY C 36 -12.48 23.57 -62.72
C GLY C 36 -11.74 22.47 -61.98
N LYS C 37 -12.16 22.13 -60.76
CA LYS C 37 -11.44 21.19 -59.92
C LYS C 37 -11.85 19.77 -60.23
N GLU C 38 -10.90 18.85 -60.16
CA GLU C 38 -11.18 17.43 -60.26
C GLU C 38 -11.65 16.93 -58.91
N ILE C 39 -12.75 16.19 -58.89
CA ILE C 39 -13.16 15.44 -57.71
C ILE C 39 -12.49 14.08 -57.77
N SER C 40 -11.62 13.78 -56.79
CA SER C 40 -10.93 12.50 -56.79
C SER C 40 -11.88 11.33 -56.56
N PHE C 41 -12.76 11.45 -55.56
CA PHE C 41 -13.76 10.44 -55.25
C PHE C 41 -14.75 11.05 -54.27
N VAL C 42 -15.84 10.31 -54.01
CA VAL C 42 -16.91 10.77 -53.14
C VAL C 42 -17.05 9.83 -51.95
N ILE C 43 -17.32 10.40 -50.78
CA ILE C 43 -17.62 9.69 -49.55
C ILE C 43 -19.01 10.10 -49.08
N CYS C 44 -19.87 9.12 -48.76
CA CYS C 44 -21.21 9.40 -48.25
C CYS C 44 -21.38 8.75 -46.88
N THR C 45 -22.01 9.47 -45.95
CA THR C 45 -22.11 9.01 -44.57
C THR C 45 -23.38 8.20 -44.30
N GLY C 46 -24.11 7.79 -45.33
CA GLY C 46 -25.14 6.81 -45.09
C GLY C 46 -26.53 7.27 -45.50
N ASP C 47 -27.51 6.46 -45.12
CA ASP C 47 -28.90 6.55 -45.59
C ASP C 47 -28.96 6.53 -47.12
N MET C 48 -28.39 5.45 -47.67
CA MET C 48 -28.16 5.28 -49.10
C MET C 48 -29.38 4.74 -49.83
N GLN C 49 -30.14 3.84 -49.19
CA GLN C 49 -31.32 3.21 -49.79
C GLN C 49 -30.96 2.52 -51.12
N THR C 50 -30.02 1.57 -51.03
CA THR C 50 -29.57 0.80 -52.19
C THR C 50 -30.57 -0.32 -52.49
N LEU C 51 -31.81 0.07 -52.75
CA LEU C 51 -32.87 -0.89 -53.06
C LEU C 51 -32.74 -1.31 -54.53
N ARG C 52 -32.55 -2.61 -54.75
CA ARG C 52 -32.32 -3.07 -56.13
C ARG C 52 -33.63 -3.11 -56.90
N TYR C 53 -34.68 -3.59 -56.25
CA TYR C 53 -35.99 -3.76 -56.85
C TYR C 53 -37.05 -3.68 -55.76
N GLU C 54 -38.32 -3.67 -56.21
CA GLU C 54 -39.46 -3.41 -55.33
C GLU C 54 -39.47 -4.33 -54.11
N ALA C 55 -39.08 -5.60 -54.27
CA ALA C 55 -39.13 -6.53 -53.13
C ALA C 55 -38.22 -6.10 -51.99
N ASP C 56 -37.19 -5.29 -52.28
CA ASP C 56 -36.28 -4.81 -51.23
C ASP C 56 -36.94 -3.78 -50.31
N LEU C 57 -38.11 -3.24 -50.68
CA LEU C 57 -38.77 -2.22 -49.85
C LEU C 57 -39.13 -2.74 -48.47
N VAL C 58 -39.39 -4.03 -48.35
CA VAL C 58 -39.62 -4.70 -47.08
C VAL C 58 -38.46 -4.51 -46.10
N TYR C 59 -37.27 -4.19 -46.60
CA TYR C 59 -36.08 -4.05 -45.76
C TYR C 59 -35.72 -2.59 -45.48
N LEU C 60 -36.55 -1.65 -45.92
CA LEU C 60 -36.31 -0.23 -45.72
C LEU C 60 -37.20 0.25 -44.59
N LYS C 61 -36.62 0.46 -43.41
CA LYS C 61 -37.36 0.93 -42.23
C LYS C 61 -37.56 2.45 -42.35
N VAL C 62 -38.76 2.86 -42.74
CA VAL C 62 -39.16 4.27 -42.88
C VAL C 62 -40.63 4.39 -42.54
N PRO C 63 -41.14 5.59 -42.23
CA PRO C 63 -42.59 5.78 -42.17
C PRO C 63 -43.19 5.61 -43.56
N PRO C 64 -44.47 5.21 -43.65
CA PRO C 64 -45.04 4.84 -44.96
C PRO C 64 -44.90 5.90 -46.04
N LYS C 65 -44.94 7.18 -45.70
CA LYS C 65 -44.82 8.18 -46.76
C LYS C 65 -43.44 8.18 -47.39
N TYR C 66 -42.47 7.49 -46.79
CA TYR C 66 -41.13 7.41 -47.35
C TYR C 66 -40.81 6.04 -47.94
N LYS C 67 -41.80 5.15 -48.09
CA LYS C 67 -41.61 3.87 -48.75
C LYS C 67 -41.52 4.10 -50.26
N GLN C 68 -40.35 4.57 -50.68
CA GLN C 68 -40.07 4.92 -52.06
C GLN C 68 -38.79 4.22 -52.49
N MET C 69 -38.69 3.97 -53.79
CA MET C 69 -37.50 3.32 -54.32
C MET C 69 -36.32 4.27 -54.35
N GLY C 70 -36.54 5.53 -54.73
CA GLY C 70 -35.43 6.40 -55.00
C GLY C 70 -34.78 6.03 -56.32
N ASP C 71 -33.58 6.59 -56.54
CA ASP C 71 -32.89 6.47 -57.82
C ASP C 71 -31.98 5.25 -57.94
N PHE C 72 -31.65 4.58 -56.83
CA PHE C 72 -30.54 3.61 -56.89
C PHE C 72 -30.75 2.57 -57.97
N HIS C 73 -31.98 2.04 -58.07
CA HIS C 73 -32.28 0.99 -59.01
C HIS C 73 -31.92 1.38 -60.44
N LEU C 74 -31.93 2.67 -60.76
CA LEU C 74 -31.49 3.11 -62.08
C LEU C 74 -30.01 2.84 -62.28
N TYR C 75 -29.18 3.09 -61.24
CA TYR C 75 -27.76 2.79 -61.36
C TYR C 75 -27.51 1.28 -61.33
N TYR C 76 -28.32 0.55 -60.56
CA TYR C 76 -28.18 -0.89 -60.47
C TYR C 76 -28.45 -1.55 -61.81
N GLU C 77 -29.45 -1.05 -62.53
CA GLU C 77 -29.90 -1.64 -63.79
C GLU C 77 -29.06 -1.18 -64.99
N GLY C 78 -28.17 -0.21 -64.80
CA GLY C 78 -27.29 0.22 -65.85
C GLY C 78 -27.74 1.45 -66.61
N LYS C 79 -28.96 1.93 -66.40
CA LYS C 79 -29.44 3.12 -67.10
C LYS C 79 -28.60 4.34 -66.77
N GLU C 80 -28.22 4.50 -65.50
CA GLU C 80 -27.34 5.59 -65.10
C GLU C 80 -25.97 5.03 -64.73
N LYS C 81 -24.94 5.84 -64.95
CA LYS C 81 -23.58 5.53 -64.51
C LYS C 81 -23.16 6.57 -63.48
N ALA C 82 -22.73 6.12 -62.31
CA ALA C 82 -22.14 7.02 -61.34
C ALA C 82 -20.87 7.63 -61.91
N PRO C 83 -20.75 8.95 -61.98
CA PRO C 83 -19.54 9.57 -62.57
C PRO C 83 -18.30 9.48 -61.70
N TYR C 84 -18.43 9.26 -60.40
CA TYR C 84 -17.29 9.26 -59.51
C TYR C 84 -17.35 8.03 -58.63
N LEU C 85 -16.17 7.52 -58.28
CA LEU C 85 -16.11 6.44 -57.31
C LEU C 85 -16.72 6.94 -56.00
N THR C 86 -17.67 6.19 -55.48
CA THR C 86 -18.40 6.63 -54.30
C THR C 86 -18.22 5.61 -53.20
N LEU C 87 -17.67 6.04 -52.08
CA LEU C 87 -17.47 5.20 -50.91
C LEU C 87 -18.54 5.54 -49.89
N PHE C 88 -19.24 4.53 -49.38
CA PHE C 88 -20.31 4.83 -48.44
C PHE C 88 -20.40 3.79 -47.33
N ILE C 89 -20.96 4.22 -46.21
CA ILE C 89 -21.37 3.34 -45.12
C ILE C 89 -22.90 3.30 -45.10
N GLY C 90 -23.45 2.39 -44.31
CA GLY C 90 -24.88 2.31 -44.13
C GLY C 90 -25.34 3.23 -43.00
N GLY C 91 -26.57 3.68 -43.11
CA GLY C 91 -27.16 4.50 -42.06
C GLY C 91 -28.38 3.81 -41.50
N ASN C 92 -29.47 4.52 -41.25
CA ASN C 92 -30.67 3.88 -40.74
C ASN C 92 -31.75 3.68 -41.80
N HIS C 93 -31.63 4.33 -42.97
CA HIS C 93 -32.52 4.08 -44.10
C HIS C 93 -31.73 3.35 -45.18
N GLU C 94 -31.82 2.04 -45.20
CA GLU C 94 -31.00 1.22 -46.08
C GLU C 94 -31.80 0.00 -46.52
N SER C 95 -31.41 -0.55 -47.67
CA SER C 95 -31.83 -1.91 -48.03
C SER C 95 -30.96 -2.85 -47.20
N SER C 96 -31.38 -3.05 -45.94
CA SER C 96 -30.53 -3.74 -44.98
C SER C 96 -30.23 -5.17 -45.39
N ASN C 97 -31.13 -5.80 -46.16
CA ASN C 97 -30.81 -7.14 -46.65
C ASN C 97 -29.57 -7.09 -47.53
N VAL C 98 -29.50 -6.10 -48.42
CA VAL C 98 -28.36 -5.98 -49.31
C VAL C 98 -27.08 -5.79 -48.50
N LEU C 99 -27.13 -4.86 -47.53
CA LEU C 99 -25.91 -4.57 -46.78
C LEU C 99 -25.47 -5.76 -45.93
N LEU C 100 -26.40 -6.58 -45.44
CA LEU C 100 -25.98 -7.79 -44.72
C LEU C 100 -25.23 -8.76 -45.63
N HIS C 101 -25.68 -8.93 -46.89
CA HIS C 101 -24.93 -9.74 -47.84
C HIS C 101 -23.52 -9.22 -48.02
N LEU C 102 -23.35 -7.90 -48.03
CA LEU C 102 -22.03 -7.27 -48.20
C LEU C 102 -21.44 -6.80 -46.87
N TYR C 103 -21.63 -7.54 -45.77
CA TYR C 103 -21.13 -7.05 -44.48
C TYR C 103 -19.61 -6.93 -44.49
N ASN C 104 -18.93 -7.68 -45.38
CA ASN C 104 -17.49 -7.52 -45.57
C ASN C 104 -17.15 -6.52 -46.67
N GLY C 105 -18.09 -5.67 -47.06
CA GLY C 105 -17.80 -4.70 -48.08
C GLY C 105 -18.10 -5.24 -49.47
N GLY C 106 -18.30 -4.32 -50.40
CA GLY C 106 -18.47 -4.72 -51.78
C GLY C 106 -19.17 -3.64 -52.59
N PHE C 107 -19.10 -3.82 -53.89
CA PHE C 107 -19.72 -2.89 -54.82
C PHE C 107 -21.19 -3.23 -54.95
N VAL C 108 -22.06 -2.22 -54.74
CA VAL C 108 -23.48 -2.45 -54.98
C VAL C 108 -23.80 -2.23 -56.45
N CYS C 109 -22.99 -1.44 -57.14
CA CYS C 109 -23.06 -1.30 -58.59
C CYS C 109 -21.78 -0.56 -58.96
N PHE C 110 -21.57 -0.39 -60.26
CA PHE C 110 -20.37 0.29 -60.75
C PHE C 110 -20.12 1.60 -60.01
N ASN C 111 -18.88 1.79 -59.57
CA ASN C 111 -18.41 3.00 -58.89
C ASN C 111 -19.06 3.27 -57.53
N MET C 112 -19.80 2.32 -56.96
CA MET C 112 -20.45 2.53 -55.66
C MET C 112 -20.02 1.40 -54.73
N TYR C 113 -19.10 1.71 -53.81
CA TYR C 113 -18.52 0.72 -52.90
C TYR C 113 -19.04 0.89 -51.47
N TYR C 114 -19.72 -0.13 -50.97
CA TYR C 114 -20.13 -0.21 -49.58
C TYR C 114 -18.97 -0.67 -48.70
N LEU C 115 -18.60 0.12 -47.69
CA LEU C 115 -17.49 -0.24 -46.80
C LEU C 115 -17.77 -1.45 -45.93
N GLY C 116 -19.02 -1.89 -45.80
CA GLY C 116 -19.35 -3.01 -44.92
C GLY C 116 -19.84 -2.55 -43.56
N VAL C 117 -20.09 -3.53 -42.68
CA VAL C 117 -20.43 -3.21 -41.29
C VAL C 117 -19.36 -2.30 -40.70
N CYS C 118 -18.11 -2.68 -40.87
CA CYS C 118 -17.02 -1.77 -40.56
C CYS C 118 -15.85 -2.21 -41.39
N SER C 119 -14.96 -1.28 -41.72
CA SER C 119 -13.72 -1.68 -42.37
C SER C 119 -12.83 -0.47 -42.54
N CYS C 120 -11.63 -0.73 -43.02
CA CYS C 120 -10.67 0.29 -43.43
C CYS C 120 -10.24 -0.03 -44.87
N ILE C 121 -10.14 1.01 -45.70
CA ILE C 121 -9.67 0.88 -47.08
C ILE C 121 -8.56 1.90 -47.29
N ASN C 122 -7.89 1.78 -48.43
CA ASN C 122 -6.83 2.71 -48.84
C ASN C 122 -7.17 3.30 -50.20
N ILE C 123 -6.89 4.59 -50.38
CA ILE C 123 -7.00 5.18 -51.69
C ILE C 123 -6.24 6.49 -51.66
N ASN C 124 -5.45 6.73 -52.72
CA ASN C 124 -4.64 7.95 -52.84
C ASN C 124 -3.81 8.20 -51.59
N GLY C 125 -3.26 7.13 -51.01
CA GLY C 125 -2.41 7.30 -49.84
C GLY C 125 -3.15 7.60 -48.56
N LEU C 126 -4.48 7.60 -48.59
CA LEU C 126 -5.33 7.82 -47.42
C LEU C 126 -5.78 6.49 -46.85
N ARG C 127 -5.94 6.46 -45.54
CA ARG C 127 -6.54 5.31 -44.88
C ARG C 127 -7.90 5.76 -44.37
N ILE C 128 -8.95 5.05 -44.75
CA ILE C 128 -10.31 5.49 -44.45
C ILE C 128 -11.05 4.38 -43.74
N VAL C 129 -11.62 4.71 -42.58
CA VAL C 129 -12.37 3.75 -41.77
C VAL C 129 -13.85 4.11 -41.83
N GLY C 130 -14.71 3.10 -41.88
CA GLY C 130 -16.14 3.33 -41.81
C GLY C 130 -16.82 2.51 -40.74
N VAL C 131 -17.79 3.12 -40.06
CA VAL C 131 -18.66 2.44 -39.10
C VAL C 131 -20.10 2.65 -39.54
N SER C 132 -20.78 1.58 -39.94
CA SER C 132 -22.15 1.73 -40.41
C SER C 132 -23.14 1.72 -39.25
N GLY C 133 -24.35 2.22 -39.51
CA GLY C 133 -25.46 2.04 -38.58
C GLY C 133 -25.67 3.20 -37.62
N ILE C 134 -26.72 3.10 -36.81
CA ILE C 134 -26.95 4.05 -35.74
C ILE C 134 -27.07 3.27 -34.44
N TYR C 135 -26.81 3.95 -33.34
CA TYR C 135 -26.73 3.30 -32.04
C TYR C 135 -28.11 3.09 -31.41
N LYS C 136 -28.31 1.89 -30.87
CA LYS C 136 -29.43 1.59 -29.97
C LYS C 136 -28.92 0.58 -28.95
N SER C 137 -28.95 0.96 -27.66
CA SER C 137 -28.29 0.16 -26.64
C SER C 137 -28.84 -1.26 -26.58
N PHE C 138 -30.13 -1.44 -26.84
CA PHE C 138 -30.69 -2.77 -26.66
C PHE C 138 -30.34 -3.73 -27.79
N ASP C 139 -29.74 -3.26 -28.89
CA ASP C 139 -29.32 -4.16 -29.96
C ASP C 139 -27.81 -4.30 -30.06
N GLU C 140 -27.05 -3.58 -29.25
CA GLU C 140 -25.62 -3.44 -29.45
C GLU C 140 -24.84 -4.71 -29.15
N LYS C 141 -25.43 -5.65 -28.41
CA LYS C 141 -24.80 -6.94 -28.10
C LYS C 141 -25.34 -8.08 -28.93
N LYS C 142 -26.26 -7.79 -29.89
CA LYS C 142 -26.84 -8.88 -30.66
C LYS C 142 -25.95 -9.27 -31.82
N PRO C 143 -25.93 -10.55 -32.17
CA PRO C 143 -25.32 -10.98 -33.43
C PRO C 143 -26.23 -10.65 -34.60
N TYR C 144 -25.66 -10.76 -35.79
CA TYR C 144 -26.43 -10.80 -37.02
C TYR C 144 -26.89 -12.23 -37.29
N THR C 145 -28.07 -12.38 -37.88
CA THR C 145 -28.54 -13.69 -38.28
C THR C 145 -28.72 -13.72 -39.79
N TYR C 146 -28.37 -14.84 -40.39
CA TYR C 146 -28.30 -14.96 -41.82
C TYR C 146 -28.98 -16.25 -42.23
N PRO C 147 -29.73 -16.27 -43.35
CA PRO C 147 -29.95 -15.16 -44.28
C PRO C 147 -30.85 -14.09 -43.67
N PRO C 148 -30.91 -12.87 -44.22
CA PRO C 148 -31.81 -11.87 -43.64
C PRO C 148 -33.26 -12.31 -43.77
N SER C 149 -34.06 -11.92 -42.79
CA SER C 149 -35.49 -12.10 -42.81
C SER C 149 -36.16 -10.76 -42.54
N PRO C 150 -37.37 -10.56 -43.07
CA PRO C 150 -38.03 -9.24 -42.91
C PRO C 150 -38.21 -8.79 -41.47
N ASN C 151 -38.35 -9.72 -40.52
CA ASN C 151 -38.45 -9.35 -39.12
C ASN C 151 -37.25 -8.56 -38.62
N ASP C 152 -36.10 -8.67 -39.27
CA ASP C 152 -34.88 -7.97 -38.89
C ASP C 152 -34.79 -6.56 -39.47
N VAL C 153 -35.85 -6.08 -40.14
CA VAL C 153 -35.78 -4.75 -40.74
C VAL C 153 -35.48 -3.69 -39.67
N VAL C 154 -35.92 -3.92 -38.43
CA VAL C 154 -35.79 -2.90 -37.40
C VAL C 154 -34.45 -2.95 -36.70
N SER C 155 -33.70 -4.05 -36.82
CA SER C 155 -32.50 -4.25 -36.04
C SER C 155 -31.23 -4.32 -36.86
N LEU C 156 -31.32 -4.58 -38.16
CA LEU C 156 -30.13 -4.82 -38.97
C LEU C 156 -29.21 -3.63 -38.99
N PHE C 157 -29.74 -2.40 -38.88
CA PHE C 157 -28.92 -1.22 -39.04
C PHE C 157 -28.43 -0.66 -37.71
N HIS C 158 -28.59 -1.38 -36.61
CA HIS C 158 -28.13 -0.91 -35.32
C HIS C 158 -26.67 -1.33 -35.13
N THR C 159 -25.81 -0.35 -34.89
CA THR C 159 -24.37 -0.62 -34.74
C THR C 159 -24.11 -1.58 -33.58
N ARG C 160 -23.31 -2.60 -33.82
CA ARG C 160 -22.97 -3.57 -32.77
C ARG C 160 -21.70 -3.15 -32.05
N ASN C 161 -21.66 -3.45 -30.74
CA ASN C 161 -20.53 -3.04 -29.91
C ASN C 161 -19.20 -3.67 -30.36
N TYR C 162 -19.22 -4.89 -30.91
CA TYR C 162 -17.96 -5.55 -31.26
C TYR C 162 -17.14 -4.77 -32.29
N VAL C 163 -17.74 -3.85 -33.04
CA VAL C 163 -16.94 -3.14 -34.03
C VAL C 163 -15.81 -2.36 -33.37
N ILE C 164 -16.00 -1.93 -32.11
CA ILE C 164 -14.90 -1.24 -31.42
C ILE C 164 -13.65 -2.12 -31.44
N GLN C 165 -13.79 -3.40 -31.11
CA GLN C 165 -12.64 -4.30 -31.06
C GLN C 165 -12.07 -4.55 -32.45
N MET C 166 -12.95 -4.64 -33.48
CA MET C 166 -12.48 -4.86 -34.85
C MET C 166 -11.60 -3.72 -35.33
N LEU C 167 -11.86 -2.51 -34.84
CA LEU C 167 -11.27 -1.30 -35.41
C LEU C 167 -10.19 -0.66 -34.55
N SER C 168 -10.10 -1.00 -33.27
CA SER C 168 -9.31 -0.17 -32.35
C SER C 168 -7.80 -0.23 -32.58
N ASN C 169 -7.28 -1.29 -33.22
CA ASN C 169 -5.82 -1.31 -33.44
C ASN C 169 -5.38 -0.60 -34.73
N LEU C 170 -6.30 -0.02 -35.51
CA LEU C 170 -5.97 0.35 -36.89
C LEU C 170 -5.08 1.57 -37.02
N SER C 171 -4.91 2.36 -35.96
CA SER C 171 -4.01 3.50 -36.02
C SER C 171 -2.61 3.20 -35.49
N GLN C 172 -2.31 1.96 -35.12
CA GLN C 172 -1.00 1.67 -34.53
C GLN C 172 0.11 1.83 -35.54
N SER C 173 -0.07 1.38 -36.78
CA SER C 173 1.01 1.46 -37.77
C SER C 173 1.06 2.80 -38.47
N SER C 174 -0.06 3.51 -38.57
CA SER C 174 -0.06 4.89 -39.05
C SER C 174 -1.43 5.47 -38.77
N GLN C 175 -1.54 6.77 -38.90
CA GLN C 175 -2.76 7.49 -38.51
C GLN C 175 -3.86 7.32 -39.55
N ILE C 176 -5.09 7.18 -39.07
CA ILE C 176 -6.25 7.12 -39.94
C ILE C 176 -6.56 8.53 -40.43
N ASP C 177 -6.63 8.70 -41.76
CA ASP C 177 -6.89 10.04 -42.29
C ASP C 177 -8.36 10.43 -42.11
N ILE C 178 -9.29 9.53 -42.43
CA ILE C 178 -10.71 9.84 -42.43
C ILE C 178 -11.48 8.71 -41.80
N SER C 179 -12.31 9.02 -40.80
CA SER C 179 -13.28 8.03 -40.34
C SER C 179 -14.69 8.53 -40.61
N LEU C 180 -15.60 7.58 -40.89
CA LEU C 180 -16.97 7.90 -41.28
C LEU C 180 -17.94 7.15 -40.40
N SER C 181 -19.00 7.83 -39.97
CA SER C 181 -20.10 7.20 -39.26
C SER C 181 -21.41 7.86 -39.65
N HIS C 182 -22.52 7.18 -39.41
CA HIS C 182 -23.77 7.83 -39.76
C HIS C 182 -24.23 8.77 -38.64
N ASP C 183 -24.54 8.22 -37.47
CA ASP C 183 -24.83 9.12 -36.36
C ASP C 183 -23.56 9.71 -35.77
N TRP C 184 -23.72 10.82 -35.06
CA TRP C 184 -22.57 11.57 -34.55
C TRP C 184 -21.91 10.80 -33.40
N PRO C 185 -20.61 10.98 -33.22
CA PRO C 185 -19.95 10.46 -32.01
C PRO C 185 -20.50 11.18 -30.78
N GLN C 186 -20.83 10.38 -29.76
CA GLN C 186 -21.51 10.92 -28.58
C GLN C 186 -20.64 11.99 -27.93
N GLY C 187 -21.27 13.12 -27.59
CA GLY C 187 -20.57 14.20 -26.92
C GLY C 187 -19.88 15.18 -27.83
N ILE C 188 -19.69 14.84 -29.11
CA ILE C 188 -18.95 15.76 -29.98
C ILE C 188 -19.71 17.07 -30.16
N VAL C 189 -21.03 17.07 -29.98
CA VAL C 189 -21.84 18.29 -30.12
C VAL C 189 -21.34 19.41 -29.20
N MET C 190 -20.86 19.07 -28.01
CA MET C 190 -20.36 20.09 -27.09
C MET C 190 -19.02 20.67 -27.50
N LYS C 191 -18.39 20.14 -28.55
CA LYS C 191 -17.04 20.55 -28.90
C LYS C 191 -16.97 21.57 -30.02
N GLY C 192 -18.11 22.03 -30.51
CA GLY C 192 -18.14 23.15 -31.44
C GLY C 192 -19.04 24.24 -30.93
N ASN C 193 -19.53 25.09 -31.83
CA ASN C 193 -20.39 26.21 -31.50
C ASN C 193 -21.81 25.69 -31.30
N TYR C 194 -22.04 25.04 -30.15
CA TYR C 194 -23.30 24.36 -29.92
C TYR C 194 -24.44 25.34 -29.66
N LYS C 195 -24.12 26.53 -29.13
CA LYS C 195 -25.15 27.55 -28.94
C LYS C 195 -25.73 27.97 -30.28
N GLN C 196 -24.86 28.28 -31.24
CA GLN C 196 -25.33 28.57 -32.60
C GLN C 196 -26.08 27.38 -33.19
N LEU C 197 -25.63 26.16 -32.87
CA LEU C 197 -26.34 24.99 -33.36
C LEU C 197 -27.76 24.94 -32.82
N TYR C 198 -27.93 25.27 -31.54
CA TYR C 198 -29.25 25.17 -30.91
C TYR C 198 -30.21 26.22 -31.46
N ARG C 199 -29.70 27.40 -31.81
CA ARG C 199 -30.54 28.42 -32.45
C ARG C 199 -31.15 27.89 -33.74
N PHE C 200 -30.39 27.11 -34.50
CA PHE C 200 -30.83 26.65 -35.82
C PHE C 200 -31.50 25.29 -35.78
N GLN C 201 -31.22 24.51 -34.73
CA GLN C 201 -31.81 23.20 -34.56
C GLN C 201 -32.16 23.04 -33.10
N PRO C 202 -33.23 23.70 -32.67
CA PRO C 202 -33.60 23.70 -31.25
C PRO C 202 -33.81 22.33 -30.65
N GLY C 203 -34.36 21.41 -31.41
CA GLY C 203 -34.56 20.08 -30.91
C GLY C 203 -33.32 19.25 -30.66
N PHE C 204 -32.16 19.85 -30.61
CA PHE C 204 -30.97 19.10 -30.29
C PHE C 204 -30.60 19.38 -28.85
N LYS C 205 -30.96 20.56 -28.38
CA LYS C 205 -30.68 20.94 -26.99
C LYS C 205 -31.25 19.93 -26.01
N LYS C 206 -32.40 19.33 -26.36
CA LYS C 206 -33.05 18.33 -25.51
C LYS C 206 -32.08 17.25 -25.06
N ASP C 207 -31.22 16.77 -25.97
CA ASP C 207 -30.34 15.66 -25.69
C ASP C 207 -29.03 16.07 -25.03
N GLY C 208 -28.64 17.34 -25.18
CA GLY C 208 -27.42 17.82 -24.55
C GLY C 208 -26.20 17.03 -25.00
N ALA C 209 -25.29 16.81 -24.05
CA ALA C 209 -24.04 16.13 -24.35
C ALA C 209 -24.22 14.66 -24.64
N SER C 210 -25.40 14.11 -24.40
CA SER C 210 -25.60 12.70 -24.69
C SER C 210 -26.01 12.44 -26.14
N LEU C 211 -26.15 13.48 -26.97
CA LEU C 211 -26.52 13.29 -28.36
C LEU C 211 -25.42 12.56 -29.12
N GLY C 212 -25.78 11.45 -29.77
CA GLY C 212 -24.86 10.72 -30.63
C GLY C 212 -24.57 9.32 -30.14
N SER C 213 -23.64 8.65 -30.82
CA SER C 213 -23.37 7.23 -30.60
C SER C 213 -22.21 7.03 -29.65
N PRO C 214 -22.39 6.28 -28.55
CA PRO C 214 -21.23 5.99 -27.67
C PRO C 214 -20.23 5.03 -28.29
N ILE C 215 -20.68 4.17 -29.20
CA ILE C 215 -19.74 3.35 -29.95
C ILE C 215 -18.80 4.23 -30.77
N ASN C 216 -19.36 5.24 -31.46
CA ASN C 216 -18.54 6.11 -32.30
C ASN C 216 -17.66 7.03 -31.46
N LYS C 217 -18.11 7.39 -30.26
CA LYS C 217 -17.24 8.17 -29.39
C LYS C 217 -15.99 7.37 -29.02
N VAL C 218 -16.17 6.09 -28.67
CA VAL C 218 -15.03 5.23 -28.32
C VAL C 218 -14.08 5.09 -29.50
N ILE C 219 -14.61 4.81 -30.69
CA ILE C 219 -13.75 4.63 -31.86
C ILE C 219 -13.00 5.93 -32.14
N LEU C 220 -13.68 7.06 -32.00
CA LEU C 220 -12.99 8.33 -32.23
C LEU C 220 -11.86 8.56 -31.22
N ASN C 221 -12.09 8.23 -29.95
CA ASN C 221 -11.05 8.44 -28.92
C ASN C 221 -9.89 7.47 -29.09
N THR C 222 -10.12 6.30 -29.68
CA THR C 222 -9.07 5.33 -29.91
C THR C 222 -8.27 5.65 -31.18
N LEU C 223 -8.96 5.77 -32.32
CA LEU C 223 -8.25 5.97 -33.57
C LEU C 223 -7.72 7.38 -33.73
N LYS C 224 -8.39 8.36 -33.13
CA LYS C 224 -8.01 9.76 -33.25
C LYS C 224 -7.70 10.19 -34.69
N PRO C 225 -8.63 9.96 -35.63
CA PRO C 225 -8.33 10.27 -37.03
C PRO C 225 -8.20 11.77 -37.24
N LYS C 226 -7.58 12.15 -38.37
CA LYS C 226 -7.52 13.56 -38.72
C LYS C 226 -8.90 14.15 -38.96
N TYR C 227 -9.82 13.36 -39.50
CA TYR C 227 -11.18 13.81 -39.77
C TYR C 227 -12.15 12.73 -39.34
N TRP C 228 -13.27 13.15 -38.77
CA TRP C 228 -14.42 12.31 -38.54
C TRP C 228 -15.61 12.96 -39.24
N ILE C 229 -16.22 12.25 -40.20
CA ILE C 229 -17.36 12.75 -40.98
C ILE C 229 -18.61 11.99 -40.60
N SER C 230 -19.71 12.72 -40.40
CA SER C 230 -20.97 12.10 -40.00
C SER C 230 -22.14 12.76 -40.71
N GLY C 231 -23.26 12.05 -40.74
CA GLY C 231 -24.49 12.63 -41.26
C GLY C 231 -25.63 12.58 -40.26
N HIS C 232 -26.78 12.12 -40.74
CA HIS C 232 -27.94 11.73 -39.94
C HIS C 232 -28.73 12.86 -39.29
N MET C 233 -28.16 14.05 -39.13
CA MET C 233 -28.82 15.09 -38.34
C MET C 233 -29.31 16.25 -39.19
N HIS C 234 -29.08 16.19 -40.51
CA HIS C 234 -29.65 17.09 -41.50
C HIS C 234 -29.26 18.55 -41.25
N CYS C 235 -28.03 18.74 -40.81
CA CYS C 235 -27.47 20.07 -40.62
C CYS C 235 -25.96 19.95 -40.74
N GLU C 236 -25.31 21.09 -40.96
CA GLU C 236 -23.87 21.08 -40.97
C GLU C 236 -23.37 21.56 -39.63
N TYR C 237 -22.22 21.04 -39.22
CA TYR C 237 -21.64 21.33 -37.92
C TYR C 237 -20.16 21.00 -38.02
N HIS C 238 -19.35 21.73 -37.26
CA HIS C 238 -17.93 21.51 -37.17
C HIS C 238 -17.54 21.52 -35.72
N ALA C 239 -16.61 20.64 -35.35
CA ALA C 239 -16.10 20.61 -33.98
C ALA C 239 -14.67 20.09 -34.02
N GLU C 240 -13.93 20.37 -32.94
CA GLU C 240 -12.57 19.88 -32.79
C GLU C 240 -12.51 19.00 -31.56
N GLU C 241 -11.96 17.81 -31.71
CA GLU C 241 -11.78 16.90 -30.60
C GLU C 241 -10.31 16.48 -30.67
N GLY C 242 -9.46 17.20 -29.94
CA GLY C 242 -8.05 16.98 -30.00
C GLY C 242 -7.52 17.18 -31.41
N PRO C 243 -6.86 16.16 -31.95
CA PRO C 243 -6.33 16.26 -33.31
C PRO C 243 -7.35 15.93 -34.40
N THR C 244 -8.61 15.68 -34.03
CA THR C 244 -9.65 15.25 -34.97
C THR C 244 -10.56 16.43 -35.33
N HIS C 245 -10.68 16.71 -36.61
CA HIS C 245 -11.67 17.66 -37.10
C HIS C 245 -12.96 16.90 -37.38
N PHE C 246 -14.03 17.23 -36.66
CA PHE C 246 -15.32 16.60 -36.87
C PHE C 246 -16.15 17.44 -37.83
N ILE C 247 -16.77 16.80 -38.80
CA ILE C 247 -17.60 17.50 -39.79
C ILE C 247 -18.89 16.73 -39.94
N ALA C 248 -20.02 17.38 -39.72
CA ALA C 248 -21.33 16.80 -39.91
C ALA C 248 -21.98 17.45 -41.12
N LEU C 249 -22.73 16.68 -41.89
CA LEU C 249 -23.31 17.17 -43.14
C LEU C 249 -24.80 16.89 -43.18
N GLY C 250 -25.48 17.65 -44.03
CA GLY C 250 -26.93 17.57 -44.16
C GLY C 250 -27.38 16.54 -45.17
N LYS C 251 -28.61 16.69 -45.65
CA LYS C 251 -29.23 15.73 -46.55
C LYS C 251 -29.34 16.32 -47.95
N ILE C 252 -29.16 15.45 -48.96
CA ILE C 252 -29.16 15.90 -50.34
C ILE C 252 -30.49 16.59 -50.63
N GLY C 253 -30.43 17.69 -51.40
CA GLY C 253 -31.58 18.54 -51.61
C GLY C 253 -31.54 19.83 -50.83
N TYR C 254 -30.54 20.01 -49.95
CA TYR C 254 -30.31 21.24 -49.21
C TYR C 254 -28.86 21.67 -49.39
N LYS C 255 -28.59 22.91 -48.99
CA LYS C 255 -27.31 23.54 -49.30
C LYS C 255 -26.16 22.95 -48.49
N ASN C 256 -26.44 22.32 -47.35
CA ASN C 256 -25.41 21.89 -46.43
C ASN C 256 -25.10 20.39 -46.53
N ALA C 257 -25.49 19.75 -47.62
CA ALA C 257 -25.38 18.31 -47.77
C ALA C 257 -24.02 17.86 -48.25
N ILE C 258 -23.31 18.71 -49.00
CA ILE C 258 -22.08 18.34 -49.67
C ILE C 258 -21.01 19.36 -49.33
N SER C 259 -19.84 18.87 -48.93
CA SER C 259 -18.68 19.72 -48.77
C SER C 259 -17.50 19.06 -49.47
N TYR C 260 -16.34 19.72 -49.39
CA TYR C 260 -15.15 19.23 -50.08
C TYR C 260 -13.95 19.35 -49.17
N LEU C 261 -13.19 18.26 -49.07
CA LEU C 261 -11.95 18.23 -48.33
C LEU C 261 -10.81 18.33 -49.33
N ASP C 262 -9.90 19.27 -49.12
CA ASP C 262 -8.75 19.45 -50.00
C ASP C 262 -7.52 18.91 -49.28
N LEU C 263 -7.14 17.67 -49.58
CA LEU C 263 -6.09 17.00 -48.84
C LEU C 263 -4.80 16.91 -49.68
N PRO C 264 -3.63 16.89 -49.04
CA PRO C 264 -2.41 16.59 -49.79
C PRO C 264 -2.49 15.21 -50.40
N LEU C 265 -1.99 15.12 -51.63
CA LEU C 265 -2.03 13.88 -52.40
C LEU C 265 -0.61 13.31 -52.46
N LYS C 266 -0.37 12.24 -51.68
CA LYS C 266 0.92 11.57 -51.70
C LYS C 266 1.23 11.06 -53.10
N GLN C 267 0.44 10.09 -53.56
CA GLN C 267 0.47 9.61 -54.93
C GLN C 267 -0.91 9.09 -55.27
N LYS C 268 -1.31 9.27 -56.53
CA LYS C 268 -2.58 8.70 -56.97
C LYS C 268 -2.49 7.18 -56.94
N THR C 269 -3.47 6.55 -56.29
CA THR C 269 -3.46 5.11 -56.13
C THR C 269 -4.90 4.65 -56.11
N ASP C 270 -5.16 3.52 -56.73
CA ASP C 270 -6.50 3.01 -56.83
C ASP C 270 -6.98 2.55 -55.46
N LEU C 271 -8.27 2.23 -55.38
CA LEU C 271 -8.88 1.75 -54.16
C LEU C 271 -8.35 0.37 -53.79
N GLU C 272 -7.83 0.21 -52.57
CA GLU C 272 -7.31 -1.09 -52.13
C GLU C 272 -7.79 -1.44 -50.73
N TYR C 273 -7.78 -2.75 -50.44
CA TYR C 273 -7.98 -3.21 -49.07
C TYR C 273 -6.83 -2.75 -48.18
N ASP C 274 -7.14 -2.44 -46.92
CA ASP C 274 -6.12 -2.03 -45.99
C ASP C 274 -5.49 -3.28 -45.38
N LYS C 275 -4.17 -3.34 -45.37
CA LYS C 275 -3.50 -4.55 -44.91
C LYS C 275 -3.80 -4.84 -43.44
N ASP C 276 -3.76 -3.81 -42.59
CA ASP C 276 -4.09 -4.03 -41.18
C ASP C 276 -5.51 -4.54 -41.04
N TRP C 277 -6.44 -3.96 -41.78
CA TRP C 277 -7.82 -4.44 -41.73
C TRP C 277 -7.93 -5.86 -42.23
N VAL C 278 -7.24 -6.18 -43.34
CA VAL C 278 -7.29 -7.56 -43.83
C VAL C 278 -6.75 -8.53 -42.79
N CYS C 279 -5.65 -8.18 -42.13
CA CYS C 279 -5.16 -9.06 -41.07
C CYS C 279 -6.19 -9.22 -39.95
N ASN C 280 -6.84 -8.13 -39.53
CA ASN C 280 -7.89 -8.28 -38.51
C ASN C 280 -9.01 -9.18 -39.00
N LEU C 281 -9.39 -9.02 -40.28
CA LEU C 281 -10.48 -9.82 -40.82
C LEU C 281 -10.14 -11.32 -40.82
N ILE C 282 -8.89 -11.65 -41.17
CA ILE C 282 -8.49 -13.06 -41.14
C ILE C 282 -8.41 -13.57 -39.69
N MET C 283 -7.74 -12.84 -38.80
CA MET C 283 -7.52 -13.42 -37.46
C MET C 283 -8.81 -13.55 -36.67
N THR C 284 -9.84 -12.77 -36.98
CA THR C 284 -11.12 -12.92 -36.29
C THR C 284 -12.02 -13.97 -36.93
N TRP C 285 -11.56 -14.63 -37.99
CA TRP C 285 -12.44 -15.57 -38.69
C TRP C 285 -13.12 -16.57 -37.75
N PRO C 286 -12.46 -17.13 -36.73
CA PRO C 286 -13.17 -18.11 -35.88
C PRO C 286 -14.46 -17.56 -35.26
N ALA C 287 -14.50 -16.27 -34.95
CA ALA C 287 -15.71 -15.68 -34.39
C ALA C 287 -16.82 -15.50 -35.44
N PHE C 288 -16.48 -15.57 -36.72
CA PHE C 288 -17.44 -15.35 -37.79
C PHE C 288 -17.74 -16.62 -38.56
N SER C 289 -17.18 -17.75 -38.10
CA SER C 289 -17.15 -18.97 -38.89
C SER C 289 -18.53 -19.61 -39.06
N ASN C 290 -19.49 -19.30 -38.20
CA ASN C 290 -20.85 -19.79 -38.36
C ASN C 290 -21.63 -18.79 -39.20
N LYS C 291 -22.01 -19.20 -40.40
CA LYS C 291 -22.69 -18.31 -41.33
C LYS C 291 -24.09 -17.94 -40.85
N ALA C 292 -24.73 -18.77 -40.02
CA ALA C 292 -26.08 -18.49 -39.55
C ALA C 292 -26.12 -17.43 -38.45
N GLN C 293 -25.00 -17.17 -37.77
CA GLN C 293 -25.02 -16.22 -36.66
C GLN C 293 -23.61 -15.74 -36.35
N PHE C 294 -23.35 -14.46 -36.54
CA PHE C 294 -22.01 -13.93 -36.32
C PHE C 294 -22.11 -12.51 -35.78
N PRO C 295 -21.10 -12.04 -35.03
CA PRO C 295 -19.97 -12.79 -34.50
C PRO C 295 -20.40 -13.65 -33.33
N ASP C 296 -19.74 -14.78 -33.15
CA ASP C 296 -19.94 -15.62 -31.96
C ASP C 296 -19.07 -15.01 -30.87
N LEU C 297 -19.69 -14.25 -29.97
CA LEU C 297 -18.87 -13.51 -29.02
C LEU C 297 -18.53 -14.33 -27.78
N SER C 298 -18.82 -15.64 -27.77
CA SER C 298 -18.10 -16.52 -26.86
C SER C 298 -16.59 -16.45 -27.13
N TYR C 299 -16.19 -15.99 -28.31
CA TYR C 299 -14.82 -15.55 -28.53
C TYR C 299 -14.61 -14.12 -28.07
N SER C 300 -13.44 -13.83 -27.54
CA SER C 300 -13.02 -12.44 -27.38
C SER C 300 -12.35 -12.00 -28.68
N ILE C 301 -12.93 -10.97 -29.33
CA ILE C 301 -12.30 -10.42 -30.52
C ILE C 301 -10.90 -9.92 -30.21
N SER C 302 -10.75 -9.23 -29.08
CA SER C 302 -9.45 -8.73 -28.68
C SER C 302 -8.44 -9.87 -28.57
N GLU C 303 -8.85 -11.00 -28.00
CA GLU C 303 -7.95 -12.14 -27.87
C GLU C 303 -7.55 -12.70 -29.24
N LEU C 304 -8.53 -12.86 -30.13
CA LEU C 304 -8.22 -13.29 -31.50
C LEU C 304 -7.24 -12.35 -32.15
N LEU C 305 -7.42 -11.04 -31.94
CA LEU C 305 -6.52 -10.09 -32.55
C LEU C 305 -5.13 -10.06 -31.90
N SER C 306 -5.00 -10.48 -30.64
CA SER C 306 -3.67 -10.46 -30.02
C SER C 306 -2.75 -11.50 -30.63
N LYS C 307 -3.26 -12.41 -31.47
CA LYS C 307 -2.41 -13.39 -32.14
C LYS C 307 -1.65 -12.83 -33.34
N ARG C 308 -1.86 -11.57 -33.71
CA ARG C 308 -1.18 -11.04 -34.89
C ARG C 308 0.32 -10.90 -34.65
N THR C 309 1.11 -11.24 -35.66
CA THR C 309 2.56 -11.01 -35.65
C THR C 309 2.97 -10.43 -36.99
N LYS C 310 4.16 -9.82 -37.02
CA LYS C 310 4.71 -9.30 -38.29
C LYS C 310 4.72 -10.36 -39.39
N GLU C 311 5.07 -11.60 -39.04
CA GLU C 311 5.22 -12.64 -40.06
C GLU C 311 3.91 -13.36 -40.36
N LEU C 312 3.03 -13.52 -39.39
CA LEU C 312 1.67 -13.92 -39.74
C LEU C 312 1.02 -12.88 -40.65
N ASP C 313 1.16 -11.60 -40.32
CA ASP C 313 0.61 -10.55 -41.17
C ASP C 313 1.18 -10.69 -42.57
N LYS C 314 2.50 -10.94 -42.66
CA LYS C 314 3.21 -11.15 -43.91
C LYS C 314 2.54 -12.23 -44.75
N LYS C 315 2.31 -13.38 -44.14
CA LYS C 315 1.67 -14.50 -44.82
C LYS C 315 0.23 -14.18 -45.19
N ILE C 316 -0.50 -13.47 -44.31
CA ILE C 316 -1.89 -13.16 -44.60
C ILE C 316 -1.99 -12.29 -45.85
N ILE C 317 -1.15 -11.26 -45.93
CA ILE C 317 -1.19 -10.37 -47.09
C ILE C 317 -0.85 -11.12 -48.38
N GLU C 318 0.17 -12.00 -48.35
CA GLU C 318 0.50 -12.80 -49.53
C GLU C 318 -0.68 -13.67 -49.96
N LEU C 319 -1.32 -14.36 -49.01
CA LEU C 319 -2.44 -15.21 -49.36
C LEU C 319 -3.64 -14.40 -49.85
N TRP C 320 -3.90 -13.25 -49.21
CA TRP C 320 -4.97 -12.36 -49.67
C TRP C 320 -4.72 -11.92 -51.10
N GLU C 321 -3.50 -11.46 -51.38
CA GLU C 321 -3.15 -11.01 -52.72
C GLU C 321 -3.31 -12.13 -53.75
N LYS C 322 -3.09 -13.37 -53.34
CA LYS C 322 -3.24 -14.50 -54.25
C LYS C 322 -4.71 -14.77 -54.57
N TYR C 323 -5.55 -14.95 -53.54
CA TYR C 323 -6.91 -15.38 -53.80
C TYR C 323 -7.85 -14.23 -54.16
N ILE C 324 -7.61 -13.02 -53.69
CA ILE C 324 -8.57 -11.93 -53.81
C ILE C 324 -7.99 -10.74 -54.55
N GLY C 325 -6.75 -10.40 -54.27
CA GLY C 325 -6.10 -9.24 -54.85
C GLY C 325 -6.07 -8.08 -53.88
N LEU C 326 -5.07 -7.22 -54.03
CA LEU C 326 -5.00 -6.03 -53.19
C LEU C 326 -6.06 -5.00 -53.59
N LYS C 327 -6.27 -4.84 -54.89
CA LYS C 327 -7.21 -3.83 -55.37
C LYS C 327 -8.64 -4.31 -55.16
N ILE C 328 -9.50 -3.39 -54.73
CA ILE C 328 -10.91 -3.65 -54.67
C ILE C 328 -11.48 -3.44 -56.08
N ILE C 329 -12.02 -4.50 -56.68
CA ILE C 329 -12.43 -4.48 -58.07
C ILE C 329 -13.92 -4.80 -58.16
N TYR C 330 -14.58 -4.17 -59.15
CA TYR C 330 -16.01 -4.41 -59.30
C TYR C 330 -16.31 -5.87 -59.62
N ASP C 331 -17.40 -6.36 -59.04
CA ASP C 331 -17.82 -7.75 -59.16
C ASP C 331 -19.32 -7.77 -59.35
N SER C 332 -19.81 -8.35 -60.44
CA SER C 332 -21.23 -8.30 -60.74
C SER C 332 -21.95 -9.60 -60.39
N ASP C 333 -21.33 -10.48 -59.62
CA ASP C 333 -22.07 -11.59 -59.02
C ASP C 333 -23.16 -11.01 -58.10
N THR C 334 -24.21 -11.79 -57.86
CA THR C 334 -25.25 -11.36 -56.94
C THR C 334 -24.72 -11.33 -55.50
N PHE C 335 -25.40 -10.54 -54.67
CA PHE C 335 -24.86 -10.23 -53.35
C PHE C 335 -24.76 -11.48 -52.48
N ASP C 336 -25.74 -12.40 -52.57
CA ASP C 336 -25.65 -13.62 -51.78
C ASP C 336 -24.46 -14.48 -52.19
N ILE C 337 -24.03 -14.39 -53.46
CA ILE C 337 -22.84 -15.10 -53.93
C ILE C 337 -21.58 -14.42 -53.43
N GLN C 338 -21.57 -13.07 -53.41
CA GLN C 338 -20.41 -12.37 -52.88
C GLN C 338 -20.22 -12.64 -51.40
N PHE C 339 -21.33 -12.75 -50.66
CA PHE C 339 -21.26 -13.13 -49.25
C PHE C 339 -20.50 -14.45 -49.11
N THR C 340 -20.95 -15.47 -49.83
CA THR C 340 -20.38 -16.81 -49.73
C THR C 340 -18.94 -16.83 -50.21
N SER C 341 -18.66 -16.12 -51.30
CA SER C 341 -17.35 -16.17 -51.91
C SER C 341 -16.29 -15.52 -51.01
N ARG C 342 -16.59 -14.34 -50.47
CA ARG C 342 -15.62 -13.68 -49.58
C ARG C 342 -15.37 -14.50 -48.32
N ARG C 343 -16.40 -15.10 -47.73
CA ARG C 343 -16.20 -15.97 -46.58
C ARG C 343 -15.40 -17.22 -46.96
N PHE C 344 -15.63 -17.77 -48.15
CA PHE C 344 -14.87 -18.94 -48.59
C PHE C 344 -13.37 -18.66 -48.57
N TYR C 345 -12.96 -17.51 -49.10
CA TYR C 345 -11.54 -17.17 -49.13
C TYR C 345 -11.00 -16.72 -47.78
N ILE C 346 -11.80 -16.03 -46.95
CA ILE C 346 -11.33 -15.71 -45.60
C ILE C 346 -11.02 -16.99 -44.84
N GLU C 347 -11.94 -17.95 -44.89
CA GLU C 347 -11.74 -19.22 -44.21
C GLU C 347 -10.54 -19.97 -44.77
N LYS C 348 -10.41 -19.97 -46.11
CA LYS C 348 -9.27 -20.63 -46.74
C LYS C 348 -7.96 -20.05 -46.26
N ILE C 349 -7.87 -18.71 -46.22
CA ILE C 349 -6.64 -18.07 -45.79
C ILE C 349 -6.35 -18.37 -44.32
N TYR C 350 -7.38 -18.32 -43.46
CA TYR C 350 -7.15 -18.57 -42.04
C TYR C 350 -6.61 -19.97 -41.82
N ASN C 351 -7.23 -20.95 -42.49
CA ASN C 351 -6.85 -22.36 -42.34
C ASN C 351 -5.44 -22.64 -42.86
N GLU C 352 -4.99 -21.91 -43.86
CA GLU C 352 -3.63 -22.11 -44.33
C GLU C 352 -2.58 -21.55 -43.37
N LEU C 353 -2.98 -20.74 -42.38
CA LEU C 353 -2.00 -20.25 -41.41
C LEU C 353 -1.63 -21.31 -40.37
N ASN C 354 -2.44 -22.36 -40.22
CA ASN C 354 -2.20 -23.46 -39.27
C ASN C 354 -1.85 -22.93 -37.88
N ILE C 355 -2.73 -22.09 -37.35
CA ILE C 355 -2.50 -21.48 -36.05
C ILE C 355 -3.67 -21.79 -35.11
N GLN D 7 4.64 30.89 -9.18
CA GLN D 7 5.01 31.95 -8.25
C GLN D 7 5.68 31.33 -7.03
N ILE D 8 7.01 31.18 -7.08
CA ILE D 8 7.75 30.48 -6.05
C ILE D 8 8.94 31.31 -5.64
N GLN D 9 9.29 31.26 -4.35
CA GLN D 9 10.52 31.86 -3.84
C GLN D 9 11.49 30.74 -3.52
N HIS D 10 12.78 31.01 -3.74
CA HIS D 10 13.86 30.06 -3.47
C HIS D 10 14.67 30.58 -2.30
N ILE D 11 14.77 29.79 -1.23
CA ILE D 11 15.38 30.22 0.02
C ILE D 11 16.56 29.33 0.29
N ALA D 12 17.72 29.92 0.55
CA ALA D 12 18.88 29.12 0.89
C ALA D 12 18.84 28.86 2.38
N ILE D 13 19.23 27.65 2.78
CA ILE D 13 19.25 27.27 4.18
C ILE D 13 20.64 26.71 4.48
N VAL D 14 21.28 27.26 5.49
CA VAL D 14 22.68 27.00 5.79
C VAL D 14 22.78 26.43 7.20
N GLY D 15 23.67 25.45 7.36
CA GLY D 15 23.97 24.93 8.68
C GLY D 15 25.01 25.80 9.35
N CYS D 16 26.01 25.17 9.96
CA CYS D 16 27.05 25.94 10.62
C CYS D 16 27.83 26.79 9.63
N VAL D 17 28.12 28.03 10.02
CA VAL D 17 28.98 28.92 9.25
C VAL D 17 30.40 28.94 9.80
N HIS D 18 30.54 28.94 11.13
CA HIS D 18 31.83 28.92 11.81
C HIS D 18 32.78 30.00 11.29
N GLY D 19 32.24 31.14 10.89
CA GLY D 19 33.06 32.26 10.50
C GLY D 19 33.59 32.23 9.09
N LYS D 20 33.08 31.35 8.23
CA LYS D 20 33.50 31.30 6.84
C LYS D 20 32.50 32.01 5.94
N TYR D 21 32.26 33.28 6.27
CA TYR D 21 31.24 34.05 5.57
C TYR D 21 31.57 34.21 4.10
N ARG D 22 32.83 34.49 3.77
CA ARG D 22 33.15 34.67 2.36
C ARG D 22 32.93 33.37 1.60
N GLU D 23 33.35 32.25 2.18
CA GLU D 23 33.15 30.97 1.52
C GLU D 23 31.67 30.68 1.31
N MET D 24 30.87 30.88 2.35
CA MET D 24 29.42 30.67 2.25
C MET D 24 28.83 31.51 1.14
N TYR D 25 29.18 32.79 1.08
CA TYR D 25 28.59 33.64 0.06
C TYR D 25 29.11 33.29 -1.33
N ARG D 26 30.29 32.68 -1.44
CA ARG D 26 30.76 32.22 -2.75
C ARG D 26 29.83 31.14 -3.29
N GLN D 27 29.61 30.07 -2.52
CA GLN D 27 28.77 28.97 -2.99
C GLN D 27 27.36 29.46 -3.35
N LEU D 28 26.78 30.32 -2.52
CA LEU D 28 25.45 30.84 -2.83
C LEU D 28 25.45 31.57 -4.17
N SER D 29 26.50 32.34 -4.42
CA SER D 29 26.68 32.95 -5.74
C SER D 29 26.85 31.89 -6.82
N GLU D 30 27.71 30.91 -6.57
CA GLU D 30 28.00 29.87 -7.57
C GLU D 30 26.96 28.76 -7.54
N TYR D 31 25.79 29.07 -7.01
CA TYR D 31 24.54 28.39 -7.26
C TYR D 31 23.59 29.22 -8.09
N GLU D 32 23.50 30.50 -7.81
CA GLU D 32 22.54 31.33 -8.51
C GLU D 32 22.85 31.43 -9.99
N LYS D 33 24.06 31.10 -10.37
CA LYS D 33 24.43 31.24 -11.76
C LYS D 33 24.22 29.94 -12.48
N SER D 34 24.63 28.83 -11.88
CA SER D 34 24.44 27.56 -12.48
C SER D 34 22.99 27.36 -12.77
N THR D 35 22.20 27.37 -11.72
CA THR D 35 20.79 27.13 -11.89
C THR D 35 20.07 28.31 -12.44
N GLY D 36 20.66 29.48 -12.35
CA GLY D 36 19.92 30.67 -12.73
C GLY D 36 18.78 31.02 -11.81
N LYS D 37 18.74 30.44 -10.62
CA LYS D 37 17.69 30.74 -9.66
C LYS D 37 18.05 31.93 -8.77
N GLU D 38 17.03 32.70 -8.42
CA GLU D 38 17.20 33.91 -7.63
C GLU D 38 16.96 33.57 -6.16
N ILE D 39 18.03 33.61 -5.37
CA ILE D 39 17.93 33.45 -3.92
C ILE D 39 17.12 34.62 -3.37
N SER D 40 15.97 34.32 -2.76
CA SER D 40 15.21 35.37 -2.09
C SER D 40 15.90 35.87 -0.84
N PHE D 41 16.29 34.96 0.05
CA PHE D 41 17.02 35.31 1.25
C PHE D 41 17.69 34.04 1.77
N VAL D 42 18.47 34.20 2.82
CA VAL D 42 19.33 33.15 3.35
C VAL D 42 18.96 32.94 4.82
N ILE D 43 19.05 31.68 5.25
CA ILE D 43 18.76 31.33 6.63
C ILE D 43 19.93 30.51 7.15
N CYS D 44 20.47 30.91 8.30
CA CYS D 44 21.53 30.14 8.94
C CYS D 44 21.06 29.65 10.30
N THR D 45 21.47 28.44 10.64
CA THR D 45 21.05 27.80 11.87
C THR D 45 22.10 27.90 12.96
N GLY D 46 23.10 28.75 12.80
CA GLY D 46 23.90 29.18 13.93
C GLY D 46 25.38 28.88 13.78
N ASP D 47 26.09 29.08 14.89
CA ASP D 47 27.56 29.09 14.95
C ASP D 47 28.12 30.17 14.01
N MET D 48 27.63 31.39 14.20
CA MET D 48 27.96 32.48 13.29
C MET D 48 29.29 33.17 13.65
N GLN D 49 29.72 33.13 14.91
CA GLN D 49 30.93 33.83 15.36
C GLN D 49 30.95 35.26 14.86
N THR D 50 30.00 36.08 15.35
CA THR D 50 29.89 37.49 14.93
C THR D 50 30.79 38.36 15.79
N LEU D 51 32.10 38.10 15.68
CA LEU D 51 33.13 38.79 16.45
C LEU D 51 33.44 40.13 15.80
N ARG D 52 33.16 41.24 16.51
CA ARG D 52 33.35 42.56 15.90
C ARG D 52 34.82 42.93 15.81
N TYR D 53 35.57 42.64 16.87
CA TYR D 53 36.99 42.96 16.95
C TYR D 53 37.60 42.02 17.97
N GLU D 54 38.95 42.08 18.04
CA GLU D 54 39.74 41.14 18.82
C GLU D 54 39.18 40.92 20.22
N ALA D 55 38.71 41.99 20.86
CA ALA D 55 38.29 41.88 22.24
C ALA D 55 37.10 40.92 22.40
N ASP D 56 36.29 40.77 21.36
CA ASP D 56 35.17 39.84 21.42
C ASP D 56 35.61 38.38 21.50
N LEU D 57 36.89 38.10 21.23
CA LEU D 57 37.38 36.72 21.25
C LEU D 57 37.15 36.06 22.59
N VAL D 58 37.20 36.81 23.69
CA VAL D 58 37.04 36.16 24.99
C VAL D 58 35.63 35.62 25.21
N TYR D 59 34.68 35.92 24.31
CA TYR D 59 33.33 35.40 24.44
C TYR D 59 33.05 34.22 23.52
N LEU D 60 34.02 33.84 22.68
CA LEU D 60 33.87 32.71 21.75
C LEU D 60 34.36 31.45 22.47
N LYS D 61 33.43 30.55 22.79
CA LYS D 61 33.72 29.32 23.54
C LYS D 61 34.14 28.27 22.52
N VAL D 62 35.44 28.19 22.28
CA VAL D 62 36.06 27.23 21.39
C VAL D 62 37.36 26.77 22.03
N PRO D 63 37.90 25.63 21.60
CA PRO D 63 39.24 25.24 22.09
C PRO D 63 40.32 26.11 21.46
N PRO D 64 41.49 26.20 22.11
CA PRO D 64 42.48 27.20 21.69
C PRO D 64 42.77 27.25 20.21
N LYS D 65 42.84 26.11 19.52
CA LYS D 65 43.17 26.08 18.11
C LYS D 65 42.19 26.89 17.26
N TYR D 66 40.99 27.14 17.77
CA TYR D 66 39.98 27.85 17.01
C TYR D 66 39.73 29.28 17.50
N LYS D 67 40.46 29.75 18.52
CA LYS D 67 40.29 31.12 19.03
C LYS D 67 40.80 32.06 17.95
N GLN D 68 39.92 32.31 16.98
CA GLN D 68 40.26 33.00 15.75
C GLN D 68 39.09 33.91 15.38
N MET D 69 39.37 35.00 14.66
CA MET D 69 38.34 35.98 14.32
C MET D 69 37.40 35.54 13.20
N GLY D 70 37.85 34.66 12.31
CA GLY D 70 36.97 34.36 11.21
C GLY D 70 36.78 35.58 10.31
N ASP D 71 35.71 35.53 9.52
CA ASP D 71 35.44 36.55 8.52
C ASP D 71 34.52 37.68 8.97
N PHE D 72 33.82 37.55 10.11
CA PHE D 72 32.72 38.48 10.37
C PHE D 72 33.19 39.94 10.41
N HIS D 73 34.32 40.21 11.06
CA HIS D 73 34.75 41.61 11.20
C HIS D 73 34.89 42.29 9.85
N LEU D 74 35.25 41.54 8.80
CA LEU D 74 35.33 42.14 7.47
C LEU D 74 34.01 42.76 7.07
N TYR D 75 32.90 42.09 7.42
CA TYR D 75 31.58 42.61 7.10
C TYR D 75 31.14 43.70 8.08
N TYR D 76 31.50 43.55 9.36
CA TYR D 76 31.21 44.59 10.36
C TYR D 76 31.93 45.89 10.00
N GLU D 77 33.23 45.78 9.65
CA GLU D 77 34.02 46.93 9.23
C GLU D 77 33.59 47.51 7.89
N GLY D 78 32.73 46.82 7.13
CA GLY D 78 32.31 47.36 5.85
C GLY D 78 33.24 47.10 4.69
N LYS D 79 34.35 46.40 4.91
CA LYS D 79 35.19 45.96 3.81
C LYS D 79 34.43 45.02 2.87
N GLU D 80 33.61 44.12 3.42
CA GLU D 80 32.73 43.25 2.65
C GLU D 80 31.28 43.59 2.94
N LYS D 81 30.42 43.39 1.94
CA LYS D 81 28.99 43.64 2.10
C LYS D 81 28.20 42.40 1.68
N ALA D 82 27.34 41.91 2.57
CA ALA D 82 26.62 40.65 2.37
C ALA D 82 25.63 40.75 1.22
N PRO D 83 25.75 39.91 0.19
CA PRO D 83 24.91 40.07 -1.00
C PRO D 83 23.45 39.69 -0.85
N TYR D 84 23.07 38.93 0.19
CA TYR D 84 21.69 38.54 0.41
C TYR D 84 21.28 38.80 1.85
N LEU D 85 20.04 39.23 2.05
CA LEU D 85 19.46 39.23 3.39
C LEU D 85 19.67 37.88 4.03
N THR D 86 20.33 37.88 5.18
CA THR D 86 20.69 36.67 5.92
C THR D 86 20.07 36.73 7.31
N LEU D 87 19.17 35.79 7.60
CA LEU D 87 18.53 35.64 8.91
C LEU D 87 19.16 34.46 9.64
N PHE D 88 19.57 34.68 10.89
CA PHE D 88 20.25 33.62 11.61
C PHE D 88 19.84 33.61 13.07
N ILE D 89 20.12 32.48 13.71
CA ILE D 89 19.96 32.31 15.13
C ILE D 89 21.35 32.04 15.68
N GLY D 90 21.47 32.07 17.01
CA GLY D 90 22.72 31.78 17.64
C GLY D 90 22.89 30.29 17.90
N GLY D 91 24.14 29.85 17.88
CA GLY D 91 24.45 28.46 18.19
C GLY D 91 25.33 28.40 19.41
N ASN D 92 26.30 27.52 19.41
CA ASN D 92 27.19 27.36 20.55
C ASN D 92 28.58 27.97 20.31
N HIS D 93 28.84 28.43 19.11
CA HIS D 93 30.10 29.10 18.80
C HIS D 93 29.76 30.50 18.32
N GLU D 94 29.70 31.43 19.25
CA GLU D 94 29.20 32.75 18.96
C GLU D 94 29.96 33.79 19.78
N SER D 95 29.92 35.03 19.30
CA SER D 95 30.32 36.17 20.14
C SER D 95 29.13 36.44 21.06
N SER D 96 29.07 35.68 22.16
CA SER D 96 27.84 35.61 22.95
C SER D 96 27.45 36.95 23.57
N ASN D 97 28.43 37.81 23.86
CA ASN D 97 28.14 39.16 24.34
C ASN D 97 27.35 39.97 23.30
N VAL D 98 27.72 39.83 22.03
CA VAL D 98 27.01 40.52 20.96
C VAL D 98 25.55 40.09 20.93
N LEU D 99 25.30 38.78 21.02
CA LEU D 99 23.92 38.29 20.91
C LEU D 99 23.10 38.66 22.15
N LEU D 100 23.73 38.70 23.33
CA LEU D 100 22.99 39.13 24.51
C LEU D 100 22.52 40.57 24.37
N HIS D 101 23.38 41.49 23.89
CA HIS D 101 22.93 42.86 23.60
C HIS D 101 21.73 42.84 22.67
N LEU D 102 21.72 41.92 21.71
CA LEU D 102 20.66 41.83 20.71
C LEU D 102 19.66 40.71 21.03
N TYR D 103 19.43 40.42 22.32
CA TYR D 103 18.54 39.31 22.68
C TYR D 103 17.15 39.49 22.13
N ASN D 104 16.70 40.73 21.97
CA ASN D 104 15.47 41.05 21.24
C ASN D 104 15.67 41.10 19.70
N GLY D 105 16.78 40.59 19.17
CA GLY D 105 16.99 40.64 17.74
C GLY D 105 17.70 41.92 17.32
N GLY D 106 18.33 41.85 16.16
CA GLY D 106 18.94 43.04 15.59
C GLY D 106 19.86 42.70 14.45
N PHE D 107 20.16 43.72 13.64
CA PHE D 107 21.18 43.59 12.62
C PHE D 107 22.56 43.69 13.24
N VAL D 108 23.41 42.70 12.99
CA VAL D 108 24.79 42.78 13.45
C VAL D 108 25.65 43.53 12.43
N CYS D 109 25.24 43.56 11.18
CA CYS D 109 25.82 44.39 10.14
C CYS D 109 24.83 44.36 8.99
N PHE D 110 25.21 44.96 7.87
CA PHE D 110 24.29 45.10 6.76
C PHE D 110 23.86 43.72 6.27
N ASN D 111 22.55 43.57 6.04
CA ASN D 111 21.95 42.35 5.51
C ASN D 111 22.08 41.13 6.40
N MET D 112 22.58 41.26 7.64
CA MET D 112 22.68 40.13 8.57
C MET D 112 21.83 40.41 9.82
N TYR D 113 20.68 39.74 9.92
CA TYR D 113 19.70 39.96 10.99
C TYR D 113 19.67 38.76 11.95
N TYR D 114 20.02 39.02 13.20
CA TYR D 114 19.96 38.04 14.27
C TYR D 114 18.56 38.02 14.86
N LEU D 115 17.97 36.84 14.99
CA LEU D 115 16.57 36.74 15.42
C LEU D 115 16.36 36.88 16.93
N GLY D 116 17.44 36.89 17.68
CA GLY D 116 17.33 36.96 19.11
C GLY D 116 17.38 35.62 19.80
N VAL D 117 17.26 35.60 21.13
CA VAL D 117 17.19 34.36 21.86
C VAL D 117 16.00 33.61 21.30
N CYS D 118 14.94 34.32 21.00
CA CYS D 118 13.78 33.72 20.35
C CYS D 118 12.92 34.79 19.75
N SER D 119 12.33 34.53 18.62
CA SER D 119 11.35 35.45 18.06
C SER D 119 10.69 34.84 16.84
N CYS D 120 9.72 35.55 16.30
CA CYS D 120 9.08 35.25 15.03
C CYS D 120 9.16 36.49 14.17
N ILE D 121 9.44 36.32 12.88
CA ILE D 121 9.45 37.44 11.94
C ILE D 121 8.59 37.07 10.74
N ASN D 122 8.26 38.09 9.94
CA ASN D 122 7.52 37.89 8.70
C ASN D 122 8.40 38.31 7.54
N ILE D 123 8.42 37.48 6.49
CA ILE D 123 9.06 37.85 5.23
C ILE D 123 8.42 37.06 4.09
N ASN D 124 8.06 37.77 3.02
CA ASN D 124 7.54 37.17 1.78
C ASN D 124 6.32 36.29 2.03
N GLY D 125 5.45 36.72 2.95
CA GLY D 125 4.29 35.95 3.31
C GLY D 125 4.55 34.81 4.29
N LEU D 126 5.79 34.57 4.66
CA LEU D 126 6.15 33.49 5.58
C LEU D 126 6.25 34.01 7.01
N ARG D 127 5.97 33.14 7.97
CA ARG D 127 6.23 33.39 9.39
C ARG D 127 7.32 32.43 9.85
N ILE D 128 8.40 32.99 10.38
CA ILE D 128 9.61 32.24 10.69
C ILE D 128 9.95 32.44 12.15
N VAL D 129 10.17 31.33 12.84
CA VAL D 129 10.47 31.29 14.27
C VAL D 129 11.90 30.79 14.40
N GLY D 130 12.65 31.39 15.30
CA GLY D 130 13.97 30.89 15.62
C GLY D 130 14.11 30.74 17.13
N VAL D 131 14.88 29.72 17.51
CA VAL D 131 15.26 29.44 18.89
C VAL D 131 16.78 29.35 18.91
N SER D 132 17.45 30.28 19.60
CA SER D 132 18.91 30.23 19.61
C SER D 132 19.43 29.25 20.66
N GLY D 133 20.67 28.85 20.47
CA GLY D 133 21.43 28.16 21.51
C GLY D 133 21.39 26.66 21.35
N ILE D 134 22.05 26.00 22.29
CA ILE D 134 21.95 24.55 22.42
C ILE D 134 21.58 24.24 23.86
N TYR D 135 21.07 23.02 24.08
CA TYR D 135 20.45 22.66 25.34
C TYR D 135 21.47 22.12 26.34
N LYS D 136 21.42 22.64 27.56
CA LYS D 136 22.17 22.12 28.69
C LYS D 136 21.26 22.20 29.90
N SER D 137 20.87 21.04 30.45
CA SER D 137 19.85 21.02 31.49
C SER D 137 20.25 21.83 32.73
N PHE D 138 21.55 21.96 33.02
CA PHE D 138 21.97 22.70 34.19
C PHE D 138 21.60 24.18 34.11
N ASP D 139 21.57 24.76 32.91
CA ASP D 139 21.39 26.20 32.78
C ASP D 139 20.00 26.59 32.28
N GLU D 140 19.08 25.63 32.15
CA GLU D 140 17.86 25.93 31.41
C GLU D 140 16.94 26.87 32.18
N LYS D 141 17.14 27.01 33.48
CA LYS D 141 16.41 28.01 34.26
C LYS D 141 17.29 29.15 34.73
N LYS D 142 18.53 29.24 34.26
CA LYS D 142 19.36 30.35 34.69
C LYS D 142 18.88 31.63 34.01
N PRO D 143 18.85 32.75 34.71
CA PRO D 143 18.59 34.04 34.07
C PRO D 143 19.80 34.50 33.26
N TYR D 144 19.56 35.50 32.41
CA TYR D 144 20.65 36.23 31.78
C TYR D 144 21.06 37.35 32.70
N THR D 145 22.35 37.54 32.91
CA THR D 145 22.86 38.68 33.65
C THR D 145 23.51 39.66 32.68
N TYR D 146 23.25 40.95 32.90
CA TYR D 146 23.62 41.97 31.94
C TYR D 146 24.18 43.17 32.70
N PRO D 147 25.27 43.78 32.22
CA PRO D 147 25.97 43.57 30.93
C PRO D 147 26.73 42.24 30.86
N PRO D 148 27.11 41.78 29.66
CA PRO D 148 27.78 40.48 29.57
C PRO D 148 29.07 40.50 30.36
N SER D 149 29.39 39.36 30.94
CA SER D 149 30.63 39.17 31.69
C SER D 149 31.41 38.00 31.09
N PRO D 150 32.74 38.10 31.03
CA PRO D 150 33.52 36.99 30.44
C PRO D 150 33.32 35.69 31.18
N ASN D 151 32.97 35.72 32.47
CA ASN D 151 32.74 34.50 33.23
C ASN D 151 31.54 33.71 32.69
N ASP D 152 30.69 34.32 31.88
CA ASP D 152 29.50 33.67 31.34
C ASP D 152 29.73 33.14 29.94
N VAL D 153 30.99 33.05 29.51
CA VAL D 153 31.24 32.54 28.17
C VAL D 153 30.72 31.12 28.05
N VAL D 154 30.70 30.36 29.16
CA VAL D 154 30.32 28.96 29.10
C VAL D 154 28.81 28.75 29.17
N SER D 155 28.03 29.78 29.49
CA SER D 155 26.61 29.60 29.75
C SER D 155 25.70 30.43 28.85
N LEU D 156 26.20 31.50 28.25
CA LEU D 156 25.32 32.45 27.59
C LEU D 156 24.58 31.84 26.42
N PHE D 157 25.13 30.82 25.77
CA PHE D 157 24.51 30.25 24.59
C PHE D 157 23.65 29.01 24.90
N HIS D 158 23.37 28.73 26.17
CA HIS D 158 22.51 27.61 26.54
C HIS D 158 21.05 28.06 26.51
N THR D 159 20.22 27.34 25.75
CA THR D 159 18.81 27.71 25.59
C THR D 159 18.10 27.68 26.95
N ARG D 160 17.35 28.72 27.25
CA ARG D 160 16.58 28.77 28.49
C ARG D 160 15.16 28.22 28.26
N ASN D 161 14.63 27.57 29.30
CA ASN D 161 13.32 26.94 29.23
C ASN D 161 12.23 27.95 28.87
N TYR D 162 12.37 29.21 29.30
CA TYR D 162 11.29 30.17 29.17
C TYR D 162 10.90 30.46 27.74
N VAL D 163 11.73 30.10 26.76
CA VAL D 163 11.36 30.39 25.37
C VAL D 163 10.15 29.57 24.98
N ILE D 164 9.95 28.40 25.59
CA ILE D 164 8.75 27.63 25.29
C ILE D 164 7.52 28.46 25.56
N GLN D 165 7.44 29.09 26.74
CA GLN D 165 6.27 29.90 27.06
C GLN D 165 6.19 31.15 26.19
N MET D 166 7.33 31.70 25.75
CA MET D 166 7.29 32.88 24.88
C MET D 166 6.69 32.57 23.52
N LEU D 167 6.94 31.36 23.01
CA LEU D 167 6.60 31.03 21.63
C LEU D 167 5.32 30.21 21.48
N SER D 168 4.75 29.69 22.57
CA SER D 168 3.75 28.62 22.45
C SER D 168 2.45 29.10 21.81
N ASN D 169 2.06 30.38 22.00
CA ASN D 169 0.80 30.86 21.43
C ASN D 169 0.92 31.34 20.00
N LEU D 170 2.08 31.16 19.34
CA LEU D 170 2.36 31.85 18.09
C LEU D 170 1.61 31.26 16.90
N SER D 171 1.12 30.03 17.00
CA SER D 171 0.35 29.45 15.91
C SER D 171 -1.16 29.63 16.09
N GLN D 172 -1.59 30.30 17.15
CA GLN D 172 -3.03 30.44 17.42
C GLN D 172 -3.76 31.01 16.21
N SER D 173 -3.21 32.06 15.59
CA SER D 173 -3.92 32.78 14.53
C SER D 173 -3.44 32.44 13.12
N SER D 174 -2.33 31.72 12.95
CA SER D 174 -1.94 31.20 11.63
C SER D 174 -0.75 30.27 11.79
N GLN D 175 -0.49 29.50 10.73
CA GLN D 175 0.59 28.52 10.73
C GLN D 175 1.96 29.19 10.74
N ILE D 176 2.92 28.52 11.36
CA ILE D 176 4.32 28.89 11.28
C ILE D 176 4.92 28.16 10.08
N ASP D 177 5.55 28.91 9.19
CA ASP D 177 6.06 28.30 7.96
C ASP D 177 7.39 27.59 8.20
N ILE D 178 8.33 28.26 8.88
CA ILE D 178 9.64 27.69 9.15
C ILE D 178 10.02 27.98 10.59
N SER D 179 10.62 27.00 11.24
CA SER D 179 11.21 27.16 12.55
C SER D 179 12.67 26.75 12.45
N LEU D 180 13.54 27.48 13.14
CA LEU D 180 14.98 27.26 13.12
C LEU D 180 15.46 26.97 14.52
N SER D 181 16.39 26.05 14.63
CA SER D 181 17.09 25.83 15.89
C SER D 181 18.49 25.37 15.55
N HIS D 182 19.38 25.45 16.53
CA HIS D 182 20.74 25.02 16.22
C HIS D 182 20.89 23.52 16.44
N ASP D 183 20.70 23.07 17.67
CA ASP D 183 20.70 21.63 17.86
C ASP D 183 19.33 21.06 17.50
N TRP D 184 19.31 19.75 17.31
CA TRP D 184 18.14 19.07 16.78
C TRP D 184 17.04 18.98 17.83
N PRO D 185 15.77 19.07 17.42
CA PRO D 185 14.67 18.69 18.33
C PRO D 185 14.90 17.25 18.81
N GLN D 186 14.86 17.07 20.13
CA GLN D 186 15.19 15.79 20.73
C GLN D 186 14.30 14.69 20.15
N GLY D 187 14.93 13.58 19.75
CA GLY D 187 14.22 12.41 19.29
C GLY D 187 13.86 12.38 17.81
N ILE D 188 14.01 13.49 17.09
CA ILE D 188 13.59 13.48 15.70
C ILE D 188 14.48 12.60 14.84
N VAL D 189 15.61 12.15 15.37
CA VAL D 189 16.49 11.26 14.63
C VAL D 189 15.78 9.96 14.25
N MET D 190 14.92 9.46 15.14
CA MET D 190 14.26 8.19 14.85
C MET D 190 13.22 8.28 13.75
N LYS D 191 12.82 9.48 13.37
CA LYS D 191 11.78 9.67 12.36
C LYS D 191 12.34 9.77 10.95
N GLY D 192 13.62 9.46 10.76
CA GLY D 192 14.19 9.40 9.42
C GLY D 192 14.91 8.09 9.21
N ASN D 193 15.54 7.98 8.03
CA ASN D 193 16.34 6.81 7.68
C ASN D 193 17.59 6.82 8.54
N TYR D 194 17.44 6.47 9.82
CA TYR D 194 18.55 6.67 10.74
C TYR D 194 19.62 5.61 10.58
N LYS D 195 19.28 4.39 10.10
CA LYS D 195 20.35 3.42 9.86
C LYS D 195 21.31 3.94 8.81
N GLN D 196 20.80 4.58 7.76
CA GLN D 196 21.71 5.24 6.81
C GLN D 196 22.51 6.34 7.49
N LEU D 197 21.88 7.09 8.41
CA LEU D 197 22.61 8.14 9.12
C LEU D 197 23.68 7.57 10.03
N TYR D 198 23.35 6.51 10.77
CA TYR D 198 24.35 5.86 11.61
C TYR D 198 25.50 5.28 10.79
N ARG D 199 25.27 5.05 9.50
CA ARG D 199 26.34 4.60 8.64
C ARG D 199 27.37 5.71 8.46
N PHE D 200 26.94 6.86 7.92
CA PHE D 200 27.85 7.97 7.67
C PHE D 200 28.48 8.48 8.97
N GLN D 201 27.71 8.51 10.06
CA GLN D 201 28.12 9.12 11.32
C GLN D 201 27.97 8.12 12.45
N PRO D 202 28.95 7.22 12.63
CA PRO D 202 28.79 6.18 13.66
C PRO D 202 28.69 6.71 15.08
N GLY D 203 29.16 7.93 15.35
CA GLY D 203 29.17 8.43 16.71
C GLY D 203 27.80 8.68 17.31
N PHE D 204 26.77 8.88 16.48
CA PHE D 204 25.45 9.23 16.99
C PHE D 204 24.81 8.07 17.74
N LYS D 205 24.94 6.84 17.21
CA LYS D 205 24.23 5.68 17.74
C LYS D 205 24.36 5.57 19.26
N LYS D 206 25.45 6.12 19.81
CA LYS D 206 25.62 6.16 21.26
C LYS D 206 24.43 6.80 21.96
N ASP D 207 23.96 7.93 21.44
CA ASP D 207 22.90 8.69 22.10
C ASP D 207 21.49 8.25 21.70
N GLY D 208 21.34 7.61 20.54
CA GLY D 208 20.04 7.05 20.17
C GLY D 208 18.96 8.12 20.07
N ALA D 209 17.80 7.83 20.67
CA ALA D 209 16.67 8.72 20.57
C ALA D 209 16.81 9.96 21.44
N SER D 210 17.61 9.88 22.51
CA SER D 210 17.75 11.01 23.43
C SER D 210 18.53 12.17 22.82
N LEU D 211 19.01 12.02 21.59
CA LEU D 211 19.85 13.04 20.98
C LEU D 211 19.01 14.27 20.63
N GLY D 212 19.46 15.44 21.05
CA GLY D 212 18.83 16.69 20.69
C GLY D 212 18.27 17.44 21.87
N SER D 213 17.61 18.55 21.55
CA SER D 213 17.15 19.45 22.60
C SER D 213 15.72 19.12 22.99
N PRO D 214 15.43 18.85 24.26
CA PRO D 214 14.03 18.74 24.68
C PRO D 214 13.26 20.03 24.52
N ILE D 215 13.93 21.18 24.62
CA ILE D 215 13.23 22.45 24.46
C ILE D 215 12.69 22.58 23.04
N ASN D 216 13.54 22.25 22.06
CA ASN D 216 13.12 22.34 20.66
C ASN D 216 12.04 21.30 20.34
N LYS D 217 12.16 20.10 20.92
CA LYS D 217 11.11 19.09 20.85
C LYS D 217 9.73 19.68 21.17
N VAL D 218 9.60 20.28 22.36
CA VAL D 218 8.32 20.82 22.81
C VAL D 218 7.83 21.88 21.85
N ILE D 219 8.73 22.78 21.43
CA ILE D 219 8.32 23.84 20.52
C ILE D 219 7.88 23.26 19.18
N LEU D 220 8.60 22.27 18.67
CA LEU D 220 8.14 21.64 17.42
C LEU D 220 6.76 21.03 17.60
N ASN D 221 6.54 20.34 18.72
CA ASN D 221 5.24 19.72 18.98
C ASN D 221 4.14 20.75 19.20
N THR D 222 4.49 21.95 19.65
CA THR D 222 3.47 22.95 19.98
C THR D 222 3.07 23.75 18.74
N LEU D 223 4.05 24.19 17.97
CA LEU D 223 3.79 25.06 16.82
C LEU D 223 3.55 24.27 15.54
N LYS D 224 4.09 23.05 15.47
CA LYS D 224 3.95 22.16 14.32
C LYS D 224 4.20 22.90 13.00
N PRO D 225 5.36 23.53 12.82
CA PRO D 225 5.59 24.30 11.60
C PRO D 225 5.70 23.38 10.40
N LYS D 226 5.60 23.99 9.21
CA LYS D 226 5.76 23.23 7.96
C LYS D 226 7.16 22.63 7.87
N TYR D 227 8.18 23.40 8.25
CA TYR D 227 9.56 22.94 8.24
C TYR D 227 10.23 23.27 9.57
N TRP D 228 11.06 22.35 10.04
CA TRP D 228 12.00 22.61 11.12
C TRP D 228 13.41 22.38 10.56
N ILE D 229 14.26 23.42 10.62
CA ILE D 229 15.61 23.36 10.10
C ILE D 229 16.59 23.50 11.26
N SER D 230 17.54 22.58 11.32
CA SER D 230 18.55 22.58 12.36
C SER D 230 19.92 22.38 11.73
N GLY D 231 20.95 22.60 12.54
CA GLY D 231 22.33 22.35 12.15
C GLY D 231 23.07 21.64 13.27
N HIS D 232 24.29 22.09 13.59
CA HIS D 232 25.08 21.68 14.75
C HIS D 232 25.64 20.25 14.65
N MET D 233 25.16 19.47 13.69
CA MET D 233 25.58 18.08 13.63
C MET D 233 26.60 17.82 12.53
N HIS D 234 26.77 18.77 11.61
CA HIS D 234 27.74 18.65 10.52
C HIS D 234 27.41 17.46 9.63
N CYS D 235 26.14 17.37 9.23
CA CYS D 235 25.67 16.31 8.35
C CYS D 235 24.29 16.67 7.81
N GLU D 236 23.94 16.02 6.71
CA GLU D 236 22.64 16.15 6.08
C GLU D 236 21.71 15.13 6.70
N TYR D 237 20.41 15.45 6.71
CA TYR D 237 19.39 14.55 7.28
C TYR D 237 18.00 15.09 6.98
N HIS D 238 17.07 14.15 6.86
CA HIS D 238 15.65 14.44 6.64
C HIS D 238 14.84 13.58 7.60
N ALA D 239 13.71 14.11 8.06
CA ALA D 239 12.77 13.33 8.84
C ALA D 239 11.41 14.02 8.80
N GLU D 240 10.38 13.26 9.14
CA GLU D 240 9.02 13.77 9.19
C GLU D 240 8.48 13.55 10.59
N GLU D 241 7.91 14.60 11.17
CA GLU D 241 7.31 14.52 12.49
C GLU D 241 5.92 15.15 12.40
N GLY D 242 4.89 14.30 12.29
CA GLY D 242 3.56 14.77 11.99
C GLY D 242 3.57 15.53 10.68
N PRO D 243 2.97 16.71 10.66
CA PRO D 243 2.98 17.55 9.46
C PRO D 243 4.24 18.37 9.28
N THR D 244 5.30 18.12 10.07
CA THR D 244 6.52 18.92 10.04
C THR D 244 7.61 18.19 9.27
N HIS D 245 8.14 18.84 8.22
CA HIS D 245 9.33 18.36 7.53
C HIS D 245 10.56 18.82 8.29
N PHE D 246 11.34 17.89 8.83
CA PHE D 246 12.61 18.25 9.47
C PHE D 246 13.76 18.17 8.46
N ILE D 247 14.61 19.20 8.44
CA ILE D 247 15.83 19.23 7.61
C ILE D 247 17.01 19.64 8.48
N ALA D 248 18.04 18.80 8.52
CA ALA D 248 19.28 19.11 9.21
C ALA D 248 20.42 19.29 8.21
N LEU D 249 21.25 20.31 8.42
CA LEU D 249 22.27 20.71 7.46
C LEU D 249 23.66 20.68 8.09
N GLY D 250 24.68 20.64 7.23
CA GLY D 250 26.06 20.52 7.66
C GLY D 250 26.77 21.85 7.78
N LYS D 251 28.10 21.77 7.91
CA LYS D 251 28.97 22.92 8.11
C LYS D 251 29.48 23.47 6.79
N ILE D 252 29.51 24.80 6.67
CA ILE D 252 30.01 25.46 5.47
C ILE D 252 31.41 24.95 5.14
N GLY D 253 31.67 24.77 3.84
CA GLY D 253 32.87 24.12 3.35
C GLY D 253 32.59 22.86 2.55
N TYR D 254 31.51 22.15 2.91
CA TYR D 254 31.20 20.86 2.33
C TYR D 254 29.92 20.98 1.51
N LYS D 255 29.71 19.99 0.62
CA LYS D 255 28.57 20.05 -0.29
C LYS D 255 27.24 20.21 0.43
N ASN D 256 27.13 19.62 1.64
CA ASN D 256 25.86 19.47 2.33
C ASN D 256 25.42 20.71 3.09
N ALA D 257 26.37 21.57 3.47
CA ALA D 257 26.08 22.64 4.41
C ALA D 257 24.93 23.52 3.95
N ILE D 258 24.75 23.64 2.64
CA ILE D 258 23.74 24.49 2.06
C ILE D 258 22.76 23.62 1.31
N SER D 259 21.49 23.98 1.40
CA SER D 259 20.47 23.40 0.57
C SER D 259 19.45 24.49 0.29
N TYR D 260 18.41 24.14 -0.43
CA TYR D 260 17.50 25.15 -0.91
C TYR D 260 16.08 24.66 -0.70
N LEU D 261 15.25 25.54 -0.17
CA LEU D 261 13.82 25.35 -0.10
C LEU D 261 13.18 26.13 -1.23
N ASP D 262 12.24 25.51 -1.94
CA ASP D 262 11.51 26.17 -3.03
C ASP D 262 10.04 26.18 -2.63
N LEU D 263 9.53 27.35 -2.26
CA LEU D 263 8.29 27.50 -1.55
C LEU D 263 7.35 28.46 -2.29
N PRO D 264 6.06 28.32 -2.08
CA PRO D 264 5.11 29.28 -2.68
C PRO D 264 5.38 30.69 -2.18
N LEU D 265 5.13 31.65 -3.06
CA LEU D 265 5.31 33.07 -2.78
C LEU D 265 3.96 33.75 -3.00
N LYS D 266 3.20 33.88 -1.92
CA LYS D 266 1.92 34.60 -2.00
C LYS D 266 2.15 36.03 -2.45
N GLN D 267 3.05 36.75 -1.77
CA GLN D 267 3.35 38.15 -2.01
C GLN D 267 4.71 38.43 -1.43
N LYS D 268 5.59 39.10 -2.18
CA LYS D 268 6.92 39.40 -1.68
C LYS D 268 6.85 40.71 -0.91
N THR D 269 7.33 40.69 0.34
CA THR D 269 7.31 41.88 1.19
C THR D 269 8.53 41.86 2.10
N ASP D 270 8.94 43.07 2.51
CA ASP D 270 10.16 43.27 3.29
C ASP D 270 10.07 42.57 4.65
N LEU D 271 11.24 42.24 5.19
CA LEU D 271 11.31 41.74 6.56
C LEU D 271 10.56 42.65 7.53
N GLU D 272 9.58 42.07 8.23
CA GLU D 272 8.77 42.78 9.23
C GLU D 272 8.73 41.99 10.52
N TYR D 273 8.43 42.69 11.62
CA TYR D 273 8.16 42.06 12.90
C TYR D 273 6.83 41.32 12.82
N ASP D 274 6.76 40.16 13.47
CA ASP D 274 5.50 39.44 13.55
C ASP D 274 4.60 40.08 14.60
N LYS D 275 3.33 40.32 14.26
CA LYS D 275 2.46 41.08 15.17
C LYS D 275 2.15 40.29 16.44
N ASP D 276 2.02 38.97 16.34
CA ASP D 276 1.79 38.19 17.56
C ASP D 276 3.03 38.17 18.43
N TRP D 277 4.22 38.09 17.81
CA TRP D 277 5.46 38.15 18.60
C TRP D 277 5.58 39.49 19.32
N VAL D 278 5.27 40.58 18.63
CA VAL D 278 5.35 41.90 19.26
C VAL D 278 4.39 41.98 20.46
N CYS D 279 3.19 41.42 20.32
CA CYS D 279 2.29 41.41 21.46
C CYS D 279 2.87 40.62 22.62
N ASN D 280 3.45 39.44 22.36
CA ASN D 280 4.08 38.70 23.45
C ASN D 280 5.22 39.51 24.08
N LEU D 281 5.96 40.24 23.25
CA LEU D 281 7.09 41.03 23.76
C LEU D 281 6.62 42.11 24.71
N ILE D 282 5.58 42.85 24.33
CA ILE D 282 5.08 43.91 25.20
C ILE D 282 4.48 43.31 26.47
N MET D 283 3.58 42.33 26.33
CA MET D 283 2.89 41.81 27.52
C MET D 283 3.82 41.13 28.50
N THR D 284 4.97 40.62 28.06
CA THR D 284 5.88 40.03 29.04
C THR D 284 6.88 41.02 29.58
N TRP D 285 6.75 42.30 29.27
CA TRP D 285 7.71 43.28 29.78
C TRP D 285 7.93 43.22 31.29
N PRO D 286 6.90 43.01 32.14
CA PRO D 286 7.19 43.01 33.59
C PRO D 286 8.23 41.97 33.98
N ALA D 287 8.29 40.84 33.28
CA ALA D 287 9.29 39.82 33.61
C ALA D 287 10.69 40.22 33.16
N PHE D 288 10.81 41.22 32.29
CA PHE D 288 12.10 41.59 31.71
C PHE D 288 12.58 42.95 32.18
N SER D 289 11.87 43.57 33.13
CA SER D 289 12.09 44.99 33.41
C SER D 289 13.40 45.25 34.18
N ASN D 290 14.00 44.23 34.79
CA ASN D 290 15.28 44.41 35.47
C ASN D 290 16.39 44.16 34.46
N LYS D 291 17.00 45.24 33.96
CA LYS D 291 17.98 45.08 32.89
C LYS D 291 19.21 44.31 33.33
N ALA D 292 19.44 44.15 34.65
CA ALA D 292 20.61 43.45 35.14
C ALA D 292 20.41 41.94 35.16
N GLN D 293 19.17 41.48 35.20
CA GLN D 293 18.91 40.05 35.33
C GLN D 293 17.51 39.77 34.81
N PHE D 294 17.39 38.96 33.75
CA PHE D 294 16.10 38.72 33.13
C PHE D 294 16.11 37.36 32.46
N PRO D 295 14.94 36.71 32.30
CA PRO D 295 13.63 37.12 32.83
C PRO D 295 13.55 36.85 34.33
N ASP D 296 12.69 37.58 35.03
CA ASP D 296 12.46 37.38 36.45
C ASP D 296 11.35 36.34 36.56
N LEU D 297 11.72 35.09 36.87
CA LEU D 297 10.76 34.00 36.78
C LEU D 297 9.89 33.88 38.03
N SER D 298 10.01 34.81 38.98
CA SER D 298 8.94 34.97 39.97
C SER D 298 7.62 35.31 39.29
N TYR D 299 7.67 35.88 38.09
CA TYR D 299 6.50 36.02 37.23
C TYR D 299 6.24 34.73 36.48
N SER D 300 4.99 34.53 36.09
CA SER D 300 4.67 33.46 35.15
C SER D 300 4.53 34.07 33.75
N ILE D 301 5.38 33.63 32.83
CA ILE D 301 5.29 34.08 31.44
C ILE D 301 3.89 33.80 30.89
N SER D 302 3.39 32.57 31.14
CA SER D 302 2.08 32.19 30.60
C SER D 302 0.98 33.06 31.17
N GLU D 303 1.05 33.37 32.47
CA GLU D 303 0.09 34.29 33.08
C GLU D 303 0.18 35.68 32.45
N LEU D 304 1.42 36.20 32.29
CA LEU D 304 1.53 37.52 31.67
C LEU D 304 0.90 37.53 30.29
N LEU D 305 1.07 36.44 29.52
CA LEU D 305 0.49 36.34 28.17
C LEU D 305 -1.01 36.10 28.19
N SER D 306 -1.55 35.51 29.26
CA SER D 306 -2.99 35.29 29.32
C SER D 306 -3.77 36.61 29.33
N LYS D 307 -3.10 37.73 29.61
CA LYS D 307 -3.76 39.02 29.63
C LYS D 307 -3.93 39.61 28.25
N ARG D 308 -3.40 38.95 27.20
CA ARG D 308 -3.58 39.46 25.85
C ARG D 308 -5.05 39.45 25.49
N THR D 309 -5.50 40.55 24.87
CA THR D 309 -6.82 40.63 24.29
C THR D 309 -6.70 41.19 22.89
N LYS D 310 -7.71 40.92 22.06
CA LYS D 310 -7.72 41.47 20.70
C LYS D 310 -7.64 42.99 20.75
N GLU D 311 -8.28 43.61 21.74
CA GLU D 311 -8.28 45.06 21.85
C GLU D 311 -6.90 45.58 22.23
N LEU D 312 -6.29 45.00 23.27
CA LEU D 312 -4.93 45.39 23.65
C LEU D 312 -3.94 45.13 22.53
N ASP D 313 -4.11 44.00 21.83
CA ASP D 313 -3.24 43.68 20.70
C ASP D 313 -3.29 44.79 19.66
N LYS D 314 -4.48 45.27 19.32
CA LYS D 314 -4.60 46.31 18.31
C LYS D 314 -3.88 47.58 18.75
N LYS D 315 -3.97 47.91 20.04
CA LYS D 315 -3.29 49.11 20.53
C LYS D 315 -1.78 48.90 20.60
N ILE D 316 -1.34 47.69 20.94
CA ILE D 316 0.09 47.39 20.95
C ILE D 316 0.67 47.60 19.56
N ILE D 317 0.00 47.07 18.55
CA ILE D 317 0.52 47.14 17.19
C ILE D 317 0.55 48.59 16.70
N GLU D 318 -0.47 49.38 17.04
CA GLU D 318 -0.48 50.78 16.65
C GLU D 318 0.70 51.53 17.25
N LEU D 319 0.96 51.31 18.54
CA LEU D 319 2.06 51.99 19.22
C LEU D 319 3.42 51.51 18.72
N TRP D 320 3.55 50.22 18.44
CA TRP D 320 4.80 49.72 17.89
C TRP D 320 5.08 50.32 16.51
N GLU D 321 4.05 50.43 15.67
CA GLU D 321 4.17 51.14 14.40
C GLU D 321 4.68 52.55 14.60
N LYS D 322 4.11 53.25 15.58
CA LYS D 322 4.52 54.63 15.84
C LYS D 322 5.99 54.71 16.24
N TYR D 323 6.41 53.93 17.25
CA TYR D 323 7.73 54.13 17.83
C TYR D 323 8.84 53.36 17.13
N ILE D 324 8.56 52.17 16.60
CA ILE D 324 9.60 51.34 16.02
C ILE D 324 9.37 51.11 14.54
N GLY D 325 8.12 50.92 14.14
CA GLY D 325 7.81 50.60 12.76
C GLY D 325 7.64 49.11 12.56
N LEU D 326 6.80 48.74 11.60
CA LEU D 326 6.58 47.34 11.31
C LEU D 326 7.76 46.73 10.56
N LYS D 327 8.43 47.52 9.73
CA LYS D 327 9.54 47.00 8.95
C LYS D 327 10.79 46.90 9.83
N ILE D 328 11.56 45.84 9.63
CA ILE D 328 12.80 45.65 10.36
C ILE D 328 13.92 46.25 9.52
N ILE D 329 14.53 47.32 10.03
CA ILE D 329 15.40 48.17 9.24
C ILE D 329 16.76 48.25 9.90
N TYR D 330 17.80 48.45 9.08
CA TYR D 330 19.16 48.47 9.58
C TYR D 330 19.39 49.64 10.52
N ASP D 331 20.02 49.37 11.65
CA ASP D 331 20.35 50.34 12.68
C ASP D 331 21.83 50.14 12.97
N SER D 332 22.62 51.21 12.99
CA SER D 332 24.05 51.08 13.14
C SER D 332 24.56 51.59 14.47
N ASP D 333 23.67 51.89 15.41
CA ASP D 333 24.13 52.15 16.76
C ASP D 333 24.86 50.93 17.31
N THR D 334 25.76 51.18 18.26
CA THR D 334 26.44 50.09 18.93
C THR D 334 25.40 49.20 19.59
N PHE D 335 25.78 47.95 19.84
CA PHE D 335 24.79 46.99 20.29
C PHE D 335 24.29 47.32 21.70
N ASP D 336 25.14 47.89 22.56
CA ASP D 336 24.67 48.29 23.89
C ASP D 336 23.63 49.40 23.82
N ILE D 337 23.72 50.29 22.83
CA ILE D 337 22.70 51.31 22.62
C ILE D 337 21.42 50.69 22.11
N GLN D 338 21.52 49.74 21.17
CA GLN D 338 20.33 49.09 20.64
C GLN D 338 19.59 48.30 21.71
N PHE D 339 20.34 47.66 22.62
CA PHE D 339 19.73 46.99 23.77
C PHE D 339 18.85 47.95 24.57
N THR D 340 19.44 49.08 24.95
CA THR D 340 18.74 50.08 25.74
C THR D 340 17.58 50.68 24.97
N SER D 341 17.80 50.97 23.69
CA SER D 341 16.76 51.63 22.90
C SER D 341 15.52 50.74 22.76
N ARG D 342 15.70 49.47 22.37
CA ARG D 342 14.55 48.59 22.13
C ARG D 342 13.77 48.35 23.42
N ARG D 343 14.49 48.10 24.51
CA ARG D 343 13.81 47.98 25.80
C ARG D 343 13.12 49.28 26.18
N PHE D 344 13.68 50.43 25.78
CA PHE D 344 13.04 51.69 26.10
C PHE D 344 11.65 51.79 25.47
N TYR D 345 11.51 51.38 24.21
CA TYR D 345 10.22 51.45 23.53
C TYR D 345 9.28 50.35 23.98
N ILE D 346 9.79 49.17 24.36
CA ILE D 346 8.92 48.12 24.89
C ILE D 346 8.28 48.59 26.19
N GLU D 347 9.08 49.09 27.12
CA GLU D 347 8.57 49.65 28.37
C GLU D 347 7.61 50.80 28.13
N LYS D 348 7.88 51.64 27.13
CA LYS D 348 6.98 52.77 26.89
C LYS D 348 5.62 52.26 26.46
N ILE D 349 5.61 51.30 25.53
CA ILE D 349 4.36 50.77 25.01
C ILE D 349 3.58 50.08 26.12
N TYR D 350 4.26 49.27 26.95
CA TYR D 350 3.58 48.56 28.02
C TYR D 350 2.92 49.53 28.99
N ASN D 351 3.66 50.56 29.43
CA ASN D 351 3.10 51.56 30.33
C ASN D 351 1.93 52.31 29.69
N GLU D 352 1.97 52.50 28.38
CA GLU D 352 0.89 53.19 27.68
C GLU D 352 -0.42 52.40 27.66
N LEU D 353 -0.38 51.08 27.88
CA LEU D 353 -1.60 50.30 27.83
C LEU D 353 -2.43 50.43 29.09
N ASN D 354 -1.81 50.81 30.22
CA ASN D 354 -2.49 50.95 31.52
C ASN D 354 -3.10 49.63 31.99
N ILE D 355 -2.31 48.56 31.95
CA ILE D 355 -2.73 47.25 32.48
C ILE D 355 -2.04 46.95 33.81
N GLN E 7 -34.76 -2.54 43.47
CA GLN E 7 -34.37 -2.48 42.06
C GLN E 7 -32.87 -2.25 41.87
N ILE E 8 -32.32 -2.92 40.87
CA ILE E 8 -30.91 -2.83 40.53
C ILE E 8 -30.79 -2.81 39.01
N GLN E 9 -29.70 -2.22 38.52
CA GLN E 9 -29.35 -2.26 37.10
C GLN E 9 -27.89 -2.68 36.96
N HIS E 10 -27.61 -3.54 36.00
CA HIS E 10 -26.27 -4.08 35.79
C HIS E 10 -25.66 -3.44 34.56
N ILE E 11 -24.64 -2.61 34.79
CA ILE E 11 -24.00 -1.80 33.75
C ILE E 11 -22.63 -2.39 33.50
N ALA E 12 -22.39 -2.84 32.27
CA ALA E 12 -21.07 -3.29 31.86
C ALA E 12 -20.18 -2.08 31.59
N ILE E 13 -18.98 -2.08 32.18
CA ILE E 13 -17.99 -1.04 31.95
C ILE E 13 -16.76 -1.69 31.32
N VAL E 14 -16.28 -1.09 30.22
CA VAL E 14 -15.26 -1.67 29.34
C VAL E 14 -14.12 -0.67 29.19
N GLY E 15 -12.89 -1.19 29.20
CA GLY E 15 -11.72 -0.35 28.97
C GLY E 15 -11.50 -0.16 27.48
N CYS E 16 -10.33 -0.50 26.96
CA CYS E 16 -10.02 -0.26 25.56
C CYS E 16 -10.63 -1.35 24.67
N VAL E 17 -11.35 -0.94 23.63
CA VAL E 17 -11.88 -1.91 22.69
C VAL E 17 -10.88 -2.23 21.60
N HIS E 18 -10.22 -1.21 21.05
CA HIS E 18 -9.23 -1.38 19.98
C HIS E 18 -9.79 -2.16 18.80
N GLY E 19 -11.06 -1.91 18.47
CA GLY E 19 -11.65 -2.54 17.30
C GLY E 19 -12.12 -3.96 17.48
N LYS E 20 -12.01 -4.52 18.69
CA LYS E 20 -12.40 -5.91 18.93
C LYS E 20 -13.85 -6.00 19.39
N TYR E 21 -14.74 -5.49 18.52
CA TYR E 21 -16.14 -5.39 18.87
C TYR E 21 -16.82 -6.76 18.98
N ARG E 22 -16.57 -7.65 18.00
CA ARG E 22 -17.21 -8.97 18.05
C ARG E 22 -16.84 -9.69 19.34
N GLU E 23 -15.55 -9.70 19.67
CA GLU E 23 -15.10 -10.34 20.90
C GLU E 23 -15.75 -9.70 22.13
N MET E 24 -15.82 -8.36 22.18
CA MET E 24 -16.43 -7.70 23.33
C MET E 24 -17.89 -8.12 23.50
N TYR E 25 -18.66 -8.07 22.42
CA TYR E 25 -20.07 -8.42 22.56
C TYR E 25 -20.24 -9.91 22.81
N ARG E 26 -19.30 -10.73 22.31
CA ARG E 26 -19.30 -12.15 22.66
C ARG E 26 -19.12 -12.36 24.16
N GLN E 27 -18.14 -11.65 24.76
CA GLN E 27 -17.91 -11.79 26.20
C GLN E 27 -19.09 -11.29 27.01
N LEU E 28 -19.69 -10.18 26.59
CA LEU E 28 -20.81 -9.63 27.34
C LEU E 28 -22.01 -10.58 27.32
N SER E 29 -22.16 -11.34 26.24
CA SER E 29 -23.28 -12.27 26.17
C SER E 29 -23.07 -13.48 27.07
N GLU E 30 -21.81 -13.88 27.26
CA GLU E 30 -21.51 -14.98 28.18
C GLU E 30 -21.84 -14.60 29.60
N TYR E 31 -21.49 -13.38 30.03
CA TYR E 31 -21.89 -12.94 31.36
C TYR E 31 -23.40 -13.00 31.54
N GLU E 32 -24.16 -12.79 30.47
CA GLU E 32 -25.61 -12.79 30.62
C GLU E 32 -26.15 -14.20 30.82
N LYS E 33 -25.62 -15.18 30.11
CA LYS E 33 -26.02 -16.56 30.35
C LYS E 33 -25.53 -17.04 31.71
N SER E 34 -24.22 -16.96 31.94
CA SER E 34 -23.60 -17.63 33.09
C SER E 34 -24.08 -17.07 34.42
N THR E 35 -24.54 -15.82 34.47
CA THR E 35 -25.05 -15.25 35.71
C THR E 35 -26.56 -15.19 35.74
N GLY E 36 -27.23 -15.34 34.60
CA GLY E 36 -28.66 -15.06 34.54
C GLY E 36 -28.96 -13.58 34.70
N LYS E 37 -27.95 -12.79 35.05
CA LYS E 37 -28.08 -11.35 35.15
C LYS E 37 -28.32 -10.75 33.76
N GLU E 38 -28.87 -9.54 33.75
CA GLU E 38 -29.17 -8.82 32.52
C GLU E 38 -28.45 -7.49 32.50
N ILE E 39 -28.09 -7.02 31.31
CA ILE E 39 -27.25 -5.85 31.15
C ILE E 39 -28.11 -4.68 30.73
N SER E 40 -28.18 -3.64 31.57
CA SER E 40 -28.89 -2.43 31.17
C SER E 40 -28.26 -1.78 29.94
N PHE E 41 -27.00 -1.38 30.05
CA PHE E 41 -26.27 -0.78 28.92
C PHE E 41 -24.78 -0.98 29.14
N VAL E 42 -23.98 -0.55 28.15
CA VAL E 42 -22.53 -0.71 28.16
C VAL E 42 -21.86 0.66 28.06
N ILE E 43 -20.78 0.83 28.81
CA ILE E 43 -19.98 2.04 28.78
C ILE E 43 -18.55 1.66 28.46
N CYS E 44 -17.96 2.33 27.47
CA CYS E 44 -16.59 2.06 27.07
C CYS E 44 -15.81 3.35 27.23
N THR E 45 -14.58 3.22 27.70
CA THR E 45 -13.75 4.39 28.01
C THR E 45 -12.80 4.76 26.87
N GLY E 46 -13.01 4.21 25.66
CA GLY E 46 -12.31 4.78 24.53
C GLY E 46 -11.50 3.76 23.76
N ASP E 47 -10.69 4.29 22.83
CA ASP E 47 -10.00 3.53 21.80
C ASP E 47 -10.99 2.66 21.01
N MET E 48 -12.04 3.29 20.48
CA MET E 48 -13.12 2.60 19.79
C MET E 48 -12.81 2.26 18.33
N GLN E 49 -11.99 3.08 17.65
CA GLN E 49 -11.60 2.82 16.26
C GLN E 49 -12.83 2.65 15.37
N THR E 50 -13.67 3.68 15.36
CA THR E 50 -14.91 3.62 14.61
C THR E 50 -14.64 4.08 13.18
N LEU E 51 -13.85 3.26 12.46
CA LEU E 51 -13.52 3.47 11.06
C LEU E 51 -14.65 2.96 10.18
N ARG E 52 -15.31 3.87 9.45
CA ARG E 52 -16.45 3.48 8.61
C ARG E 52 -15.98 2.68 7.41
N TYR E 53 -14.89 3.09 6.81
CA TYR E 53 -14.39 2.45 5.61
C TYR E 53 -12.89 2.77 5.52
N GLU E 54 -12.24 2.18 4.52
CA GLU E 54 -10.79 2.22 4.40
C GLU E 54 -10.23 3.63 4.47
N ALA E 55 -10.89 4.59 3.81
CA ALA E 55 -10.33 5.93 3.81
C ALA E 55 -10.19 6.52 5.21
N ASP E 56 -10.96 6.06 6.19
CA ASP E 56 -10.79 6.64 7.52
C ASP E 56 -9.47 6.22 8.20
N LEU E 57 -8.78 5.20 7.67
CA LEU E 57 -7.52 4.75 8.26
C LEU E 57 -6.54 5.89 8.38
N VAL E 58 -6.65 6.85 7.48
CA VAL E 58 -5.87 8.09 7.47
C VAL E 58 -5.92 8.80 8.82
N TYR E 59 -7.04 8.72 9.52
CA TYR E 59 -7.23 9.46 10.76
C TYR E 59 -6.96 8.64 12.01
N LEU E 60 -6.54 7.38 11.85
CA LEU E 60 -6.22 6.49 12.97
C LEU E 60 -4.73 6.61 13.26
N LYS E 61 -4.40 7.18 14.41
CA LYS E 61 -3.02 7.46 14.79
C LYS E 61 -2.47 6.23 15.53
N VAL E 62 -1.86 5.33 14.77
CA VAL E 62 -1.24 4.12 15.29
C VAL E 62 0.05 3.86 14.53
N PRO E 63 0.93 3.01 15.07
CA PRO E 63 2.09 2.58 14.28
C PRO E 63 1.63 1.70 13.12
N PRO E 64 2.44 1.62 12.04
CA PRO E 64 2.02 0.87 10.84
C PRO E 64 1.41 -0.51 11.07
N LYS E 65 1.95 -1.30 12.02
CA LYS E 65 1.44 -2.64 12.24
C LYS E 65 -0.03 -2.65 12.71
N TYR E 66 -0.55 -1.56 13.25
CA TYR E 66 -1.93 -1.54 13.71
C TYR E 66 -2.85 -0.73 12.78
N LYS E 67 -2.43 -0.46 11.54
CA LYS E 67 -3.28 0.20 10.56
C LYS E 67 -4.25 -0.82 9.97
N GLN E 68 -5.25 -1.18 10.78
CA GLN E 68 -6.24 -2.17 10.42
C GLN E 68 -7.63 -1.61 10.71
N MET E 69 -8.62 -2.18 10.03
CA MET E 69 -9.97 -1.66 10.14
C MET E 69 -10.64 -2.04 11.46
N GLY E 70 -10.32 -3.22 12.00
CA GLY E 70 -11.07 -3.69 13.17
C GLY E 70 -12.47 -4.09 12.73
N ASP E 71 -13.34 -4.28 13.71
CA ASP E 71 -14.69 -4.79 13.46
C ASP E 71 -15.75 -3.71 13.27
N PHE E 72 -15.46 -2.45 13.58
CA PHE E 72 -16.55 -1.47 13.65
C PHE E 72 -17.33 -1.40 12.34
N HIS E 73 -16.63 -1.42 11.21
CA HIS E 73 -17.32 -1.35 9.92
C HIS E 73 -18.31 -2.48 9.72
N LEU E 74 -18.15 -3.61 10.42
CA LEU E 74 -19.17 -4.65 10.34
C LEU E 74 -20.49 -4.18 10.94
N TYR E 75 -20.44 -3.32 11.95
CA TYR E 75 -21.65 -2.77 12.57
C TYR E 75 -22.16 -1.54 11.81
N TYR E 76 -21.24 -0.76 11.23
CA TYR E 76 -21.63 0.38 10.42
C TYR E 76 -22.37 -0.04 9.17
N GLU E 77 -21.90 -1.08 8.48
CA GLU E 77 -22.54 -1.61 7.29
C GLU E 77 -23.84 -2.35 7.60
N GLY E 78 -24.02 -2.84 8.82
CA GLY E 78 -25.21 -3.58 9.18
C GLY E 78 -25.05 -5.09 9.18
N LYS E 79 -23.85 -5.59 8.89
CA LYS E 79 -23.64 -7.03 8.95
C LYS E 79 -23.71 -7.57 10.38
N GLU E 80 -23.26 -6.79 11.37
CA GLU E 80 -23.45 -7.12 12.77
C GLU E 80 -24.33 -6.08 13.43
N LYS E 81 -24.98 -6.47 14.52
CA LYS E 81 -25.87 -5.59 15.25
C LYS E 81 -25.49 -5.63 16.71
N ALA E 82 -25.38 -4.46 17.35
CA ALA E 82 -24.90 -4.44 18.72
C ALA E 82 -26.01 -4.84 19.68
N PRO E 83 -25.81 -5.86 20.52
CA PRO E 83 -26.90 -6.35 21.36
C PRO E 83 -27.26 -5.42 22.51
N TYR E 84 -26.41 -4.48 22.89
CA TYR E 84 -26.72 -3.57 23.98
C TYR E 84 -26.39 -2.13 23.58
N LEU E 85 -27.13 -1.20 24.17
CA LEU E 85 -26.78 0.19 24.06
C LEU E 85 -25.37 0.41 24.60
N THR E 86 -24.52 1.00 23.79
CA THR E 86 -23.10 1.16 24.10
C THR E 86 -22.76 2.65 24.05
N LEU E 87 -22.47 3.22 25.22
CA LEU E 87 -22.09 4.62 25.33
C LEU E 87 -20.57 4.71 25.42
N PHE E 88 -19.97 5.61 24.65
CA PHE E 88 -18.52 5.63 24.70
C PHE E 88 -17.99 7.05 24.57
N ILE E 89 -16.73 7.20 24.98
CA ILE E 89 -15.95 8.40 24.74
C ILE E 89 -14.79 8.01 23.84
N GLY E 90 -14.11 9.00 23.32
CA GLY E 90 -12.96 8.74 22.49
C GLY E 90 -11.70 8.63 23.32
N GLY E 91 -10.75 7.85 22.82
CA GLY E 91 -9.46 7.77 23.43
C GLY E 91 -8.38 8.31 22.52
N ASN E 92 -7.24 7.63 22.43
CA ASN E 92 -6.17 8.08 21.55
C ASN E 92 -6.05 7.28 20.25
N HIS E 93 -6.75 6.15 20.10
CA HIS E 93 -6.82 5.35 18.88
C HIS E 93 -8.25 5.38 18.34
N GLU E 94 -8.52 6.37 17.50
CA GLU E 94 -9.88 6.67 17.08
C GLU E 94 -9.88 7.04 15.62
N SER E 95 -11.02 6.86 14.96
CA SER E 95 -11.26 7.53 13.69
C SER E 95 -11.57 8.99 14.01
N SER E 96 -10.50 9.77 14.19
CA SER E 96 -10.65 11.09 14.80
C SER E 96 -11.51 12.03 13.96
N ASN E 97 -11.55 11.84 12.64
CA ASN E 97 -12.44 12.64 11.81
C ASN E 97 -13.91 12.40 12.15
N VAL E 98 -14.28 11.13 12.37
CA VAL E 98 -15.66 10.80 12.76
C VAL E 98 -16.02 11.52 14.04
N LEU E 99 -15.15 11.40 15.06
CA LEU E 99 -15.46 11.99 16.36
C LEU E 99 -15.56 13.50 16.30
N LEU E 100 -14.76 14.16 15.44
CA LEU E 100 -14.90 15.61 15.30
C LEU E 100 -16.24 16.01 14.68
N HIS E 101 -16.68 15.29 13.64
CA HIS E 101 -18.01 15.57 13.09
C HIS E 101 -19.06 15.49 14.18
N LEU E 102 -18.88 14.53 15.07
CA LEU E 102 -19.80 14.28 16.17
C LEU E 102 -19.30 14.87 17.48
N TYR E 103 -18.64 16.04 17.44
CA TYR E 103 -18.10 16.60 18.68
C TYR E 103 -19.21 16.93 19.69
N ASN E 104 -20.44 17.12 19.22
CA ASN E 104 -21.60 17.31 20.10
C ASN E 104 -22.34 16.01 20.38
N GLY E 105 -21.70 14.86 20.17
CA GLY E 105 -22.33 13.60 20.45
C GLY E 105 -23.13 13.07 19.26
N GLY E 106 -23.33 11.75 19.26
CA GLY E 106 -24.08 11.16 18.17
C GLY E 106 -23.91 9.66 18.12
N PHE E 107 -24.88 9.02 17.50
CA PHE E 107 -24.79 7.60 17.19
C PHE E 107 -23.84 7.41 16.02
N VAL E 108 -22.85 6.53 16.17
CA VAL E 108 -22.04 6.14 15.02
C VAL E 108 -22.68 4.97 14.29
N CYS E 109 -23.59 4.23 14.92
CA CYS E 109 -24.39 3.19 14.28
C CYS E 109 -25.41 2.74 15.31
N PHE E 110 -26.24 1.77 14.93
CA PHE E 110 -27.28 1.29 15.84
C PHE E 110 -26.70 0.87 17.18
N ASN E 111 -27.22 1.44 18.25
CA ASN E 111 -26.87 1.11 19.64
C ASN E 111 -25.45 1.53 20.05
N MET E 112 -24.76 2.36 19.28
CA MET E 112 -23.44 2.85 19.71
C MET E 112 -23.45 4.37 19.67
N TYR E 113 -23.44 5.00 20.85
CA TYR E 113 -23.62 6.42 21.00
C TYR E 113 -22.32 7.02 21.54
N TYR E 114 -21.76 7.95 20.77
CA TYR E 114 -20.56 8.70 21.15
C TYR E 114 -20.97 9.92 21.97
N LEU E 115 -20.36 10.10 23.16
CA LEU E 115 -20.73 11.22 24.03
C LEU E 115 -20.18 12.59 23.56
N GLY E 116 -19.29 12.66 22.57
CA GLY E 116 -18.78 13.96 22.13
C GLY E 116 -17.46 14.29 22.80
N VAL E 117 -16.93 15.48 22.52
CA VAL E 117 -15.67 15.82 23.17
C VAL E 117 -15.88 15.86 24.67
N CYS E 118 -17.05 16.32 25.08
CA CYS E 118 -17.50 16.20 26.46
C CYS E 118 -19.00 16.40 26.42
N SER E 119 -19.69 15.76 27.36
CA SER E 119 -21.10 16.05 27.57
C SER E 119 -21.57 15.32 28.81
N CYS E 120 -22.82 15.57 29.16
CA CYS E 120 -23.56 14.82 30.15
C CYS E 120 -24.83 14.28 29.51
N ILE E 121 -25.17 13.03 29.77
CA ILE E 121 -26.43 12.44 29.32
C ILE E 121 -27.16 11.88 30.53
N ASN E 122 -28.44 11.53 30.33
CA ASN E 122 -29.25 10.90 31.36
C ASN E 122 -29.71 9.53 30.89
N ILE E 123 -29.67 8.56 31.79
CA ILE E 123 -30.25 7.25 31.50
C ILE E 123 -30.49 6.51 32.81
N ASN E 124 -31.69 5.92 32.96
CA ASN E 124 -32.06 5.14 34.15
C ASN E 124 -31.82 5.93 35.43
N GLY E 125 -32.23 7.19 35.43
CA GLY E 125 -32.05 8.06 36.57
C GLY E 125 -30.61 8.45 36.86
N LEU E 126 -29.66 8.08 36.01
CA LEU E 126 -28.25 8.43 36.19
C LEU E 126 -27.85 9.63 35.34
N ARG E 127 -26.91 10.40 35.85
CA ARG E 127 -26.28 11.48 35.09
C ARG E 127 -24.84 11.08 34.81
N ILE E 128 -24.44 11.08 33.53
CA ILE E 128 -23.19 10.47 33.11
C ILE E 128 -22.41 11.47 32.29
N VAL E 129 -21.20 11.81 32.76
CA VAL E 129 -20.30 12.77 32.12
C VAL E 129 -19.19 12.00 31.42
N GLY E 130 -18.83 12.44 30.22
CA GLY E 130 -17.69 11.89 29.51
C GLY E 130 -16.74 12.97 29.08
N VAL E 131 -15.44 12.66 29.15
CA VAL E 131 -14.35 13.52 28.68
C VAL E 131 -13.51 12.70 27.71
N SER E 132 -13.50 13.07 26.44
CA SER E 132 -12.74 12.30 25.46
C SER E 132 -11.27 12.73 25.44
N GLY E 133 -10.45 11.85 24.87
CA GLY E 133 -9.07 12.15 24.53
C GLY E 133 -8.06 11.81 25.61
N ILE E 134 -6.79 12.11 25.31
CA ILE E 134 -5.72 12.01 26.29
C ILE E 134 -5.00 13.36 26.38
N TYR E 135 -4.29 13.55 27.48
CA TYR E 135 -3.71 14.86 27.78
C TYR E 135 -2.31 15.02 27.19
N LYS E 136 -2.10 16.11 26.45
CA LYS E 136 -0.76 16.57 26.07
C LYS E 136 -0.73 18.08 26.28
N SER E 137 0.20 18.55 27.11
CA SER E 137 0.23 19.97 27.46
C SER E 137 0.35 20.85 26.23
N PHE E 138 1.01 20.38 25.17
CA PHE E 138 1.27 21.27 24.04
C PHE E 138 0.09 21.41 23.09
N ASP E 139 -0.97 20.65 23.26
CA ASP E 139 -2.17 20.80 22.44
C ASP E 139 -3.38 21.27 23.25
N GLU E 140 -3.25 21.40 24.56
CA GLU E 140 -4.44 21.64 25.37
C GLU E 140 -5.08 23.00 25.14
N LYS E 141 -4.40 23.95 24.50
CA LYS E 141 -5.02 25.22 24.13
C LYS E 141 -5.32 25.33 22.64
N LYS E 142 -5.07 24.27 21.85
CA LYS E 142 -5.36 24.38 20.43
C LYS E 142 -6.86 24.33 20.16
N PRO E 143 -7.35 25.08 19.18
CA PRO E 143 -8.74 24.94 18.78
C PRO E 143 -8.89 23.72 17.86
N TYR E 144 -10.14 23.32 17.66
CA TYR E 144 -10.44 22.36 16.62
C TYR E 144 -10.69 23.12 15.33
N THR E 145 -10.13 22.64 14.23
CA THR E 145 -10.38 23.20 12.92
C THR E 145 -11.18 22.21 12.10
N TYR E 146 -12.10 22.73 11.28
CA TYR E 146 -13.11 21.94 10.62
C TYR E 146 -13.30 22.46 9.20
N PRO E 147 -13.39 21.59 8.18
CA PRO E 147 -13.42 20.11 8.20
C PRO E 147 -12.11 19.45 8.62
N PRO E 148 -12.19 18.22 9.10
CA PRO E 148 -10.96 17.51 9.52
C PRO E 148 -9.98 17.40 8.36
N SER E 149 -8.70 17.55 8.71
CA SER E 149 -7.64 17.43 7.73
C SER E 149 -6.69 16.32 8.14
N PRO E 150 -6.12 15.57 7.18
CA PRO E 150 -5.19 14.49 7.54
C PRO E 150 -3.95 14.95 8.29
N ASN E 151 -3.56 16.23 8.18
CA ASN E 151 -2.47 16.77 8.98
C ASN E 151 -2.81 16.78 10.47
N ASP E 152 -4.09 16.68 10.84
CA ASP E 152 -4.53 16.76 12.23
C ASP E 152 -4.61 15.40 12.92
N VAL E 153 -4.16 14.31 12.28
CA VAL E 153 -4.30 12.97 12.86
C VAL E 153 -3.59 12.92 14.21
N VAL E 154 -2.51 13.69 14.38
CA VAL E 154 -1.67 13.60 15.57
C VAL E 154 -2.16 14.50 16.70
N SER E 155 -3.20 15.31 16.47
CA SER E 155 -3.64 16.26 17.48
C SER E 155 -5.13 16.19 17.80
N LEU E 156 -5.96 15.60 16.95
CA LEU E 156 -7.41 15.67 17.15
C LEU E 156 -7.87 15.02 18.45
N PHE E 157 -7.16 14.00 18.95
CA PHE E 157 -7.59 13.30 20.16
C PHE E 157 -6.94 13.86 21.43
N HIS E 158 -6.27 15.00 21.36
CA HIS E 158 -5.66 15.58 22.54
C HIS E 158 -6.73 16.38 23.28
N THR E 159 -6.94 16.08 24.56
CA THR E 159 -7.99 16.76 25.32
C THR E 159 -7.67 18.24 25.44
N ARG E 160 -8.69 19.08 25.22
CA ARG E 160 -8.53 20.53 25.30
C ARG E 160 -8.89 21.02 26.68
N ASN E 161 -8.17 22.05 27.12
CA ASN E 161 -8.40 22.63 28.45
C ASN E 161 -9.82 23.14 28.62
N TYR E 162 -10.43 23.65 27.55
CA TYR E 162 -11.71 24.35 27.70
C TYR E 162 -12.82 23.43 28.21
N VAL E 163 -12.68 22.10 28.09
CA VAL E 163 -13.77 21.25 28.59
C VAL E 163 -13.98 21.46 30.08
N ILE E 164 -12.96 21.92 30.81
CA ILE E 164 -13.13 22.14 32.25
C ILE E 164 -14.25 23.13 32.50
N GLN E 165 -14.22 24.27 31.80
CA GLN E 165 -15.26 25.30 31.97
C GLN E 165 -16.60 24.88 31.38
N MET E 166 -16.59 24.05 30.32
CA MET E 166 -17.85 23.52 29.78
C MET E 166 -18.60 22.72 30.84
N LEU E 167 -17.85 21.92 31.62
CA LEU E 167 -18.46 20.95 32.52
C LEU E 167 -18.55 21.39 33.97
N SER E 168 -17.87 22.47 34.37
CA SER E 168 -17.62 22.67 35.79
C SER E 168 -18.87 23.01 36.60
N ASN E 169 -19.96 23.51 35.98
CA ASN E 169 -21.18 23.84 36.72
C ASN E 169 -22.18 22.68 36.81
N LEU E 170 -21.87 21.49 36.30
CA LEU E 170 -22.92 20.48 36.06
C LEU E 170 -23.44 19.81 37.33
N SER E 171 -22.75 19.94 38.46
CA SER E 171 -23.14 19.23 39.66
C SER E 171 -23.95 20.10 40.64
N GLN E 172 -24.21 21.35 40.29
CA GLN E 172 -24.89 22.26 41.20
C GLN E 172 -26.34 21.85 41.43
N SER E 173 -27.02 21.34 40.40
CA SER E 173 -28.41 20.94 40.54
C SER E 173 -28.51 19.55 41.15
N SER E 174 -27.82 18.57 40.56
CA SER E 174 -27.76 17.23 41.11
C SER E 174 -26.31 16.76 40.99
N GLN E 175 -25.98 15.70 41.70
CA GLN E 175 -24.64 15.20 41.57
C GLN E 175 -24.50 14.41 40.27
N ILE E 176 -23.26 14.20 39.84
CA ILE E 176 -22.97 13.36 38.70
C ILE E 176 -22.76 11.94 39.20
N ASP E 177 -23.48 10.99 38.62
CA ASP E 177 -23.31 9.62 39.07
C ASP E 177 -22.02 9.00 38.55
N ILE E 178 -21.79 9.11 37.24
CA ILE E 178 -20.65 8.46 36.60
C ILE E 178 -19.94 9.46 35.72
N SER E 179 -18.62 9.51 35.83
CA SER E 179 -17.80 10.27 34.91
C SER E 179 -16.83 9.32 34.23
N LEU E 180 -16.63 9.52 32.93
CA LEU E 180 -15.78 8.67 32.09
C LEU E 180 -14.67 9.49 31.47
N SER E 181 -13.48 8.91 31.46
CA SER E 181 -12.35 9.51 30.76
C SER E 181 -11.49 8.37 30.26
N HIS E 182 -10.66 8.65 29.25
CA HIS E 182 -9.79 7.61 28.73
C HIS E 182 -8.53 7.50 29.57
N ASP E 183 -7.77 8.57 29.68
CA ASP E 183 -6.63 8.44 30.58
C ASP E 183 -7.01 8.81 32.01
N TRP E 184 -6.18 8.37 32.94
CA TRP E 184 -6.46 8.50 34.37
C TRP E 184 -6.39 9.96 34.82
N PRO E 185 -7.25 10.35 35.75
CA PRO E 185 -7.07 11.65 36.43
C PRO E 185 -5.69 11.72 37.08
N GLN E 186 -4.99 12.82 36.84
CA GLN E 186 -3.61 12.90 37.31
C GLN E 186 -3.58 12.80 38.82
N GLY E 187 -2.68 11.96 39.33
CA GLY E 187 -2.49 11.79 40.76
C GLY E 187 -3.29 10.66 41.37
N ILE E 188 -4.34 10.18 40.69
CA ILE E 188 -5.20 9.15 41.28
C ILE E 188 -4.45 7.87 41.57
N VAL E 189 -3.28 7.68 40.97
CA VAL E 189 -2.54 6.44 41.21
C VAL E 189 -2.11 6.35 42.68
N MET E 190 -1.68 7.46 43.27
CA MET E 190 -1.19 7.43 44.64
C MET E 190 -2.28 7.26 45.68
N LYS E 191 -3.57 7.35 45.30
CA LYS E 191 -4.67 7.17 46.24
C LYS E 191 -5.22 5.76 46.21
N GLY E 192 -4.43 4.81 45.72
CA GLY E 192 -4.80 3.40 45.80
C GLY E 192 -3.60 2.58 46.25
N ASN E 193 -3.65 1.26 46.05
CA ASN E 193 -2.55 0.37 46.42
C ASN E 193 -1.45 0.48 45.36
N TYR E 194 -0.73 1.59 45.40
CA TYR E 194 0.20 1.88 44.31
C TYR E 194 1.41 0.98 44.32
N LYS E 195 1.74 0.36 45.47
CA LYS E 195 2.88 -0.56 45.49
C LYS E 195 2.55 -1.87 44.78
N GLN E 196 1.32 -2.35 44.93
CA GLN E 196 0.88 -3.53 44.19
C GLN E 196 0.85 -3.24 42.68
N LEU E 197 0.41 -2.04 42.30
CA LEU E 197 0.40 -1.67 40.88
C LEU E 197 1.80 -1.69 40.30
N TYR E 198 2.76 -1.08 41.00
CA TYR E 198 4.13 -1.04 40.51
C TYR E 198 4.72 -2.45 40.40
N ARG E 199 4.37 -3.35 41.30
CA ARG E 199 4.84 -4.73 41.17
C ARG E 199 4.30 -5.39 39.91
N PHE E 200 3.03 -5.14 39.58
CA PHE E 200 2.48 -5.71 38.36
C PHE E 200 2.83 -4.90 37.11
N GLN E 201 3.37 -3.69 37.26
CA GLN E 201 3.59 -2.77 36.14
C GLN E 201 4.77 -1.88 36.47
N PRO E 202 5.99 -2.39 36.35
CA PRO E 202 7.15 -1.57 36.75
C PRO E 202 7.27 -0.27 35.98
N GLY E 203 6.66 -0.18 34.79
CA GLY E 203 6.73 1.03 34.00
C GLY E 203 6.08 2.25 34.62
N PHE E 204 5.15 2.07 35.57
CA PHE E 204 4.39 3.21 36.05
C PHE E 204 5.15 4.04 37.09
N LYS E 205 6.04 3.41 37.86
CA LYS E 205 6.62 4.07 39.02
C LYS E 205 7.54 5.23 38.65
N LYS E 206 8.06 5.25 37.42
CA LYS E 206 8.90 6.35 36.99
C LYS E 206 8.12 7.67 36.95
N ASP E 207 6.97 7.69 36.26
CA ASP E 207 6.13 8.89 36.25
C ASP E 207 5.48 9.16 37.60
N GLY E 208 5.34 8.12 38.43
CA GLY E 208 4.93 8.31 39.81
C GLY E 208 3.57 8.98 39.93
N ALA E 209 3.54 10.07 40.69
CA ALA E 209 2.31 10.77 40.98
C ALA E 209 1.89 11.74 39.87
N SER E 210 2.75 11.97 38.88
CA SER E 210 2.41 12.83 37.76
C SER E 210 1.64 12.08 36.66
N LEU E 211 1.44 10.78 36.82
CA LEU E 211 0.76 9.99 35.81
C LEU E 211 -0.68 10.48 35.64
N GLY E 212 -1.07 10.69 34.40
CA GLY E 212 -2.45 10.97 34.07
C GLY E 212 -2.67 12.41 33.63
N SER E 213 -3.95 12.75 33.52
CA SER E 213 -4.35 14.01 32.92
C SER E 213 -4.64 15.04 34.00
N PRO E 214 -3.97 16.20 34.00
CA PRO E 214 -4.39 17.28 34.91
C PRO E 214 -5.77 17.82 34.59
N ILE E 215 -6.23 17.69 33.34
CA ILE E 215 -7.57 18.14 32.99
C ILE E 215 -8.61 17.28 33.68
N ASN E 216 -8.41 15.94 33.62
CA ASN E 216 -9.34 15.03 34.28
C ASN E 216 -9.30 15.17 35.80
N LYS E 217 -8.14 15.49 36.37
CA LYS E 217 -8.08 15.66 37.82
C LYS E 217 -8.91 16.86 38.26
N VAL E 218 -8.82 17.97 37.52
CA VAL E 218 -9.60 19.15 37.88
C VAL E 218 -11.09 18.87 37.76
N ILE E 219 -11.50 18.17 36.70
CA ILE E 219 -12.91 17.83 36.52
C ILE E 219 -13.36 16.89 37.64
N LEU E 220 -12.52 15.92 37.99
CA LEU E 220 -12.87 15.05 39.11
C LEU E 220 -13.03 15.85 40.41
N ASN E 221 -12.21 16.89 40.62
CA ASN E 221 -12.29 17.70 41.82
C ASN E 221 -13.46 18.68 41.78
N THR E 222 -13.85 19.15 40.60
CA THR E 222 -14.96 20.09 40.52
C THR E 222 -16.30 19.38 40.67
N LEU E 223 -16.45 18.19 40.09
CA LEU E 223 -17.75 17.51 40.06
C LEU E 223 -17.92 16.45 41.13
N LYS E 224 -16.81 15.95 41.69
CA LYS E 224 -16.80 14.85 42.65
C LYS E 224 -17.88 13.81 42.32
N PRO E 225 -17.80 13.19 41.14
CA PRO E 225 -18.82 12.20 40.79
C PRO E 225 -18.76 11.02 41.73
N LYS E 226 -19.84 10.24 41.72
CA LYS E 226 -19.86 9.00 42.50
C LYS E 226 -18.79 8.04 41.99
N TYR E 227 -18.68 7.91 40.67
CA TYR E 227 -17.73 7.02 40.05
C TYR E 227 -16.95 7.77 38.97
N TRP E 228 -15.67 7.44 38.85
CA TRP E 228 -14.85 7.87 37.72
C TRP E 228 -14.22 6.63 37.13
N ILE E 229 -14.49 6.38 35.84
CA ILE E 229 -14.08 5.18 35.15
C ILE E 229 -13.08 5.57 34.07
N SER E 230 -11.94 4.89 34.02
CA SER E 230 -10.93 5.19 33.03
C SER E 230 -10.36 3.92 32.44
N GLY E 231 -9.66 4.08 31.32
CA GLY E 231 -8.99 2.96 30.69
C GLY E 231 -7.56 3.30 30.37
N HIS E 232 -7.16 2.99 29.13
CA HIS E 232 -5.94 3.45 28.49
C HIS E 232 -4.66 2.82 29.03
N MET E 233 -4.64 2.36 30.27
CA MET E 233 -3.38 1.87 30.83
C MET E 233 -3.27 0.36 30.76
N HIS E 234 -4.31 -0.31 30.27
CA HIS E 234 -4.30 -1.75 30.04
C HIS E 234 -4.06 -2.53 31.33
N CYS E 235 -4.72 -2.10 32.41
CA CYS E 235 -4.62 -2.79 33.69
C CYS E 235 -5.76 -2.34 34.60
N GLU E 236 -6.11 -3.22 35.54
CA GLU E 236 -7.08 -2.89 36.57
C GLU E 236 -6.46 -2.10 37.70
N TYR E 237 -7.29 -1.30 38.35
CA TYR E 237 -6.91 -0.49 39.50
C TYR E 237 -8.14 0.14 40.08
N HIS E 238 -8.11 0.41 41.38
CA HIS E 238 -9.16 1.17 42.01
C HIS E 238 -8.55 2.09 43.05
N ALA E 239 -9.29 3.15 43.38
CA ALA E 239 -8.80 4.18 44.28
C ALA E 239 -10.00 5.01 44.70
N GLU E 240 -9.80 5.81 45.76
CA GLU E 240 -10.83 6.68 46.29
C GLU E 240 -10.27 8.08 46.43
N GLU E 241 -11.05 9.07 45.99
CA GLU E 241 -10.63 10.48 46.01
C GLU E 241 -11.80 11.30 46.56
N GLY E 242 -11.80 11.53 47.87
CA GLY E 242 -12.97 12.03 48.53
C GLY E 242 -14.13 11.06 48.36
N PRO E 243 -15.31 11.57 47.97
CA PRO E 243 -16.45 10.67 47.72
C PRO E 243 -16.36 9.89 46.42
N THR E 244 -15.37 10.16 45.57
CA THR E 244 -15.34 9.58 44.23
C THR E 244 -14.64 8.23 44.24
N HIS E 245 -15.34 7.22 43.73
CA HIS E 245 -14.77 5.89 43.54
C HIS E 245 -14.14 5.82 42.14
N PHE E 246 -12.83 5.61 42.07
CA PHE E 246 -12.12 5.52 40.81
C PHE E 246 -11.91 4.07 40.40
N ILE E 247 -12.32 3.73 39.17
CA ILE E 247 -12.11 2.40 38.61
C ILE E 247 -11.40 2.54 37.27
N ALA E 248 -10.30 1.80 37.09
CA ALA E 248 -9.61 1.70 35.81
C ALA E 248 -9.71 0.28 35.29
N LEU E 249 -9.88 0.17 33.96
CA LEU E 249 -10.09 -1.10 33.27
C LEU E 249 -9.00 -1.34 32.23
N GLY E 250 -8.76 -2.61 31.93
CA GLY E 250 -7.83 -3.02 30.89
C GLY E 250 -8.48 -3.08 29.52
N LYS E 251 -7.84 -3.81 28.62
CA LYS E 251 -8.24 -3.83 27.22
C LYS E 251 -8.84 -5.18 26.83
N ILE E 252 -9.79 -5.12 25.88
CA ILE E 252 -10.51 -6.31 25.44
C ILE E 252 -9.52 -7.33 24.93
N GLY E 253 -9.72 -8.59 25.30
CA GLY E 253 -8.79 -9.66 25.00
C GLY E 253 -8.06 -10.21 26.21
N TYR E 254 -8.10 -9.48 27.33
CA TYR E 254 -7.60 -9.96 28.61
C TYR E 254 -8.72 -9.82 29.63
N LYS E 255 -8.71 -10.70 30.63
CA LYS E 255 -9.89 -10.83 31.48
C LYS E 255 -10.22 -9.56 32.25
N ASN E 256 -9.21 -8.71 32.51
CA ASN E 256 -9.41 -7.53 33.33
C ASN E 256 -10.04 -6.35 32.55
N ALA E 257 -10.61 -6.61 31.37
CA ALA E 257 -11.18 -5.58 30.51
C ALA E 257 -12.61 -5.20 30.86
N ILE E 258 -13.43 -6.16 31.30
CA ILE E 258 -14.86 -5.94 31.53
C ILE E 258 -15.15 -6.22 33.00
N SER E 259 -15.64 -5.21 33.69
CA SER E 259 -16.18 -5.33 35.03
C SER E 259 -17.61 -4.86 34.99
N TYR E 260 -18.32 -5.00 36.10
CA TYR E 260 -19.73 -4.65 36.13
C TYR E 260 -20.04 -3.76 37.33
N LEU E 261 -21.01 -2.88 37.13
CA LEU E 261 -21.50 -1.98 38.15
C LEU E 261 -22.93 -2.37 38.48
N ASP E 262 -23.19 -2.64 39.76
CA ASP E 262 -24.52 -3.03 40.25
C ASP E 262 -25.06 -1.86 41.04
N LEU E 263 -26.07 -1.18 40.49
CA LEU E 263 -26.51 0.10 40.98
C LEU E 263 -28.02 0.14 41.09
N PRO E 264 -28.56 0.97 41.99
CA PRO E 264 -30.02 1.09 42.09
C PRO E 264 -30.64 1.67 40.83
N LEU E 265 -31.75 1.08 40.40
CA LEU E 265 -32.52 1.57 39.25
C LEU E 265 -33.81 2.19 39.78
N LYS E 266 -33.84 3.52 39.83
CA LYS E 266 -35.03 4.21 40.32
C LYS E 266 -36.19 4.05 39.34
N GLN E 267 -35.97 4.36 38.08
CA GLN E 267 -37.00 4.22 37.05
C GLN E 267 -36.32 4.01 35.71
N LYS E 268 -36.63 2.90 35.05
CA LYS E 268 -36.03 2.62 33.75
C LYS E 268 -36.37 3.75 32.80
N THR E 269 -35.35 4.31 32.15
CA THR E 269 -35.54 5.46 31.28
C THR E 269 -34.65 5.32 30.05
N ASP E 270 -35.13 5.84 28.93
CA ASP E 270 -34.33 5.85 27.72
C ASP E 270 -33.25 6.91 27.79
N LEU E 271 -32.17 6.66 27.05
CA LEU E 271 -31.11 7.63 26.90
C LEU E 271 -31.68 9.00 26.55
N GLU E 272 -31.34 10.00 27.34
CA GLU E 272 -31.86 11.35 27.16
C GLU E 272 -30.73 12.35 27.28
N TYR E 273 -30.92 13.50 26.65
CA TYR E 273 -30.01 14.63 26.83
C TYR E 273 -30.15 15.21 28.22
N ASP E 274 -29.04 15.64 28.79
CA ASP E 274 -29.05 16.25 30.12
C ASP E 274 -29.41 17.73 30.00
N LYS E 275 -30.34 18.15 30.85
CA LYS E 275 -30.89 19.50 30.72
C LYS E 275 -29.82 20.55 31.06
N ASP E 276 -29.05 20.32 32.11
CA ASP E 276 -28.00 21.28 32.43
C ASP E 276 -26.97 21.35 31.32
N TRP E 277 -26.62 20.20 30.73
CA TRP E 277 -25.68 20.21 29.61
C TRP E 277 -26.24 20.98 28.43
N VAL E 278 -27.53 20.75 28.12
CA VAL E 278 -28.15 21.43 26.98
C VAL E 278 -28.11 22.94 27.18
N CYS E 279 -28.37 23.41 28.40
CA CYS E 279 -28.28 24.84 28.67
C CYS E 279 -26.86 25.37 28.46
N ASN E 280 -25.84 24.63 28.92
CA ASN E 280 -24.46 25.04 28.66
C ASN E 280 -24.15 25.05 27.18
N LEU E 281 -24.69 24.06 26.45
CA LEU E 281 -24.44 24.00 25.02
C LEU E 281 -24.99 25.23 24.32
N ILE E 282 -26.22 25.63 24.67
CA ILE E 282 -26.80 26.79 24.01
C ILE E 282 -26.06 28.07 24.43
N MET E 283 -25.88 28.23 25.73
CA MET E 283 -25.31 29.48 26.23
C MET E 283 -23.92 29.73 25.66
N THR E 284 -23.14 28.67 25.38
CA THR E 284 -21.78 28.88 24.90
C THR E 284 -21.69 28.98 23.39
N TRP E 285 -22.83 29.07 22.69
CA TRP E 285 -22.80 29.07 21.22
C TRP E 285 -21.88 30.13 20.60
N PRO E 286 -21.81 31.38 21.11
CA PRO E 286 -20.94 32.36 20.44
C PRO E 286 -19.49 31.96 20.39
N ALA E 287 -19.00 31.22 21.40
CA ALA E 287 -17.64 30.71 21.31
C ALA E 287 -17.51 29.68 20.19
N PHE E 288 -18.59 28.99 19.84
CA PHE E 288 -18.54 27.94 18.85
C PHE E 288 -19.07 28.37 17.49
N SER E 289 -19.42 29.65 17.32
CA SER E 289 -20.18 30.09 16.14
C SER E 289 -19.38 29.99 14.85
N ASN E 290 -18.05 29.98 14.92
CA ASN E 290 -17.22 29.86 13.72
C ASN E 290 -16.98 28.37 13.46
N LYS E 291 -17.60 27.83 12.39
CA LYS E 291 -17.52 26.40 12.16
C LYS E 291 -16.13 25.93 11.70
N ALA E 292 -15.30 26.85 11.19
CA ALA E 292 -13.97 26.51 10.72
C ALA E 292 -12.94 26.42 11.84
N GLN E 293 -13.25 26.94 13.02
CA GLN E 293 -12.30 26.92 14.12
C GLN E 293 -13.06 27.19 15.40
N PHE E 294 -13.05 26.24 16.33
CA PHE E 294 -13.83 26.41 17.54
C PHE E 294 -13.15 25.64 18.66
N PRO E 295 -13.36 26.05 19.90
CA PRO E 295 -14.05 27.27 20.31
C PRO E 295 -13.20 28.51 20.03
N ASP E 296 -13.82 29.68 19.90
CA ASP E 296 -13.11 30.95 19.92
C ASP E 296 -12.90 31.34 21.38
N LEU E 297 -11.69 31.20 21.87
CA LEU E 297 -11.44 31.48 23.27
C LEU E 297 -11.12 32.95 23.53
N SER E 298 -11.34 33.83 22.55
CA SER E 298 -11.47 35.25 22.87
C SER E 298 -12.67 35.49 23.78
N TYR E 299 -13.72 34.69 23.63
CA TYR E 299 -14.75 34.63 24.66
C TYR E 299 -14.21 33.87 25.86
N SER E 300 -14.77 34.15 27.01
CA SER E 300 -14.56 33.32 28.18
C SER E 300 -15.76 32.40 28.34
N ILE E 301 -15.51 31.09 28.40
CA ILE E 301 -16.59 30.13 28.56
C ILE E 301 -17.32 30.37 29.88
N SER E 302 -16.57 30.68 30.94
CA SER E 302 -17.21 30.91 32.23
C SER E 302 -18.09 32.15 32.19
N GLU E 303 -17.64 33.18 31.48
CA GLU E 303 -18.44 34.39 31.29
C GLU E 303 -19.75 34.07 30.57
N LEU E 304 -19.66 33.42 29.40
CA LEU E 304 -20.87 33.05 28.66
C LEU E 304 -21.81 32.22 29.51
N LEU E 305 -21.26 31.30 30.29
CA LEU E 305 -22.08 30.43 31.14
C LEU E 305 -22.64 31.12 32.36
N SER E 306 -22.10 32.28 32.75
CA SER E 306 -22.62 32.97 33.92
C SER E 306 -23.99 33.57 33.66
N LYS E 307 -24.38 33.73 32.38
CA LYS E 307 -25.66 34.30 31.98
C LYS E 307 -26.83 33.33 32.13
N ARG E 308 -26.62 32.14 32.71
CA ARG E 308 -27.69 31.16 32.83
C ARG E 308 -28.67 31.58 33.93
N THR E 309 -29.91 31.86 33.55
CA THR E 309 -31.00 32.14 34.47
C THR E 309 -32.02 31.01 34.38
N LYS E 310 -32.89 30.89 35.39
CA LYS E 310 -33.88 29.81 35.34
C LYS E 310 -34.91 30.02 34.24
N GLU E 311 -35.19 31.28 33.88
CA GLU E 311 -36.15 31.52 32.82
C GLU E 311 -35.53 31.30 31.45
N LEU E 312 -34.23 31.51 31.30
CA LEU E 312 -33.57 31.04 30.07
C LEU E 312 -33.45 29.53 30.07
N ASP E 313 -33.11 28.93 31.21
CA ASP E 313 -32.92 27.48 31.27
C ASP E 313 -34.15 26.73 30.80
N LYS E 314 -35.29 26.96 31.45
CA LYS E 314 -36.49 26.23 31.07
C LYS E 314 -36.98 26.61 29.67
N LYS E 315 -36.68 27.82 29.19
CA LYS E 315 -37.03 28.14 27.80
C LYS E 315 -36.11 27.42 26.82
N ILE E 316 -34.81 27.32 27.14
CA ILE E 316 -33.88 26.52 26.34
C ILE E 316 -34.38 25.09 26.21
N ILE E 317 -34.80 24.50 27.34
CA ILE E 317 -35.25 23.12 27.30
C ILE E 317 -36.48 23.00 26.39
N GLU E 318 -37.38 23.99 26.45
CA GLU E 318 -38.60 23.89 25.65
C GLU E 318 -38.33 24.05 24.16
N LEU E 319 -37.43 24.94 23.76
CA LEU E 319 -37.10 24.99 22.34
C LEU E 319 -36.33 23.74 21.92
N TRP E 320 -35.53 23.16 22.81
CA TRP E 320 -34.79 21.96 22.48
C TRP E 320 -35.74 20.78 22.26
N GLU E 321 -36.68 20.56 23.19
CA GLU E 321 -37.69 19.51 22.97
C GLU E 321 -38.42 19.73 21.66
N LYS E 322 -38.74 20.98 21.35
CA LYS E 322 -39.39 21.28 20.08
C LYS E 322 -38.54 20.83 18.91
N TYR E 323 -37.28 21.25 18.87
CA TYR E 323 -36.51 21.05 17.64
C TYR E 323 -35.80 19.71 17.60
N ILE E 324 -35.45 19.14 18.74
CA ILE E 324 -34.56 17.98 18.76
C ILE E 324 -35.23 16.87 19.54
N GLY E 325 -35.79 17.21 20.67
CA GLY E 325 -36.40 16.24 21.56
C GLY E 325 -35.48 15.89 22.71
N LEU E 326 -36.08 15.51 23.83
CA LEU E 326 -35.25 15.20 24.99
C LEU E 326 -34.67 13.80 24.93
N LYS E 327 -35.24 12.91 24.11
CA LYS E 327 -34.72 11.56 23.96
C LYS E 327 -33.67 11.54 22.86
N ILE E 328 -32.59 10.80 23.08
CA ILE E 328 -31.52 10.70 22.09
C ILE E 328 -31.89 9.54 21.16
N ILE E 329 -32.17 9.84 19.90
CA ILE E 329 -32.74 8.87 18.97
C ILE E 329 -31.77 8.65 17.83
N TYR E 330 -31.68 7.41 17.37
CA TYR E 330 -30.83 7.08 16.24
C TYR E 330 -31.24 7.87 15.01
N ASP E 331 -30.25 8.46 14.37
CA ASP E 331 -30.38 9.13 13.09
C ASP E 331 -29.25 8.60 12.21
N SER E 332 -29.54 8.33 10.94
CA SER E 332 -28.57 7.71 10.05
C SER E 332 -28.04 8.67 9.01
N ASP E 333 -28.30 9.96 9.12
CA ASP E 333 -27.64 10.94 8.26
C ASP E 333 -26.13 10.82 8.38
N THR E 334 -25.40 11.18 7.31
CA THR E 334 -23.95 11.13 7.40
C THR E 334 -23.43 12.09 8.47
N PHE E 335 -22.19 11.87 8.90
CA PHE E 335 -21.73 12.58 10.10
C PHE E 335 -21.48 14.04 9.82
N ASP E 336 -21.04 14.38 8.60
CA ASP E 336 -20.89 15.79 8.24
C ASP E 336 -22.23 16.54 8.27
N ILE E 337 -23.34 15.84 8.01
CA ILE E 337 -24.66 16.48 8.04
C ILE E 337 -25.17 16.59 9.46
N GLN E 338 -24.90 15.57 10.29
CA GLN E 338 -25.22 15.65 11.71
C GLN E 338 -24.48 16.80 12.39
N PHE E 339 -23.23 17.04 11.98
CA PHE E 339 -22.50 18.20 12.49
C PHE E 339 -23.27 19.49 12.22
N THR E 340 -23.69 19.68 10.97
CA THR E 340 -24.34 20.92 10.56
C THR E 340 -25.72 21.07 11.20
N SER E 341 -26.48 19.96 11.32
CA SER E 341 -27.85 20.07 11.82
C SER E 341 -27.86 20.43 13.30
N ARG E 342 -27.06 19.73 14.11
CA ARG E 342 -27.03 19.97 15.54
C ARG E 342 -26.58 21.41 15.83
N ARG E 343 -25.58 21.89 15.10
CA ARG E 343 -25.16 23.27 15.30
C ARG E 343 -26.25 24.23 14.85
N PHE E 344 -26.97 23.90 13.77
CA PHE E 344 -28.02 24.77 13.30
C PHE E 344 -29.06 25.02 14.38
N TYR E 345 -29.48 23.95 15.08
CA TYR E 345 -30.49 24.12 16.12
C TYR E 345 -29.93 24.82 17.34
N ILE E 346 -28.67 24.58 17.68
CA ILE E 346 -28.07 25.29 18.80
C ILE E 346 -28.08 26.79 18.52
N GLU E 347 -27.65 27.16 17.31
CA GLU E 347 -27.67 28.56 16.91
C GLU E 347 -29.08 29.11 16.80
N LYS E 348 -30.02 28.29 16.31
CA LYS E 348 -31.41 28.74 16.22
C LYS E 348 -31.97 29.03 17.60
N ILE E 349 -31.75 28.12 18.54
CA ILE E 349 -32.26 28.33 19.89
C ILE E 349 -31.57 29.52 20.55
N TYR E 350 -30.27 29.68 20.33
CA TYR E 350 -29.58 30.80 20.98
C TYR E 350 -30.14 32.14 20.52
N ASN E 351 -30.38 32.29 19.21
CA ASN E 351 -30.88 33.56 18.71
C ASN E 351 -32.31 33.83 19.18
N GLU E 352 -33.12 32.79 19.36
CA GLU E 352 -34.48 32.95 19.85
C GLU E 352 -34.54 33.28 21.34
N LEU E 353 -33.40 33.36 22.01
CA LEU E 353 -33.34 33.77 23.39
C LEU E 353 -33.27 35.28 23.55
N ASN E 354 -32.68 35.99 22.58
CA ASN E 354 -32.55 37.44 22.60
C ASN E 354 -31.82 37.92 23.85
N ILE E 355 -30.64 37.33 24.10
CA ILE E 355 -29.81 37.73 25.24
C ILE E 355 -28.55 38.43 24.72
#